data_1TP3
# 
_entry.id   1TP3 
# 
_audit_conform.dict_name       mmcif_pdbx.dic 
_audit_conform.dict_version    5.376 
_audit_conform.dict_location   http://mmcif.pdb.org/dictionaries/ascii/mmcif_pdbx.dic 
# 
loop_
_database_2.database_id 
_database_2.database_code 
_database_2.pdbx_database_accession 
_database_2.pdbx_DOI 
PDB   1TP3         pdb_00001tp3 10.2210/pdb1tp3/pdb 
RCSB  RCSB022809   ?            ?                   
WWPDB D_1000022809 ?            ?                   
# 
_pdbx_database_status.status_code                     REL 
_pdbx_database_status.entry_id                        1TP3 
_pdbx_database_status.recvd_initial_deposition_date   2004-06-15 
_pdbx_database_status.deposit_site                    RCSB 
_pdbx_database_status.process_site                    RCSB 
_pdbx_database_status.status_code_sf                  REL 
_pdbx_database_status.status_code_mr                  ? 
_pdbx_database_status.SG_entry                        ? 
_pdbx_database_status.status_code_cs                  ? 
_pdbx_database_status.methods_development_category    ? 
_pdbx_database_status.pdb_format_compatible           Y 
_pdbx_database_status.status_code_nmr_data            ? 
# 
loop_
_audit_author.name 
_audit_author.pdbx_ordinal 
'Saro, D.'      1 
'Martin, P.'    2 
'Vickrey, J.F.' 3 
'Griffin, A.'   4 
'Kovari, L.C.'  5 
'Spaller, M.R.' 6 
# 
_citation.id                        primary 
_citation.title                     'Structure of the third PDZ domain of PSD-95 protein complexed with KKETPV peptide ligand' 
_citation.journal_abbrev            'To be Published' 
_citation.journal_volume            ? 
_citation.page_first                ? 
_citation.page_last                 ? 
_citation.year                      ? 
_citation.journal_id_ASTM           ? 
_citation.country                   ? 
_citation.journal_id_ISSN           ? 
_citation.journal_id_CSD            0353 
_citation.book_publisher            ? 
_citation.pdbx_database_id_PubMed   ? 
_citation.pdbx_database_id_DOI      ? 
# 
loop_
_citation_author.citation_id 
_citation_author.name 
_citation_author.ordinal 
_citation_author.identifier_ORCID 
primary 'Saro, D.'      1 ? 
primary 'Martin, P.'    2 ? 
primary 'Vickrey, J.F.' 3 ? 
primary 'Griffin, A.'   4 ? 
primary 'Kovari, L.C.'  5 ? 
primary 'Spaller, M.R.' 6 ? 
# 
_cell.entry_id           1TP3 
_cell.length_a           89.663 
_cell.length_b           89.663 
_cell.length_c           89.663 
_cell.angle_alpha        90.00 
_cell.angle_beta         90.00 
_cell.angle_gamma        90.00 
_cell.Z_PDB              24 
_cell.pdbx_unique_axis   ? 
_cell.length_a_esd       ? 
_cell.length_b_esd       ? 
_cell.length_c_esd       ? 
_cell.angle_alpha_esd    ? 
_cell.angle_beta_esd     ? 
_cell.angle_gamma_esd    ? 
# 
_symmetry.entry_id                         1TP3 
_symmetry.space_group_name_H-M             'P 41 3 2' 
_symmetry.pdbx_full_space_group_name_H-M   ? 
_symmetry.cell_setting                     ? 
_symmetry.Int_Tables_number                213 
_symmetry.space_group_name_Hall            ? 
# 
loop_
_entity.id 
_entity.type 
_entity.src_method 
_entity.pdbx_description 
_entity.formula_weight 
_entity.pdbx_number_of_molecules 
_entity.pdbx_ec 
_entity.pdbx_mutation 
_entity.pdbx_fragment 
_entity.details 
1 polymer man 'Presynaptic density protein 95' 12738.067 1  ? ? 'PDZ 3; residues 302-402' ? 
2 polymer syn 'KKETPV peptide ligand'          702.838   1  ? ? ?                         ? 
3 water   nat water                            18.015    66 ? ? ?                         ? 
# 
_entity_name_com.entity_id   1 
_entity_name_com.name        'PSD-95, Presynaptic protein SAP90, Synapse-associated protein 90, Discs, large homolog 4' 
# 
loop_
_entity_poly.entity_id 
_entity_poly.type 
_entity_poly.nstd_linkage 
_entity_poly.nstd_monomer 
_entity_poly.pdbx_seq_one_letter_code 
_entity_poly.pdbx_seq_one_letter_code_can 
_entity_poly.pdbx_strand_id 
_entity_poly.pdbx_target_identifier 
1 'polypeptide(L)' no no 
;GSPEFLGEEDIPREPRRIVIHRGSTGLGFNIVGGEDGEGIFISFILAGGPADLSGELRKGDQILSVNGVDLRNASHEQAA
IALKNAGQTVTIIAQYKPEEYSRFEANSRVDSSGRIVTD
;
;GSPEFLGEEDIPREPRRIVIHRGSTGLGFNIVGGEDGEGIFISFILAGGPADLSGELRKGDQILSVNGVDLRNASHEQAA
IALKNAGQTVTIIAQYKPEEYSRFEANSRVDSSGRIVTD
;
A ? 
2 'polypeptide(L)' no no KKETPV KKETPV B ? 
# 
loop_
_entity_poly_seq.entity_id 
_entity_poly_seq.num 
_entity_poly_seq.mon_id 
_entity_poly_seq.hetero 
1 1   GLY n 
1 2   SER n 
1 3   PRO n 
1 4   GLU n 
1 5   PHE n 
1 6   LEU n 
1 7   GLY n 
1 8   GLU n 
1 9   GLU n 
1 10  ASP n 
1 11  ILE n 
1 12  PRO n 
1 13  ARG n 
1 14  GLU n 
1 15  PRO n 
1 16  ARG n 
1 17  ARG n 
1 18  ILE n 
1 19  VAL n 
1 20  ILE n 
1 21  HIS n 
1 22  ARG n 
1 23  GLY n 
1 24  SER n 
1 25  THR n 
1 26  GLY n 
1 27  LEU n 
1 28  GLY n 
1 29  PHE n 
1 30  ASN n 
1 31  ILE n 
1 32  VAL n 
1 33  GLY n 
1 34  GLY n 
1 35  GLU n 
1 36  ASP n 
1 37  GLY n 
1 38  GLU n 
1 39  GLY n 
1 40  ILE n 
1 41  PHE n 
1 42  ILE n 
1 43  SER n 
1 44  PHE n 
1 45  ILE n 
1 46  LEU n 
1 47  ALA n 
1 48  GLY n 
1 49  GLY n 
1 50  PRO n 
1 51  ALA n 
1 52  ASP n 
1 53  LEU n 
1 54  SER n 
1 55  GLY n 
1 56  GLU n 
1 57  LEU n 
1 58  ARG n 
1 59  LYS n 
1 60  GLY n 
1 61  ASP n 
1 62  GLN n 
1 63  ILE n 
1 64  LEU n 
1 65  SER n 
1 66  VAL n 
1 67  ASN n 
1 68  GLY n 
1 69  VAL n 
1 70  ASP n 
1 71  LEU n 
1 72  ARG n 
1 73  ASN n 
1 74  ALA n 
1 75  SER n 
1 76  HIS n 
1 77  GLU n 
1 78  GLN n 
1 79  ALA n 
1 80  ALA n 
1 81  ILE n 
1 82  ALA n 
1 83  LEU n 
1 84  LYS n 
1 85  ASN n 
1 86  ALA n 
1 87  GLY n 
1 88  GLN n 
1 89  THR n 
1 90  VAL n 
1 91  THR n 
1 92  ILE n 
1 93  ILE n 
1 94  ALA n 
1 95  GLN n 
1 96  TYR n 
1 97  LYS n 
1 98  PRO n 
1 99  GLU n 
1 100 GLU n 
1 101 TYR n 
1 102 SER n 
1 103 ARG n 
1 104 PHE n 
1 105 GLU n 
1 106 ALA n 
1 107 ASN n 
1 108 SER n 
1 109 ARG n 
1 110 VAL n 
1 111 ASP n 
1 112 SER n 
1 113 SER n 
1 114 GLY n 
1 115 ARG n 
1 116 ILE n 
1 117 VAL n 
1 118 THR n 
1 119 ASP n 
2 1   LYS n 
2 2   LYS n 
2 3   GLU n 
2 4   THR n 
2 5   PRO n 
2 6   VAL n 
# 
_entity_src_gen.entity_id                          1 
_entity_src_gen.pdbx_src_id                        1 
_entity_src_gen.pdbx_alt_source_flag               sample 
_entity_src_gen.pdbx_seq_type                      ? 
_entity_src_gen.pdbx_beg_seq_num                   ? 
_entity_src_gen.pdbx_end_seq_num                   ? 
_entity_src_gen.gene_src_common_name               'Norway rat' 
_entity_src_gen.gene_src_genus                     Rattus 
_entity_src_gen.pdbx_gene_src_gene                 'DLG4, DLGH4, PSD95' 
_entity_src_gen.gene_src_species                   ? 
_entity_src_gen.gene_src_strain                    ? 
_entity_src_gen.gene_src_tissue                    ? 
_entity_src_gen.gene_src_tissue_fraction           ? 
_entity_src_gen.gene_src_details                   ? 
_entity_src_gen.pdbx_gene_src_fragment             ? 
_entity_src_gen.pdbx_gene_src_scientific_name      'Rattus norvegicus' 
_entity_src_gen.pdbx_gene_src_ncbi_taxonomy_id     10116 
_entity_src_gen.pdbx_gene_src_variant              ? 
_entity_src_gen.pdbx_gene_src_cell_line            ? 
_entity_src_gen.pdbx_gene_src_atcc                 ? 
_entity_src_gen.pdbx_gene_src_organ                ? 
_entity_src_gen.pdbx_gene_src_organelle            ? 
_entity_src_gen.pdbx_gene_src_cell                 ? 
_entity_src_gen.pdbx_gene_src_cellular_location    ? 
_entity_src_gen.host_org_common_name               ? 
_entity_src_gen.pdbx_host_org_scientific_name      'Escherichia coli' 
_entity_src_gen.pdbx_host_org_ncbi_taxonomy_id     562 
_entity_src_gen.host_org_genus                     Escherichia 
_entity_src_gen.pdbx_host_org_gene                 ? 
_entity_src_gen.pdbx_host_org_organ                ? 
_entity_src_gen.host_org_species                   ? 
_entity_src_gen.pdbx_host_org_tissue               ? 
_entity_src_gen.pdbx_host_org_tissue_fraction      ? 
_entity_src_gen.pdbx_host_org_strain               ? 
_entity_src_gen.pdbx_host_org_variant              ? 
_entity_src_gen.pdbx_host_org_cell_line            'gold DE3' 
_entity_src_gen.pdbx_host_org_atcc                 ? 
_entity_src_gen.pdbx_host_org_culture_collection   ? 
_entity_src_gen.pdbx_host_org_cell                 ? 
_entity_src_gen.pdbx_host_org_organelle            ? 
_entity_src_gen.pdbx_host_org_cellular_location    ? 
_entity_src_gen.pdbx_host_org_vector_type          plasmid 
_entity_src_gen.pdbx_host_org_vector               ? 
_entity_src_gen.host_org_details                   ? 
_entity_src_gen.expression_system_id               ? 
_entity_src_gen.plasmid_name                       pET 
_entity_src_gen.plasmid_details                    ? 
_entity_src_gen.pdbx_description                   ? 
# 
_pdbx_entity_src_syn.entity_id              2 
_pdbx_entity_src_syn.pdbx_src_id            1 
_pdbx_entity_src_syn.pdbx_alt_source_flag   sample 
_pdbx_entity_src_syn.pdbx_beg_seq_num       ? 
_pdbx_entity_src_syn.pdbx_end_seq_num       ? 
_pdbx_entity_src_syn.organism_scientific    synthetic 
_pdbx_entity_src_syn.organism_common_name   ? 
_pdbx_entity_src_syn.ncbi_taxonomy_id       32630 
_pdbx_entity_src_syn.details                
'The KKETPV peptide ligand was chemically synthesized using solid phase peptide synthesis.' 
# 
loop_
_struct_ref.id 
_struct_ref.db_name 
_struct_ref.db_code 
_struct_ref.pdbx_db_accession 
_struct_ref.entity_id 
_struct_ref.pdbx_seq_one_letter_code 
_struct_ref.pdbx_align_begin 
_struct_ref.pdbx_db_isoform 
1 UNP DLG4_RAT P31016 1 
;LGEEDIPREPRRIVIHRGSTGLGFNIVGGEDGEGIFISFILAGGPADLSGELRKGDQILSVNGVDLRNASHEQAAIALKN
AGQTVTIIAQYKPEEYSRFEA
;
302 ? 
2 PDB 1TP3     1TP3   2 ?                                                                                                        ? 
? 
# 
loop_
_struct_ref_seq.align_id 
_struct_ref_seq.ref_id 
_struct_ref_seq.pdbx_PDB_id_code 
_struct_ref_seq.pdbx_strand_id 
_struct_ref_seq.seq_align_beg 
_struct_ref_seq.pdbx_seq_align_beg_ins_code 
_struct_ref_seq.seq_align_end 
_struct_ref_seq.pdbx_seq_align_end_ins_code 
_struct_ref_seq.pdbx_db_accession 
_struct_ref_seq.db_align_beg 
_struct_ref_seq.pdbx_db_align_beg_ins_code 
_struct_ref_seq.db_align_end 
_struct_ref_seq.pdbx_db_align_end_ins_code 
_struct_ref_seq.pdbx_auth_seq_align_beg 
_struct_ref_seq.pdbx_auth_seq_align_end 
1 1 1TP3 A 6 ? 106 ? P31016 302 ? 402 ? 302 402 
2 2 1TP3 B 1 ? 6   ? 1TP3   420 ? 425 ? 420 425 
# 
loop_
_struct_ref_seq_dif.align_id 
_struct_ref_seq_dif.pdbx_pdb_id_code 
_struct_ref_seq_dif.mon_id 
_struct_ref_seq_dif.pdbx_pdb_strand_id 
_struct_ref_seq_dif.seq_num 
_struct_ref_seq_dif.pdbx_pdb_ins_code 
_struct_ref_seq_dif.pdbx_seq_db_name 
_struct_ref_seq_dif.pdbx_seq_db_accession_code 
_struct_ref_seq_dif.db_mon_id 
_struct_ref_seq_dif.pdbx_seq_db_seq_num 
_struct_ref_seq_dif.details 
_struct_ref_seq_dif.pdbx_auth_seq_num 
_struct_ref_seq_dif.pdbx_ordinal 
1 1TP3 GLY A 1   ? UNP P31016 ? ? 'cloning artifact' 297 1  
1 1TP3 SER A 2   ? UNP P31016 ? ? 'cloning artifact' 298 2  
1 1TP3 PRO A 3   ? UNP P31016 ? ? 'cloning artifact' 299 3  
1 1TP3 GLU A 4   ? UNP P31016 ? ? 'cloning artifact' 300 4  
1 1TP3 PHE A 5   ? UNP P31016 ? ? 'cloning artifact' 301 5  
1 1TP3 ASN A 107 ? UNP P31016 ? ? 'cloning artifact' 403 6  
1 1TP3 SER A 108 ? UNP P31016 ? ? 'cloning artifact' 404 7  
1 1TP3 ARG A 109 ? UNP P31016 ? ? 'cloning artifact' 405 8  
1 1TP3 VAL A 110 ? UNP P31016 ? ? 'cloning artifact' 406 9  
1 1TP3 ASP A 111 ? UNP P31016 ? ? 'cloning artifact' 407 10 
1 1TP3 SER A 112 ? UNP P31016 ? ? 'cloning artifact' 408 11 
1 1TP3 SER A 113 ? UNP P31016 ? ? 'cloning artifact' 409 12 
1 1TP3 GLY A 114 ? UNP P31016 ? ? 'cloning artifact' 410 13 
1 1TP3 ARG A 115 ? UNP P31016 ? ? 'cloning artifact' 411 14 
1 1TP3 ILE A 116 ? UNP P31016 ? ? 'cloning artifact' 412 15 
1 1TP3 VAL A 117 ? UNP P31016 ? ? 'cloning artifact' 413 16 
1 1TP3 THR A 118 ? UNP P31016 ? ? 'cloning artifact' 414 17 
1 1TP3 ASP A 119 ? UNP P31016 ? ? 'cloning artifact' 415 18 
# 
loop_
_chem_comp.id 
_chem_comp.type 
_chem_comp.mon_nstd_flag 
_chem_comp.name 
_chem_comp.pdbx_synonyms 
_chem_comp.formula 
_chem_comp.formula_weight 
ALA 'L-peptide linking' y ALANINE         ? 'C3 H7 N O2'     89.093  
ARG 'L-peptide linking' y ARGININE        ? 'C6 H15 N4 O2 1' 175.209 
ASN 'L-peptide linking' y ASPARAGINE      ? 'C4 H8 N2 O3'    132.118 
ASP 'L-peptide linking' y 'ASPARTIC ACID' ? 'C4 H7 N O4'     133.103 
GLN 'L-peptide linking' y GLUTAMINE       ? 'C5 H10 N2 O3'   146.144 
GLU 'L-peptide linking' y 'GLUTAMIC ACID' ? 'C5 H9 N O4'     147.129 
GLY 'peptide linking'   y GLYCINE         ? 'C2 H5 N O2'     75.067  
HIS 'L-peptide linking' y HISTIDINE       ? 'C6 H10 N3 O2 1' 156.162 
HOH non-polymer         . WATER           ? 'H2 O'           18.015  
ILE 'L-peptide linking' y ISOLEUCINE      ? 'C6 H13 N O2'    131.173 
LEU 'L-peptide linking' y LEUCINE         ? 'C6 H13 N O2'    131.173 
LYS 'L-peptide linking' y LYSINE          ? 'C6 H15 N2 O2 1' 147.195 
PHE 'L-peptide linking' y PHENYLALANINE   ? 'C9 H11 N O2'    165.189 
PRO 'L-peptide linking' y PROLINE         ? 'C5 H9 N O2'     115.130 
SER 'L-peptide linking' y SERINE          ? 'C3 H7 N O3'     105.093 
THR 'L-peptide linking' y THREONINE       ? 'C4 H9 N O3'     119.119 
TYR 'L-peptide linking' y TYROSINE        ? 'C9 H11 N O3'    181.189 
VAL 'L-peptide linking' y VALINE          ? 'C5 H11 N O2'    117.146 
# 
_exptl.entry_id          1TP3 
_exptl.method            'X-RAY DIFFRACTION' 
_exptl.crystals_number   1 
# 
_exptl_crystal.id                    1 
_exptl_crystal.density_meas          ? 
_exptl_crystal.density_Matthews      2.4 
_exptl_crystal.density_percent_sol   49 
_exptl_crystal.description           ? 
_exptl_crystal.F_000                 ? 
_exptl_crystal.preparation           ? 
# 
_exptl_crystal_grow.crystal_id      1 
_exptl_crystal_grow.method          'VAPOR DIFFUSION, HANGING DROP' 
_exptl_crystal_grow.temp            295 
_exptl_crystal_grow.temp_details    ? 
_exptl_crystal_grow.pH              6.9 
_exptl_crystal_grow.pdbx_details    '1.0 M sodium citrate, 0.1 M HEPES, pH 6.9, VAPOR DIFFUSION, HANGING DROP, temperature 295K' 
_exptl_crystal_grow.pdbx_pH_range   . 
# 
_diffrn.id                     1 
_diffrn.ambient_temp           100 
_diffrn.ambient_temp_details   ? 
_diffrn.crystal_id             1 
# 
_diffrn_detector.diffrn_id              1 
_diffrn_detector.detector               CCD 
_diffrn_detector.type                   MARRESEARCH 
_diffrn_detector.pdbx_collection_date   2004-03-27 
_diffrn_detector.details                ? 
# 
_diffrn_radiation.diffrn_id                        1 
_diffrn_radiation.wavelength_id                    1 
_diffrn_radiation.pdbx_monochromatic_or_laue_m_l   M 
_diffrn_radiation.monochromator                    GRAPHITE 
_diffrn_radiation.pdbx_diffrn_protocol             'SINGLE WAVELENGTH' 
_diffrn_radiation.pdbx_scattering_type             x-ray 
# 
_diffrn_radiation_wavelength.id           1 
_diffrn_radiation_wavelength.wavelength   1.0 
_diffrn_radiation_wavelength.wt           1.0 
# 
_diffrn_source.diffrn_id                   1 
_diffrn_source.source                      SYNCHROTRON 
_diffrn_source.type                        'ALS BEAMLINE 5.0.1' 
_diffrn_source.pdbx_synchrotron_site       ALS 
_diffrn_source.pdbx_synchrotron_beamline   5.0.1 
_diffrn_source.pdbx_wavelength             ? 
_diffrn_source.pdbx_wavelength_list        1.0 
# 
_reflns.entry_id                     1TP3 
_reflns.observed_criterion_sigma_F   1.0 
_reflns.observed_criterion_sigma_I   1.0 
_reflns.d_resolution_high            1.99 
_reflns.d_resolution_low             23.96 
_reflns.number_all                   8916 
_reflns.number_obs                   8916 
_reflns.percent_possible_obs         99.7 
_reflns.pdbx_Rmerge_I_obs            ? 
_reflns.pdbx_Rsym_value              ? 
_reflns.pdbx_netI_over_sigmaI        6.0 
_reflns.B_iso_Wilson_estimate        ? 
_reflns.pdbx_redundancy              11.58 
_reflns.R_free_details               ? 
_reflns.limit_h_max                  ? 
_reflns.limit_h_min                  ? 
_reflns.limit_k_max                  ? 
_reflns.limit_k_min                  ? 
_reflns.limit_l_max                  ? 
_reflns.limit_l_min                  ? 
_reflns.observed_criterion_F_max     ? 
_reflns.observed_criterion_F_min     ? 
_reflns.pdbx_chi_squared             ? 
_reflns.pdbx_scaling_rejects         ? 
_reflns.pdbx_ordinal                 1 
_reflns.pdbx_diffrn_id               1 
# 
_reflns_shell.d_res_high             1.99 
_reflns_shell.d_res_low              2.06 
_reflns_shell.percent_possible_all   99.1 
_reflns_shell.Rmerge_I_obs           ? 
_reflns_shell.pdbx_Rsym_value        ? 
_reflns_shell.meanI_over_sigI_obs    ? 
_reflns_shell.pdbx_redundancy        ? 
_reflns_shell.percent_possible_obs   ? 
_reflns_shell.number_unique_all      ? 
_reflns_shell.number_measured_all    ? 
_reflns_shell.number_measured_obs    ? 
_reflns_shell.number_unique_obs      ? 
_reflns_shell.pdbx_chi_squared       ? 
_reflns_shell.pdbx_ordinal           1 
_reflns_shell.pdbx_diffrn_id         1 
# 
_refine.entry_id                                 1TP3 
_refine.ls_number_reflns_obs                     8486 
_refine.ls_number_reflns_all                     8486 
_refine.pdbx_ls_sigma_I                          ? 
_refine.pdbx_ls_sigma_F                          1.0 
_refine.pdbx_data_cutoff_high_absF               ? 
_refine.pdbx_data_cutoff_low_absF                ? 
_refine.pdbx_data_cutoff_high_rms_absF           ? 
_refine.ls_d_res_low                             19.57 
_refine.ls_d_res_high                            1.99 
_refine.ls_percent_reflns_obs                    99.72 
_refine.ls_R_factor_obs                          0.22788 
_refine.ls_R_factor_all                          0.2328 
_refine.ls_R_factor_R_work                       0.2247 
_refine.ls_R_factor_R_free                       0.2961 
_refine.ls_R_factor_R_free_error                 ? 
_refine.ls_R_factor_R_free_error_details         ? 
_refine.ls_percent_reflns_R_free                 4.7 
_refine.ls_number_reflns_R_free                  423 
_refine.ls_number_parameters                     ? 
_refine.ls_number_restraints                     ? 
_refine.occupancy_min                            ? 
_refine.occupancy_max                            ? 
_refine.correlation_coeff_Fo_to_Fc               0.935 
_refine.correlation_coeff_Fo_to_Fc_free          0.902 
_refine.B_iso_mean                               25.567 
_refine.aniso_B[1][1]                            ? 
_refine.aniso_B[2][2]                            ? 
_refine.aniso_B[3][3]                            ? 
_refine.aniso_B[1][2]                            ? 
_refine.aniso_B[1][3]                            ? 
_refine.aniso_B[2][3]                            ? 
_refine.solvent_model_details                    'BABINET MODEL WITH MASK' 
_refine.solvent_model_param_ksol                 ? 
_refine.solvent_model_param_bsol                 ? 
_refine.pdbx_solvent_vdw_probe_radii             1.40 
_refine.pdbx_solvent_ion_probe_radii             0.80 
_refine.pdbx_solvent_shrinkage_radii             0.80 
_refine.pdbx_ls_cross_valid_method               THROUGHOUT 
_refine.details                                  'HYDROGENS HAVE BEEN ADDED IN THE RIDING POSITIONS' 
_refine.pdbx_starting_model                      'PDB ENTRY 1BE9' 
_refine.pdbx_method_to_determine_struct          'MOLECULAR REPLACEMENT' 
_refine.pdbx_isotropic_thermal_model             ? 
_refine.pdbx_stereochemistry_target_values       'MAXIMUM LIKELIHOOD' 
_refine.pdbx_stereochem_target_val_spec_case     ? 
_refine.pdbx_R_Free_selection_details            RANDOM 
_refine.pdbx_overall_ESU_R                       0.210 
_refine.pdbx_overall_ESU_R_Free                  0.201 
_refine.overall_SU_ML                            0.156 
_refine.overall_SU_B                             5.793 
_refine.ls_redundancy_reflns_obs                 ? 
_refine.B_iso_min                                ? 
_refine.B_iso_max                                ? 
_refine.overall_SU_R_Cruickshank_DPI             ? 
_refine.overall_SU_R_free                        ? 
_refine.ls_wR_factor_R_free                      ? 
_refine.ls_wR_factor_R_work                      ? 
_refine.overall_FOM_free_R_set                   ? 
_refine.overall_FOM_work_R_set                   ? 
_refine.pdbx_refine_id                           'X-RAY DIFFRACTION' 
_refine.pdbx_overall_phase_error                 ? 
_refine.pdbx_diffrn_id                           1 
_refine.pdbx_TLS_residual_ADP_flag               ? 
_refine.pdbx_overall_SU_R_free_Cruickshank_DPI   ? 
_refine.pdbx_overall_SU_R_Blow_DPI               ? 
_refine.pdbx_overall_SU_R_free_Blow_DPI          ? 
# 
_refine_hist.pdbx_refine_id                   'X-RAY DIFFRACTION' 
_refine_hist.cycle_id                         LAST 
_refine_hist.pdbx_number_atoms_protein        908 
_refine_hist.pdbx_number_atoms_nucleic_acid   0 
_refine_hist.pdbx_number_atoms_ligand         0 
_refine_hist.number_atoms_solvent             66 
_refine_hist.number_atoms_total               974 
_refine_hist.d_res_high                       1.99 
_refine_hist.d_res_low                        19.57 
# 
loop_
_refine_ls_restr.type 
_refine_ls_restr.dev_ideal 
_refine_ls_restr.dev_ideal_target 
_refine_ls_restr.weight 
_refine_ls_restr.number 
_refine_ls_restr.pdbx_refine_id 
_refine_ls_restr.pdbx_restraint_function 
r_bond_refined_d         0.038 0.021 ? 920  'X-RAY DIFFRACTION' ? 
r_bond_other_d           0.003 0.020 ? 851  'X-RAY DIFFRACTION' ? 
r_angle_refined_deg      2.721 1.963 ? 1239 'X-RAY DIFFRACTION' ? 
r_angle_other_deg        1.223 3.000 ? 1973 'X-RAY DIFFRACTION' ? 
r_dihedral_angle_1_deg   9.029 5.000 ? 119  'X-RAY DIFFRACTION' ? 
r_chiral_restr           0.175 0.200 ? 139  'X-RAY DIFFRACTION' ? 
r_gen_planes_refined     0.013 0.020 ? 1051 'X-RAY DIFFRACTION' ? 
r_gen_planes_other       0.008 0.020 ? 182  'X-RAY DIFFRACTION' ? 
r_nbd_refined            0.239 0.200 ? 205  'X-RAY DIFFRACTION' ? 
r_nbd_other              0.280 0.200 ? 1049 'X-RAY DIFFRACTION' ? 
r_nbtor_other            0.107 0.200 ? 633  'X-RAY DIFFRACTION' ? 
r_xyhbond_nbd_refined    0.180 0.200 ? 56   'X-RAY DIFFRACTION' ? 
r_symmetry_vdw_refined   0.398 0.200 ? 20   'X-RAY DIFFRACTION' ? 
r_symmetry_vdw_other     0.358 0.200 ? 44   'X-RAY DIFFRACTION' ? 
r_symmetry_hbond_refined 0.251 0.200 ? 11   'X-RAY DIFFRACTION' ? 
r_mcbond_it              1.618 1.500 ? 595  'X-RAY DIFFRACTION' ? 
r_mcangle_it             2.599 2.000 ? 947  'X-RAY DIFFRACTION' ? 
r_scbond_it              4.129 3.000 ? 325  'X-RAY DIFFRACTION' ? 
r_scangle_it             6.682 4.500 ? 292  'X-RAY DIFFRACTION' ? 
# 
_refine_ls_shell.pdbx_total_number_of_bins_used   20 
_refine_ls_shell.d_res_high                       1.990 
_refine_ls_shell.d_res_low                        2.041 
_refine_ls_shell.number_reflns_R_work             606 
_refine_ls_shell.R_factor_R_work                  0.253 
_refine_ls_shell.percent_reflns_obs               ? 
_refine_ls_shell.R_factor_R_free                  0.351 
_refine_ls_shell.R_factor_R_free_error            ? 
_refine_ls_shell.percent_reflns_R_free            ? 
_refine_ls_shell.number_reflns_R_free             32 
_refine_ls_shell.number_reflns_obs                ? 
_refine_ls_shell.redundancy_reflns_obs            ? 
_refine_ls_shell.number_reflns_all                ? 
_refine_ls_shell.pdbx_refine_id                   'X-RAY DIFFRACTION' 
_refine_ls_shell.R_factor_all                     ? 
# 
_struct.entry_id                  1TP3 
_struct.title                     'PDZ3 domain of PSD-95 protein complexed with KKETPV peptide ligand' 
_struct.pdbx_model_details        ? 
_struct.pdbx_CASP_flag            ? 
_struct.pdbx_model_type_details   ? 
# 
_struct_keywords.entry_id        1TP3 
_struct_keywords.pdbx_keywords   'PROTEIN BINDING' 
_struct_keywords.text            'PDZ domain, PROTEIN BINDING' 
# 
loop_
_struct_asym.id 
_struct_asym.pdbx_blank_PDB_chainid_flag 
_struct_asym.pdbx_modified 
_struct_asym.entity_id 
_struct_asym.details 
A N N 1 ? 
B N N 2 ? 
C N N 3 ? 
D N N 3 ? 
# 
_struct_biol.id        1 
_struct_biol.details   ? 
# 
loop_
_struct_conf.conf_type_id 
_struct_conf.id 
_struct_conf.pdbx_PDB_helix_id 
_struct_conf.beg_label_comp_id 
_struct_conf.beg_label_asym_id 
_struct_conf.beg_label_seq_id 
_struct_conf.pdbx_beg_PDB_ins_code 
_struct_conf.end_label_comp_id 
_struct_conf.end_label_asym_id 
_struct_conf.end_label_seq_id 
_struct_conf.pdbx_end_PDB_ins_code 
_struct_conf.beg_auth_comp_id 
_struct_conf.beg_auth_asym_id 
_struct_conf.beg_auth_seq_id 
_struct_conf.end_auth_comp_id 
_struct_conf.end_auth_asym_id 
_struct_conf.end_auth_seq_id 
_struct_conf.pdbx_PDB_helix_class 
_struct_conf.details 
_struct_conf.pdbx_PDB_helix_length 
HELX_P HELX_P1 1 PHE A 5  ? GLU A 9   ? PHE A 301 GLU A 305 5 ? 5  
HELX_P HELX_P2 2 GLU A 35 ? GLU A 38  ? GLU A 331 GLU A 334 5 ? 4  
HELX_P HELX_P3 3 GLY A 49 ? GLY A 55  ? GLY A 345 GLY A 351 1 ? 7  
HELX_P HELX_P4 4 SER A 75 ? ASN A 85  ? SER A 371 ASN A 381 1 ? 11 
HELX_P HELX_P5 5 LYS A 97 ? ARG A 103 ? LYS A 393 ARG A 399 1 ? 7  
# 
_struct_conf_type.id          HELX_P 
_struct_conf_type.criteria    ? 
_struct_conf_type.reference   ? 
# 
loop_
_struct_sheet.id 
_struct_sheet.type 
_struct_sheet.number_strands 
_struct_sheet.details 
A ? 4 ? 
B ? 3 ? 
C ? 2 ? 
# 
loop_
_struct_sheet_order.sheet_id 
_struct_sheet_order.range_id_1 
_struct_sheet_order.range_id_2 
_struct_sheet_order.offset 
_struct_sheet_order.sense 
A 1 2 ? anti-parallel 
A 2 3 ? anti-parallel 
A 3 4 ? anti-parallel 
B 1 2 ? anti-parallel 
B 2 3 ? anti-parallel 
C 1 2 ? anti-parallel 
# 
loop_
_struct_sheet_range.sheet_id 
_struct_sheet_range.id 
_struct_sheet_range.beg_label_comp_id 
_struct_sheet_range.beg_label_asym_id 
_struct_sheet_range.beg_label_seq_id 
_struct_sheet_range.pdbx_beg_PDB_ins_code 
_struct_sheet_range.end_label_comp_id 
_struct_sheet_range.end_label_asym_id 
_struct_sheet_range.end_label_seq_id 
_struct_sheet_range.pdbx_end_PDB_ins_code 
_struct_sheet_range.beg_auth_comp_id 
_struct_sheet_range.beg_auth_asym_id 
_struct_sheet_range.beg_auth_seq_id 
_struct_sheet_range.end_auth_comp_id 
_struct_sheet_range.end_auth_asym_id 
_struct_sheet_range.end_auth_seq_id 
A 1 ARG A 16  ? HIS A 21  ? ARG A 312 HIS A 317 
A 2 THR A 89  ? TYR A 96  ? THR A 385 TYR A 392 
A 3 ASP A 61  ? VAL A 66  ? ASP A 357 VAL A 362 
A 4 VAL A 69  ? ASP A 70  ? VAL A 365 ASP A 366 
B 1 ILE A 40  ? ILE A 45  ? ILE A 336 ILE A 341 
B 2 PHE A 29  ? GLY A 33  ? PHE A 325 GLY A 329 
B 3 GLU B 3   ? PRO B 5   ? GLU B 422 PRO B 424 
C 1 SER A 108 ? VAL A 110 ? SER A 404 VAL A 406 
C 2 ILE A 116 ? THR A 118 ? ILE A 412 THR A 414 
# 
loop_
_pdbx_struct_sheet_hbond.sheet_id 
_pdbx_struct_sheet_hbond.range_id_1 
_pdbx_struct_sheet_hbond.range_id_2 
_pdbx_struct_sheet_hbond.range_1_label_atom_id 
_pdbx_struct_sheet_hbond.range_1_label_comp_id 
_pdbx_struct_sheet_hbond.range_1_label_asym_id 
_pdbx_struct_sheet_hbond.range_1_label_seq_id 
_pdbx_struct_sheet_hbond.range_1_PDB_ins_code 
_pdbx_struct_sheet_hbond.range_1_auth_atom_id 
_pdbx_struct_sheet_hbond.range_1_auth_comp_id 
_pdbx_struct_sheet_hbond.range_1_auth_asym_id 
_pdbx_struct_sheet_hbond.range_1_auth_seq_id 
_pdbx_struct_sheet_hbond.range_2_label_atom_id 
_pdbx_struct_sheet_hbond.range_2_label_comp_id 
_pdbx_struct_sheet_hbond.range_2_label_asym_id 
_pdbx_struct_sheet_hbond.range_2_label_seq_id 
_pdbx_struct_sheet_hbond.range_2_PDB_ins_code 
_pdbx_struct_sheet_hbond.range_2_auth_atom_id 
_pdbx_struct_sheet_hbond.range_2_auth_comp_id 
_pdbx_struct_sheet_hbond.range_2_auth_asym_id 
_pdbx_struct_sheet_hbond.range_2_auth_seq_id 
A 1 2 N ILE A 18  ? N ILE A 314 O ILE A 92  ? O ILE A 388 
A 2 3 O GLN A 95  ? O GLN A 391 N GLN A 62  ? N GLN A 358 
A 3 4 N VAL A 66  ? N VAL A 362 O VAL A 69  ? O VAL A 365 
B 2 3 N ILE A 31  ? N ILE A 327 O THR B 4   ? O THR B 423 
C 1 2 N ARG A 109 ? N ARG A 405 O VAL A 117 ? O VAL A 413 
# 
_atom_sites.entry_id                    1TP3 
_atom_sites.fract_transf_matrix[1][1]   -0.01026137 
_atom_sites.fract_transf_matrix[1][2]   -0.00120147 
_atom_sites.fract_transf_matrix[1][3]   0.00420121 
_atom_sites.fract_transf_matrix[2][1]   -0.00332166 
_atom_sites.fract_transf_matrix[2][2]   0.00911187 
_atom_sites.fract_transf_matrix[2][3]   -0.00550725 
_atom_sites.fract_transf_matrix[3][1]   -0.00283906 
_atom_sites.fract_transf_matrix[3][2]   -0.00631820 
_atom_sites.fract_transf_matrix[3][3]   -0.00874125 
_atom_sites.fract_transf_vector[1]      0.550224 
_atom_sites.fract_transf_vector[2]      0.831644 
_atom_sites.fract_transf_vector[3]      0.361675 
# 
loop_
_atom_type.symbol 
C 
N 
O 
# 
loop_
_atom_site.group_PDB 
_atom_site.id 
_atom_site.type_symbol 
_atom_site.label_atom_id 
_atom_site.label_alt_id 
_atom_site.label_comp_id 
_atom_site.label_asym_id 
_atom_site.label_entity_id 
_atom_site.label_seq_id 
_atom_site.pdbx_PDB_ins_code 
_atom_site.Cartn_x 
_atom_site.Cartn_y 
_atom_site.Cartn_z 
_atom_site.occupancy 
_atom_site.B_iso_or_equiv 
_atom_site.pdbx_formal_charge 
_atom_site.auth_seq_id 
_atom_site.auth_comp_id 
_atom_site.auth_asym_id 
_atom_site.auth_atom_id 
_atom_site.pdbx_PDB_model_num 
ATOM   1   N N   . PHE A 1 5   ? 17.701  -9.323  -14.641 1.00 49.46 ? 301 PHE A N   1 
ATOM   2   C CA  . PHE A 1 5   ? 16.656  -10.425 -14.999 1.00 50.10 ? 301 PHE A CA  1 
ATOM   3   C C   . PHE A 1 5   ? 15.179  -9.971  -14.648 1.00 50.64 ? 301 PHE A C   1 
ATOM   4   O O   . PHE A 1 5   ? 14.311  -9.883  -15.526 1.00 50.80 ? 301 PHE A O   1 
ATOM   5   C CB  . PHE A 1 5   ? 16.985  -11.940 -14.465 1.00 49.38 ? 301 PHE A CB  1 
ATOM   6   N N   . LEU A 1 6   ? 14.931  -9.649  -13.361 1.00 51.86 ? 302 LEU A N   1 
ATOM   7   C CA  . LEU A 1 6   ? 13.569  -9.553  -12.827 1.00 51.62 ? 302 LEU A CA  1 
ATOM   8   C C   . LEU A 1 6   ? 12.822  -8.341  -13.262 1.00 51.64 ? 302 LEU A C   1 
ATOM   9   O O   . LEU A 1 6   ? 11.615  -8.345  -13.232 1.00 49.55 ? 302 LEU A O   1 
ATOM   10  C CB  . LEU A 1 6   ? 13.582  -9.583  -11.308 1.00 52.06 ? 302 LEU A CB  1 
ATOM   11  C CG  . LEU A 1 6   ? 13.690  -10.998 -10.674 1.00 53.43 ? 302 LEU A CG  1 
ATOM   12  C CD1 . LEU A 1 6   ? 13.135  -11.029 -9.239  1.00 53.16 ? 302 LEU A CD1 1 
ATOM   13  C CD2 . LEU A 1 6   ? 12.991  -12.049 -11.479 1.00 52.51 ? 302 LEU A CD2 1 
ATOM   14  N N   . GLY A 1 7   ? 13.554  -7.305  -13.657 1.00 52.41 ? 303 GLY A N   1 
ATOM   15  C CA  . GLY A 1 7   ? 13.017  -5.955  -13.786 1.00 52.90 ? 303 GLY A CA  1 
ATOM   16  C C   . GLY A 1 7   ? 12.283  -5.619  -15.071 1.00 53.38 ? 303 GLY A C   1 
ATOM   17  O O   . GLY A 1 7   ? 11.801  -4.482  -15.213 1.00 54.72 ? 303 GLY A O   1 
ATOM   18  N N   . GLU A 1 8   ? 12.225  -6.526  -16.040 1.00 52.83 ? 304 GLU A N   1 
ATOM   19  C CA  . GLU A 1 8   ? 11.338  -6.255  -17.185 1.00 52.56 ? 304 GLU A CA  1 
ATOM   20  C C   . GLU A 1 8   ? 10.289  -7.420  -17.285 1.00 50.36 ? 304 GLU A C   1 
ATOM   21  O O   . GLU A 1 8   ? 9.760   -7.700  -18.362 1.00 50.35 ? 304 GLU A O   1 
ATOM   22  C CB  . GLU A 1 8   ? 12.123  -5.996  -18.510 1.00 53.68 ? 304 GLU A CB  1 
ATOM   23  C CG  . GLU A 1 8   ? 12.574  -4.507  -18.762 1.00 59.33 ? 304 GLU A CG  1 
ATOM   24  C CD  . GLU A 1 8   ? 13.787  -4.364  -19.792 1.00 66.80 ? 304 GLU A CD  1 
ATOM   25  O OE1 . GLU A 1 8   ? 13.587  -4.592  -21.039 1.00 66.81 ? 304 GLU A OE1 1 
ATOM   26  O OE2 . GLU A 1 8   ? 14.967  -4.025  -19.381 1.00 66.28 ? 304 GLU A OE2 1 
ATOM   27  N N   . GLU A 1 9   ? 10.007  -8.075  -16.133 1.00 46.16 ? 305 GLU A N   1 
ATOM   28  C CA  . GLU A 1 9   ? 8.821   -8.905  -15.954 1.00 42.73 ? 305 GLU A CA  1 
ATOM   29  C C   . GLU A 1 9   ? 7.739   -8.022  -15.437 1.00 38.18 ? 305 GLU A C   1 
ATOM   30  O O   . GLU A 1 9   ? 7.941   -7.302  -14.478 1.00 33.07 ? 305 GLU A O   1 
ATOM   31  C CB  . GLU A 1 9   ? 9.102   -10.016 -14.917 1.00 43.38 ? 305 GLU A CB  1 
ATOM   32  C CG  . GLU A 1 9   ? 10.443  -10.732 -15.244 1.00 46.67 ? 305 GLU A CG  1 
ATOM   33  C CD  . GLU A 1 9   ? 10.633  -12.135 -14.593 1.00 44.77 ? 305 GLU A CD  1 
ATOM   34  O OE1 . GLU A 1 9   ? 9.929   -12.398 -13.601 1.00 49.15 ? 305 GLU A OE1 1 
ATOM   35  O OE2 . GLU A 1 9   ? 11.491  -12.935 -15.075 1.00 43.66 ? 305 GLU A OE2 1 
ATOM   36  N N   . ASP A 1 10  ? 6.574   -8.114  -16.023 1.00 35.24 ? 306 ASP A N   1 
ATOM   37  C CA  . ASP A 1 10  ? 5.470   -7.289  -15.539 1.00 34.75 ? 306 ASP A CA  1 
ATOM   38  C C   . ASP A 1 10  ? 5.161   -7.583  -14.059 1.00 32.83 ? 306 ASP A C   1 
ATOM   39  O O   . ASP A 1 10  ? 5.102   -8.745  -13.613 1.00 32.46 ? 306 ASP A O   1 
ATOM   40  C CB  . ASP A 1 10  ? 4.179   -7.502  -16.319 1.00 36.44 ? 306 ASP A CB  1 
ATOM   41  C CG  . ASP A 1 10  ? 4.336   -7.319  -17.879 1.00 41.95 ? 306 ASP A CG  1 
ATOM   42  O OD1 . ASP A 1 10  ? 4.637   -6.177  -18.331 1.00 44.83 ? 306 ASP A OD1 1 
ATOM   43  O OD2 . ASP A 1 10  ? 4.169   -8.297  -18.695 1.00 46.63 ? 306 ASP A OD2 1 
ATOM   44  N N   . ILE A 1 11  ? 4.967   -6.528  -13.303 1.00 30.71 ? 307 ILE A N   1 
ATOM   45  C CA  . ILE A 1 11  ? 4.418   -6.654  -11.926 1.00 29.19 ? 307 ILE A CA  1 
ATOM   46  C C   . ILE A 1 11  ? 2.933   -7.015  -12.010 1.00 26.54 ? 307 ILE A C   1 
ATOM   47  O O   . ILE A 1 11  ? 2.168   -6.266  -12.568 1.00 22.89 ? 307 ILE A O   1 
ATOM   48  C CB  . ILE A 1 11  ? 4.673   -5.340  -11.090 1.00 29.69 ? 307 ILE A CB  1 
ATOM   49  C CG1 . ILE A 1 11  ? 6.194   -5.225  -10.829 1.00 35.40 ? 307 ILE A CG1 1 
ATOM   50  C CG2 . ILE A 1 11  ? 3.947   -5.364  -9.627  1.00 26.18 ? 307 ILE A CG2 1 
ATOM   51  C CD1 . ILE A 1 11  ? 6.679   -3.937  -10.826 1.00 36.07 ? 307 ILE A CD1 1 
ATOM   52  N N   . PRO A 1 12  ? 2.533   -8.125  -11.407 1.00 26.05 ? 308 PRO A N   1 
ATOM   53  C CA  . PRO A 1 12  ? 1.119   -8.519  -11.403 1.00 26.59 ? 308 PRO A CA  1 
ATOM   54  C C   . PRO A 1 12  ? 0.183   -7.411  -10.956 1.00 25.77 ? 308 PRO A C   1 
ATOM   55  O O   . PRO A 1 12  ? 0.414   -6.727  -9.964  1.00 26.01 ? 308 PRO A O   1 
ATOM   56  C CB  . PRO A 1 12  ? 1.061   -9.690  -10.344 1.00 26.28 ? 308 PRO A CB  1 
ATOM   57  C CG  . PRO A 1 12  ? 2.531   -10.249 -10.215 1.00 28.60 ? 308 PRO A CG  1 
ATOM   58  C CD  . PRO A 1 12  ? 3.410   -9.025  -10.591 1.00 28.21 ? 308 PRO A CD  1 
ATOM   59  N N   . ARG A 1 13  ? -0.886  -7.205  -11.712 1.00 25.85 ? 309 ARG A N   1 
ATOM   60  C CA  . ARG A 1 13  ? -1.900  -6.192  -11.362 1.00 24.03 ? 309 ARG A CA  1 
ATOM   61  C C   . ARG A 1 13  ? -3.167  -6.794  -10.736 1.00 22.73 ? 309 ARG A C   1 
ATOM   62  O O   . ARG A 1 13  ? -4.108  -6.112  -10.438 1.00 22.12 ? 309 ARG A O   1 
ATOM   63  C CB  . ARG A 1 13  ? -2.150  -5.321  -12.629 1.00 24.82 ? 309 ARG A CB  1 
ATOM   64  C CG  . ARG A 1 13  ? -0.924  -4.320  -12.872 1.00 24.09 ? 309 ARG A CG  1 
ATOM   65  C CD  . ARG A 1 13  ? -0.768  -3.943  -14.302 1.00 28.83 ? 309 ARG A CD  1 
ATOM   66  N NE  . ARG A 1 13  ? 0.181   -2.910  -14.562 1.00 28.70 ? 309 ARG A NE  1 
ATOM   67  C CZ  . ARG A 1 13  ? -0.072  -1.614  -14.472 1.00 28.16 ? 309 ARG A CZ  1 
ATOM   68  N NH1 . ARG A 1 13  ? -1.250  -1.128  -14.002 1.00 23.76 ? 309 ARG A NH1 1 
ATOM   69  N NH2 . ARG A 1 13  ? 0.870   -0.809  -14.861 1.00 27.89 ? 309 ARG A NH2 1 
ATOM   70  N N   . GLU A 1 14  ? -3.174  -8.098  -10.553 1.00 22.94 ? 310 GLU A N   1 
ATOM   71  C CA  . GLU A 1 14  ? -4.265  -8.744  -9.880  1.00 23.05 ? 310 GLU A CA  1 
ATOM   72  C C   . GLU A 1 14  ? -4.273  -8.634  -8.289  1.00 21.34 ? 310 GLU A C   1 
ATOM   73  O O   . GLU A 1 14  ? -3.193  -8.439  -7.636  1.00 19.55 ? 310 GLU A O   1 
ATOM   74  C CB  . GLU A 1 14  ? -4.384  -10.159 -10.414 1.00 22.70 ? 310 GLU A CB  1 
ATOM   75  C CG  . GLU A 1 14  ? -3.967  -11.275 -9.492  1.00 34.04 ? 310 GLU A CG  1 
ATOM   76  C CD  . GLU A 1 14  ? -5.110  -12.405 -9.296  1.00 46.41 ? 310 GLU A CD  1 
ATOM   77  O OE1 . GLU A 1 14  ? -5.100  -13.349 -10.214 1.00 51.95 ? 310 GLU A OE1 1 
ATOM   78  O OE2 . GLU A 1 14  ? -5.975  -12.386 -8.256  1.00 41.42 ? 310 GLU A OE2 1 
ATOM   79  N N   . PRO A 1 15  ? -5.437  -8.767  -7.670  1.00 20.01 ? 311 PRO A N   1 
ATOM   80  C CA  . PRO A 1 15  ? -5.541  -8.573  -6.231  1.00 21.72 ? 311 PRO A CA  1 
ATOM   81  C C   . PRO A 1 15  ? -4.805  -9.658  -5.521  1.00 23.20 ? 311 PRO A C   1 
ATOM   82  O O   . PRO A 1 15  ? -4.723  -10.768 -6.084  1.00 26.99 ? 311 PRO A O   1 
ATOM   83  C CB  . PRO A 1 15  ? -7.041  -8.598  -5.975  1.00 23.75 ? 311 PRO A CB  1 
ATOM   84  C CG  . PRO A 1 15  ? -7.617  -8.260  -7.287  1.00 22.51 ? 311 PRO A CG  1 
ATOM   85  C CD  . PRO A 1 15  ? -6.742  -8.953  -8.313  1.00 18.99 ? 311 PRO A CD  1 
ATOM   86  N N   . ARG A 1 16  ? -4.090  -9.380  -4.452  1.00 20.38 ? 312 ARG A N   1 
ATOM   87  C CA  . ARG A 1 16  ? -3.396  -10.421 -3.698  1.00 21.65 ? 312 ARG A CA  1 
ATOM   88  C C   . ARG A 1 16  ? -3.847  -10.301 -2.267  1.00 21.75 ? 312 ARG A C   1 
ATOM   89  O O   . ARG A 1 16  ? -4.289  -9.231  -1.837  1.00 20.93 ? 312 ARG A O   1 
ATOM   90  C CB  . ARG A 1 16  ? -1.852  -10.320 -3.791  1.00 21.73 ? 312 ARG A CB  1 
ATOM   91  C CG  . ARG A 1 16  ? -1.259  -10.217 -5.209  1.00 22.71 ? 312 ARG A CG  1 
ATOM   92  C CD  . ARG A 1 16  ? -0.857  -8.870  -5.570  1.00 24.63 ? 312 ARG A CD  1 
ATOM   93  N NE  . ARG A 1 16  ? -0.024  -8.311  -4.482  1.00 21.72 ? 312 ARG A NE  1 
ATOM   94  C CZ  . ARG A 1 16  ? 0.217   -7.051  -4.313  1.00 20.28 ? 312 ARG A CZ  1 
ATOM   95  N NH1 . ARG A 1 16  ? -0.254  -6.165  -5.177  1.00 18.53 ? 312 ARG A NH1 1 
ATOM   96  N NH2 . ARG A 1 16  ? 1.070   -6.704  -3.365  1.00 23.05 ? 312 ARG A NH2 1 
ATOM   97  N N   . ARG A 1 17  ? -3.867  -11.425 -1.560  1.00 22.17 ? 313 ARG A N   1 
ATOM   98  C CA  . ARG A 1 17  ? -4.001  -11.444 -0.103  1.00 23.21 ? 313 ARG A CA  1 
ATOM   99  C C   . ARG A 1 17  ? -2.694  -11.534 0.581   1.00 22.55 ? 313 ARG A C   1 
ATOM   100 O O   . ARG A 1 17  ? -1.873  -12.359 0.224   1.00 19.86 ? 313 ARG A O   1 
ATOM   101 C CB  . ARG A 1 17  ? -4.775  -12.668 0.321   1.00 25.41 ? 313 ARG A CB  1 
ATOM   102 C CG  . ARG A 1 17  ? -5.304  -12.609 1.856   1.00 30.23 ? 313 ARG A CG  1 
ATOM   103 C CD  . ARG A 1 17  ? -5.888  -13.941 2.357   1.00 34.39 ? 313 ARG A CD  1 
ATOM   104 N NE  . ARG A 1 17  ? -7.118  -14.181 1.612   1.00 35.03 ? 313 ARG A NE  1 
ATOM   105 C CZ  . ARG A 1 17  ? -7.217  -14.914 0.475   1.00 38.68 ? 313 ARG A CZ  1 
ATOM   106 N NH1 . ARG A 1 17  ? -6.156  -15.528 -0.061  1.00 36.24 ? 313 ARG A NH1 1 
ATOM   107 N NH2 . ARG A 1 17  ? -8.408  -15.040 -0.127  1.00 30.99 ? 313 ARG A NH2 1 
ATOM   108 N N   . ILE A 1 18  ? -2.477  -10.687 1.608   1.00 24.13 ? 314 ILE A N   1 
ATOM   109 C CA  . ILE A 1 18  ? -1.162  -10.630 2.333   1.00 22.89 ? 314 ILE A CA  1 
ATOM   110 C C   . ILE A 1 18  ? -1.473  -10.650 3.843   1.00 23.90 ? 314 ILE A C   1 
ATOM   111 O O   . ILE A 1 18  ? -2.228  -9.834  4.359   1.00 21.85 ? 314 ILE A O   1 
ATOM   112 C CB  . ILE A 1 18  ? -0.427  -9.310  2.042   1.00 23.39 ? 314 ILE A CB  1 
ATOM   113 C CG1 . ILE A 1 18  ? -0.095  -9.140  0.547   1.00 20.41 ? 314 ILE A CG1 1 
ATOM   114 C CG2 . ILE A 1 18  ? 0.748   -9.208  2.911   1.00 19.03 ? 314 ILE A CG2 1 
ATOM   115 C CD1 . ILE A 1 18  ? -1.144  -8.363  -0.211  1.00 21.00 ? 314 ILE A CD1 1 
ATOM   116 N N   . VAL A 1 19  ? -0.882  -11.635 4.524   1.00 25.09 ? 315 VAL A N   1 
ATOM   117 C CA  . VAL A 1 19  ? -1.040  -11.747 5.951   1.00 24.13 ? 315 VAL A CA  1 
ATOM   118 C C   . VAL A 1 19  ? 0.213   -11.448 6.703   1.00 24.18 ? 315 VAL A C   1 
ATOM   119 O O   . VAL A 1 19  ? 1.276   -12.086 6.506   1.00 25.75 ? 315 VAL A O   1 
ATOM   120 C CB  . VAL A 1 19  ? -1.491  -13.144 6.359   1.00 24.31 ? 315 VAL A CB  1 
ATOM   121 C CG1 . VAL A 1 19  ? -1.622  -13.164 7.845   1.00 27.55 ? 315 VAL A CG1 1 
ATOM   122 C CG2 . VAL A 1 19  ? -2.750  -13.626 5.678   1.00 22.06 ? 315 VAL A CG2 1 
ATOM   123 N N   . ILE A 1 20  ? 0.038   -10.485 7.601   1.00 23.12 ? 316 ILE A N   1 
ATOM   124 C CA  . ILE A 1 20  ? 1.107   -9.894  8.343   1.00 23.87 ? 316 ILE A CA  1 
ATOM   125 C C   . ILE A 1 20  ? 0.872   -10.041 9.830   1.00 22.86 ? 316 ILE A C   1 
ATOM   126 O O   . ILE A 1 20  ? -0.049  -9.541  10.330  1.00 20.60 ? 316 ILE A O   1 
ATOM   127 C CB  . ILE A 1 20  ? 1.211   -8.470  8.078   1.00 23.04 ? 316 ILE A CB  1 
ATOM   128 C CG1 . ILE A 1 20  ? 1.917   -8.269  6.778   1.00 25.39 ? 316 ILE A CG1 1 
ATOM   129 C CG2 . ILE A 1 20  ? 2.068   -7.824  9.118   1.00 24.49 ? 316 ILE A CG2 1 
ATOM   130 C CD1 . ILE A 1 20  ? 1.857   -6.839  6.381   1.00 23.28 ? 316 ILE A CD1 1 
ATOM   131 N N   . HIS A 1 21  ? 1.796   -10.710 10.477  1.00 25.60 ? 317 HIS A N   1 
ATOM   132 C CA  . HIS A 1 21  ? 1.749   -10.978 11.900  1.00 26.57 ? 317 HIS A CA  1 
ATOM   133 C C   . HIS A 1 21  ? 2.737   -9.982  12.573  1.00 26.65 ? 317 HIS A C   1 
ATOM   134 O O   . HIS A 1 21  ? 3.955   -10.208 12.600  1.00 25.38 ? 317 HIS A O   1 
ATOM   135 C CB  . HIS A 1 21  ? 2.152   -12.412 12.152  1.00 27.60 ? 317 HIS A CB  1 
ATOM   136 C CG  . HIS A 1 21  ? 1.356   -13.366 11.323  1.00 33.22 ? 317 HIS A CG  1 
ATOM   137 N ND1 . HIS A 1 21  ? -0.018  -13.484 11.450  1.00 35.07 ? 317 HIS A ND1 1 
ATOM   138 C CD2 . HIS A 1 21  ? 1.721   -14.177 10.284  1.00 35.81 ? 317 HIS A CD2 1 
ATOM   139 C CE1 . HIS A 1 21  ? -0.468  -14.341 10.543  1.00 36.88 ? 317 HIS A CE1 1 
ATOM   140 N NE2 . HIS A 1 21  ? 0.571   -14.796 9.841   1.00 39.88 ? 317 HIS A NE2 1 
ATOM   141 N N   . ARG A 1 22  ? 2.204   -8.902  13.122  1.00 24.48 ? 318 ARG A N   1 
ATOM   142 C CA  . ARG A 1 22  ? 3.048   -7.874  13.669  1.00 25.40 ? 318 ARG A CA  1 
ATOM   143 C C   . ARG A 1 22  ? 2.857   -7.701  15.187  1.00 24.68 ? 318 ARG A C   1 
ATOM   144 O O   . ARG A 1 22  ? 3.383   -6.696  15.799  1.00 25.39 ? 318 ARG A O   1 
ATOM   145 C CB  . ARG A 1 22  ? 2.782   -6.556  12.952  1.00 24.72 ? 318 ARG A CB  1 
ATOM   146 C CG  . ARG A 1 22  ? 1.408   -6.150  12.858  1.00 25.48 ? 318 ARG A CG  1 
ATOM   147 C CD  . ARG A 1 22  ? 0.743   -5.785  14.142  1.00 28.54 ? 318 ARG A CD  1 
ATOM   148 N NE  . ARG A 1 22  ? -0.646  -5.277  13.975  1.00 26.05 ? 318 ARG A NE  1 
ATOM   149 C CZ  . ARG A 1 22  ? -1.026  -4.010  13.631  1.00 28.43 ? 318 ARG A CZ  1 
ATOM   150 N NH1 . ARG A 1 22  ? -0.127  -3.034  13.446  1.00 29.90 ? 318 ARG A NH1 1 
ATOM   151 N NH2 . ARG A 1 22  ? -2.353  -3.722  13.446  1.00 23.99 ? 318 ARG A NH2 1 
ATOM   152 N N   . GLY A 1 23  ? 2.117   -8.598  15.830  1.00 23.59 ? 319 GLY A N   1 
ATOM   153 C CA  . GLY A 1 23  ? 1.892   -8.423  17.261  1.00 25.66 ? 319 GLY A CA  1 
ATOM   154 C C   . GLY A 1 23  ? 1.272   -7.052  17.615  1.00 24.47 ? 319 GLY A C   1 
ATOM   155 O O   . GLY A 1 23  ? 0.249   -6.683  16.998  1.00 24.22 ? 319 GLY A O   1 
ATOM   156 N N   . SER A 1 24  ? 1.820   -6.343  18.620  1.00 23.09 ? 320 SER A N   1 
ATOM   157 C CA  . SER A 1 24  ? 1.454   -4.944  18.987  1.00 23.97 ? 320 SER A CA  1 
ATOM   158 C C   . SER A 1 24  ? 2.572   -3.943  18.662  1.00 23.46 ? 320 SER A C   1 
ATOM   159 O O   . SER A 1 24  ? 2.840   -3.013  19.415  1.00 22.79 ? 320 SER A O   1 
ATOM   160 C CB  . SER A 1 24  ? 1.058   -4.866  20.503  1.00 24.82 ? 320 SER A CB  1 
ATOM   161 O OG  . SER A 1 24  ? 0.111   -5.890  20.830  1.00 26.67 ? 320 SER A OG  1 
ATOM   162 N N   . THR A 1 25  ? 3.148   -4.163  17.474  1.00 24.52 ? 321 THR A N   1 
ATOM   163 C CA  . THR A 1 25  ? 4.009   -3.287  16.740  1.00 24.07 ? 321 THR A CA  1 
ATOM   164 C C   . THR A 1 25  ? 3.386   -2.713  15.424  1.00 24.93 ? 321 THR A C   1 
ATOM   165 O O   . THR A 1 25  ? 2.484   -3.271  14.773  1.00 23.10 ? 321 THR A O   1 
ATOM   166 C CB  . THR A 1 25  ? 5.370   -4.040  16.406  1.00 25.20 ? 321 THR A CB  1 
ATOM   167 O OG1 . THR A 1 25  ? 5.228   -5.048  15.360  1.00 19.69 ? 321 THR A OG1 1 
ATOM   168 C CG2 . THR A 1 25  ? 5.879   -4.811  17.721  1.00 26.03 ? 321 THR A CG2 1 
ATOM   169 N N   . GLY A 1 26  ? 3.986   -1.649  15.008  1.00 24.07 ? 322 GLY A N   1 
ATOM   170 C CA  . GLY A 1 26  ? 3.726   -1.084  13.721  1.00 24.57 ? 322 GLY A CA  1 
ATOM   171 C C   . GLY A 1 26  ? 3.927   -2.013  12.495  1.00 24.53 ? 322 GLY A C   1 
ATOM   172 O O   . GLY A 1 26  ? 4.878   -2.784  12.348  1.00 23.24 ? 322 GLY A O   1 
ATOM   173 N N   . LEU A 1 27  ? 3.036   -1.791  11.532  1.00 23.65 ? 323 LEU A N   1 
ATOM   174 C CA  . LEU A 1 27  ? 3.063   -2.450  10.240  1.00 22.87 ? 323 LEU A CA  1 
ATOM   175 C C   . LEU A 1 27  ? 4.236   -2.098  9.349   1.00 21.73 ? 323 LEU A C   1 
ATOM   176 O O   . LEU A 1 27  ? 4.754   -2.929  8.580   1.00 21.41 ? 323 LEU A O   1 
ATOM   177 C CB  . LEU A 1 27  ? 1.722   -2.166  9.498   1.00 23.66 ? 323 LEU A CB  1 
ATOM   178 C CG  . LEU A 1 27  ? 0.528   -2.852  10.058  1.00 23.99 ? 323 LEU A CG  1 
ATOM   179 C CD1 . LEU A 1 27  ? -0.675  -2.415  9.404   1.00 24.46 ? 323 LEU A CD1 1 
ATOM   180 C CD2 . LEU A 1 27  ? 0.603   -4.312  9.897   1.00 26.69 ? 323 LEU A CD2 1 
ATOM   181 N N   . GLY A 1 28  ? 4.738   -0.904  9.508   1.00 23.21 ? 324 GLY A N   1 
ATOM   182 C CA  . GLY A 1 28  ? 5.898   -0.484  8.769   1.00 23.58 ? 324 GLY A CA  1 
ATOM   183 C C   . GLY A 1 28  ? 5.683   -0.044  7.359   1.00 22.74 ? 324 GLY A C   1 
ATOM   184 O O   . GLY A 1 28  ? 6.495   -0.328  6.465   1.00 22.20 ? 324 GLY A O   1 
ATOM   185 N N   . PHE A 1 29  ? 4.604   0.698   7.145   1.00 23.77 ? 325 PHE A N   1 
ATOM   186 C CA  . PHE A 1 29  ? 4.399   1.387   5.836   1.00 21.17 ? 325 PHE A CA  1 
ATOM   187 C C   . PHE A 1 29  ? 3.473   2.566   6.063   1.00 21.58 ? 325 PHE A C   1 
ATOM   188 O O   . PHE A 1 29  ? 2.814   2.645   7.093   1.00 21.16 ? 325 PHE A O   1 
ATOM   189 C CB  . PHE A 1 29  ? 3.894   0.402   4.761   1.00 23.61 ? 325 PHE A CB  1 
ATOM   190 C CG  . PHE A 1 29  ? 2.507   -0.062  4.929   1.00 19.76 ? 325 PHE A CG  1 
ATOM   191 C CD1 . PHE A 1 29  ? 1.473   0.690   4.464   1.00 22.88 ? 325 PHE A CD1 1 
ATOM   192 C CD2 . PHE A 1 29  ? 2.242   -1.287  5.519   1.00 22.74 ? 325 PHE A CD2 1 
ATOM   193 C CE1 . PHE A 1 29  ? 0.198   0.244   4.640   1.00 21.20 ? 325 PHE A CE1 1 
ATOM   194 C CE2 . PHE A 1 29  ? 0.980   -1.689  5.755   1.00 23.38 ? 325 PHE A CE2 1 
ATOM   195 C CZ  . PHE A 1 29  ? -0.062  -0.967  5.189   1.00 22.26 ? 325 PHE A CZ  1 
ATOM   196 N N   . ASN A 1 30  ? 3.505   3.476   5.123   1.00 22.56 ? 326 ASN A N   1 
ATOM   197 C CA  . ASN A 1 30  ? 2.831   4.749   5.148   1.00 21.42 ? 326 ASN A CA  1 
ATOM   198 C C   . ASN A 1 30  ? 1.897   4.681   3.997   1.00 20.37 ? 326 ASN A C   1 
ATOM   199 O O   . ASN A 1 30  ? 2.153   3.923   3.079   1.00 17.35 ? 326 ASN A O   1 
ATOM   200 C CB  . ASN A 1 30  ? 3.713   5.844   4.820   1.00 22.94 ? 326 ASN A CB  1 
ATOM   201 C CG  . ASN A 1 30  ? 4.743   6.105   5.884   1.00 30.02 ? 326 ASN A CG  1 
ATOM   202 O OD1 . ASN A 1 30  ? 4.731   5.497   6.897   1.00 33.17 ? 326 ASN A OD1 1 
ATOM   203 N ND2 . ASN A 1 30  ? 5.728   6.999   5.559   1.00 33.98 ? 326 ASN A ND2 1 
ATOM   204 N N   . ILE A 1 31  ? 0.834   5.463   4.094   1.00 17.34 ? 327 ILE A N   1 
ATOM   205 C CA  . ILE A 1 31  ? -0.166  5.494   3.130   1.00 22.52 ? 327 ILE A CA  1 
ATOM   206 C C   . ILE A 1 31  ? -0.400  6.926   2.748   1.00 21.38 ? 327 ILE A C   1 
ATOM   207 O O   . ILE A 1 31  ? -0.147  7.811   3.523   1.00 24.07 ? 327 ILE A O   1 
ATOM   208 C CB  . ILE A 1 31  ? -1.521  4.906   3.702   1.00 23.20 ? 327 ILE A CB  1 
ATOM   209 C CG1 . ILE A 1 31  ? -1.946  5.481   5.066   1.00 23.91 ? 327 ILE A CG1 1 
ATOM   210 C CG2 . ILE A 1 31  ? -1.361  3.482   3.931   1.00 24.21 ? 327 ILE A CG2 1 
ATOM   211 C CD1 . ILE A 1 31  ? -3.388  5.633   5.215   1.00 23.01 ? 327 ILE A CD1 1 
ATOM   212 N N   . VAL A 1 32  ? -0.840  7.093   1.545   1.00 20.70 ? 328 VAL A N   1 
ATOM   213 C CA  . VAL A 1 32  ? -1.347  8.334   1.034   1.00 23.53 ? 328 VAL A CA  1 
ATOM   214 C C   . VAL A 1 32  ? -2.701  8.076   0.338   1.00 22.82 ? 328 VAL A C   1 
ATOM   215 O O   . VAL A 1 32  ? -3.058  6.932   -0.002  1.00 19.62 ? 328 VAL A O   1 
ATOM   216 C CB  . VAL A 1 32  ? -0.401  8.928   -0.077  1.00 24.31 ? 328 VAL A CB  1 
ATOM   217 C CG1 . VAL A 1 32  ? 0.928   9.278   0.420   1.00 26.43 ? 328 VAL A CG1 1 
ATOM   218 C CG2 . VAL A 1 32  ? -0.185  7.822   -1.070  1.00 26.26 ? 328 VAL A CG2 1 
ATOM   219 N N   . GLY A 1 33  ? -3.366  9.183   0.083   1.00 24.03 ? 329 GLY A N   1 
ATOM   220 C CA  . GLY A 1 33  ? -4.702  9.289   -0.534  1.00 22.81 ? 329 GLY A CA  1 
ATOM   221 C C   . GLY A 1 33  ? -5.887  9.291   0.441   1.00 25.46 ? 329 GLY A C   1 
ATOM   222 O O   . GLY A 1 33  ? -5.829  9.735   1.640   1.00 26.04 ? 329 GLY A O   1 
ATOM   223 N N   . GLY A 1 34  ? -7.042  8.859   -0.066  1.00 23.96 ? 330 GLY A N   1 
ATOM   224 C CA  . GLY A 1 34  ? -8.233  8.923   0.772   1.00 27.14 ? 330 GLY A CA  1 
ATOM   225 C C   . GLY A 1 34  ? -9.132  10.155  0.721   1.00 28.61 ? 330 GLY A C   1 
ATOM   226 O O   . GLY A 1 34  ? -10.226 10.146  1.393   1.00 28.82 ? 330 GLY A O   1 
ATOM   227 N N   . GLU A 1 35  ? -8.764  11.163  -0.068  1.00 30.47 ? 331 GLU A N   1 
ATOM   228 C CA  . GLU A 1 35  ? -9.762  12.197  -0.429  1.00 34.64 ? 331 GLU A CA  1 
ATOM   229 C C   . GLU A 1 35  ? -10.817 11.885  -1.487  1.00 34.80 ? 331 GLU A C   1 
ATOM   230 O O   . GLU A 1 35  ? -10.472 11.503  -2.561  1.00 36.50 ? 331 GLU A O   1 
ATOM   231 C CB  . GLU A 1 35  ? -9.084  13.482  -0.836  1.00 35.09 ? 331 GLU A CB  1 
ATOM   232 C CG  . GLU A 1 35  ? -9.146  14.446  0.378   1.00 43.96 ? 331 GLU A CG  1 
ATOM   233 C CD  . GLU A 1 35  ? -7.851  14.534  1.179   1.00 52.45 ? 331 GLU A CD  1 
ATOM   234 O OE1 . GLU A 1 35  ? -7.004  15.423  0.743   1.00 57.64 ? 331 GLU A OE1 1 
ATOM   235 O OE2 . GLU A 1 35  ? -7.667  13.723  2.201   1.00 53.53 ? 331 GLU A OE2 1 
ATOM   236 N N   . ASP A 1 36  ? -12.099 12.103  -1.223  1.00 35.65 ? 332 ASP A N   1 
ATOM   237 C CA  . ASP A 1 36  ? -13.117 11.884  -2.265  1.00 36.05 ? 332 ASP A CA  1 
ATOM   238 C C   . ASP A 1 36  ? -12.951 10.423  -2.902  1.00 36.06 ? 332 ASP A C   1 
ATOM   239 O O   . ASP A 1 36  ? -13.002 10.310  -4.167  1.00 35.23 ? 332 ASP A O   1 
ATOM   240 C CB  . ASP A 1 36  ? -12.988 12.986  -3.400  1.00 37.82 ? 332 ASP A CB  1 
ATOM   241 N N   . GLY A 1 37  ? -12.717 9.347   -2.084  1.00 33.08 ? 333 GLY A N   1 
ATOM   242 C CA  . GLY A 1 37  ? -12.729 7.996   -2.635  1.00 32.62 ? 333 GLY A CA  1 
ATOM   243 C C   . GLY A 1 37  ? -11.626 7.705   -3.696  1.00 31.22 ? 333 GLY A C   1 
ATOM   244 O O   . GLY A 1 37  ? -11.641 6.647   -4.384  1.00 31.38 ? 333 GLY A O   1 
ATOM   245 N N   . GLU A 1 38  ? -10.601 8.592   -3.692  1.00 29.75 ? 334 GLU A N   1 
ATOM   246 C CA  . GLU A 1 38  ? -9.348  8.508   -4.422  1.00 28.44 ? 334 GLU A CA  1 
ATOM   247 C C   . GLU A 1 38  ? -8.688  7.106   -4.231  1.00 26.56 ? 334 GLU A C   1 
ATOM   248 O O   . GLU A 1 38  ? -8.037  6.606   -5.155  1.00 24.35 ? 334 GLU A O   1 
ATOM   249 C CB  . GLU A 1 38  ? -8.458  9.593   -3.793  1.00 30.67 ? 334 GLU A CB  1 
ATOM   250 C CG  . GLU A 1 38  ? -7.107  9.777   -4.305  1.00 35.94 ? 334 GLU A CG  1 
ATOM   251 C CD  . GLU A 1 38  ? -6.852  11.174  -4.891  1.00 47.67 ? 334 GLU A CD  1 
ATOM   252 O OE1 . GLU A 1 38  ? -6.303  11.296  -6.143  1.00 51.69 ? 334 GLU A OE1 1 
ATOM   253 O OE2 . GLU A 1 38  ? -7.185  12.107  -4.100  1.00 49.05 ? 334 GLU A OE2 1 
ATOM   254 N N   . GLY A 1 39  ? -8.866  6.475   -3.055  1.00 23.82 ? 335 GLY A N   1 
ATOM   255 C CA  . GLY A 1 39  ? -8.172  5.218   -2.728  1.00 22.46 ? 335 GLY A CA  1 
ATOM   256 C C   . GLY A 1 39  ? -7.026  5.417   -1.773  1.00 19.56 ? 335 GLY A C   1 
ATOM   257 O O   . GLY A 1 39  ? -6.590  6.554   -1.675  1.00 16.44 ? 335 GLY A O   1 
ATOM   258 N N   . ILE A 1 40  ? -6.551  4.339   -1.114  1.00 19.85 ? 336 ILE A N   1 
ATOM   259 C CA  . ILE A 1 40  ? -5.427  4.365   -0.145  1.00 20.19 ? 336 ILE A CA  1 
ATOM   260 C C   . ILE A 1 40  ? -4.257  3.587   -0.724  1.00 19.71 ? 336 ILE A C   1 
ATOM   261 O O   . ILE A 1 40  ? -4.432  2.446   -1.034  1.00 19.33 ? 336 ILE A O   1 
ATOM   262 C CB  . ILE A 1 40  ? -5.873  3.720   1.150   1.00 20.91 ? 336 ILE A CB  1 
ATOM   263 C CG1 . ILE A 1 40  ? -7.061  4.552   1.810   1.00 19.41 ? 336 ILE A CG1 1 
ATOM   264 C CG2 . ILE A 1 40  ? -4.727  3.512   2.213   1.00 24.32 ? 336 ILE A CG2 1 
ATOM   265 C CD1 . ILE A 1 40  ? -6.733  6.015   1.971   1.00 22.77 ? 336 ILE A CD1 1 
ATOM   266 N N   . PHE A 1 41  ? -3.108  4.228   -0.831  1.00 19.11 ? 337 PHE A N   1 
ATOM   267 C CA  . PHE A 1 41  ? -1.879  3.670   -1.530  1.00 19.98 ? 337 PHE A CA  1 
ATOM   268 C C   . PHE A 1 41  ? -0.759  3.606   -0.553  1.00 18.83 ? 337 PHE A C   1 
ATOM   269 O O   . PHE A 1 41  ? -0.689  4.384   0.398   1.00 19.37 ? 337 PHE A O   1 
ATOM   270 C CB  . PHE A 1 41  ? -1.490  4.427   -2.751  1.00 16.93 ? 337 PHE A CB  1 
ATOM   271 C CG  . PHE A 1 41  ? -2.604  4.445   -3.784  1.00 19.37 ? 337 PHE A CG  1 
ATOM   272 C CD1 . PHE A 1 41  ? -3.635  5.364   -3.705  1.00 17.81 ? 337 PHE A CD1 1 
ATOM   273 C CD2 . PHE A 1 41  ? -2.692  3.488   -4.728  1.00 20.66 ? 337 PHE A CD2 1 
ATOM   274 C CE1 . PHE A 1 41  ? -4.679  5.311   -4.508  1.00 16.09 ? 337 PHE A CE1 1 
ATOM   275 C CE2 . PHE A 1 41  ? -3.757  3.493   -5.572  1.00 20.54 ? 337 PHE A CE2 1 
ATOM   276 C CZ  . PHE A 1 41  ? -4.726  4.412   -5.476  1.00 18.72 ? 337 PHE A CZ  1 
ATOM   277 N N   . ILE A 1 42  ? 0.002   2.526   -0.690  1.00 19.59 ? 338 ILE A N   1 
ATOM   278 C CA  . ILE A 1 42  ? 1.193   2.404   0.089   1.00 19.99 ? 338 ILE A CA  1 
ATOM   279 C C   . ILE A 1 42  ? 2.218   3.339   -0.530  1.00 19.61 ? 338 ILE A C   1 
ATOM   280 O O   . ILE A 1 42  ? 2.496   3.247   -1.727  1.00 18.67 ? 338 ILE A O   1 
ATOM   281 C CB  . ILE A 1 42  ? 1.695   0.961   0.106   1.00 18.10 ? 338 ILE A CB  1 
ATOM   282 C CG1 . ILE A 1 42  ? 0.666   0.021   0.764   1.00 18.94 ? 338 ILE A CG1 1 
ATOM   283 C CG2 . ILE A 1 42  ? 2.897   0.913   0.898   1.00 20.33 ? 338 ILE A CG2 1 
ATOM   284 C CD1 . ILE A 1 42  ? 1.210   -1.469  0.834   1.00 16.53 ? 338 ILE A CD1 1 
ATOM   285 N N   . SER A 1 43  ? 2.813   4.194   0.253   1.00 19.64 ? 339 SER A N   1 
ATOM   286 C CA  . SER A 1 43  ? 3.827   5.090   -0.329  1.00 23.48 ? 339 SER A CA  1 
ATOM   287 C C   . SER A 1 43  ? 5.335   4.764   0.009   1.00 25.05 ? 339 SER A C   1 
ATOM   288 O O   . SER A 1 43  ? 6.216   5.382   -0.604  1.00 28.07 ? 339 SER A O   1 
ATOM   289 C CB  . SER A 1 43  ? 3.578   6.527   0.096   1.00 21.61 ? 339 SER A CB  1 
ATOM   290 O OG  . SER A 1 43  ? 3.355   6.689   1.515   1.00 22.71 ? 339 SER A OG  1 
ATOM   291 N N   . PHE A 1 44  ? 5.560   4.033   1.085   1.00 25.49 ? 340 PHE A N   1 
ATOM   292 C CA  . PHE A 1 44  ? 6.884   3.913   1.811   1.00 22.44 ? 340 PHE A CA  1 
ATOM   293 C C   . PHE A 1 44  ? 6.703   2.713   2.675   1.00 23.78 ? 340 PHE A C   1 
ATOM   294 O O   . PHE A 1 44  ? 5.704   2.554   3.347   1.00 22.63 ? 340 PHE A O   1 
ATOM   295 C CB  . PHE A 1 44  ? 7.146   5.110   2.653   1.00 22.98 ? 340 PHE A CB  1 
ATOM   296 C CG  . PHE A 1 44  ? 8.342   4.992   3.533   1.00 20.42 ? 340 PHE A CG  1 
ATOM   297 C CD1 . PHE A 1 44  ? 8.207   4.527   4.808   1.00 23.71 ? 340 PHE A CD1 1 
ATOM   298 C CD2 . PHE A 1 44  ? 9.648   5.342   3.072   1.00 21.44 ? 340 PHE A CD2 1 
ATOM   299 C CE1 . PHE A 1 44  ? 9.328   4.415   5.585   1.00 23.73 ? 340 PHE A CE1 1 
ATOM   300 C CE2 . PHE A 1 44  ? 10.773  5.249   3.878   1.00 17.30 ? 340 PHE A CE2 1 
ATOM   301 C CZ  . PHE A 1 44  ? 10.642  4.827   5.086   1.00 20.10 ? 340 PHE A CZ  1 
ATOM   302 N N   . ILE A 1 45  ? 7.629   1.803   2.537   1.00 22.63 ? 341 ILE A N   1 
ATOM   303 C CA  . ILE A 1 45  ? 7.762   0.666   3.327   1.00 23.24 ? 341 ILE A CA  1 
ATOM   304 C C   . ILE A 1 45  ? 9.113   0.803   4.041   1.00 21.86 ? 341 ILE A C   1 
ATOM   305 O O   . ILE A 1 45  ? 10.201  1.031   3.443   1.00 20.21 ? 341 ILE A O   1 
ATOM   306 C CB  . ILE A 1 45  ? 7.790   -0.534  2.345   1.00 23.04 ? 341 ILE A CB  1 
ATOM   307 C CG1 . ILE A 1 45  ? 6.609   -0.405  1.392   1.00 24.23 ? 341 ILE A CG1 1 
ATOM   308 C CG2 . ILE A 1 45  ? 8.028   -1.856  3.147   1.00 26.01 ? 341 ILE A CG2 1 
ATOM   309 C CD1 . ILE A 1 45  ? 5.863   -1.527  1.130   1.00 24.70 ? 341 ILE A CD1 1 
ATOM   310 N N   . LEU A 1 46  ? 9.025   0.689   5.332   1.00 21.60 ? 342 LEU A N   1 
ATOM   311 C CA  . LEU A 1 46  ? 10.132  0.837   6.147   1.00 21.91 ? 342 LEU A CA  1 
ATOM   312 C C   . LEU A 1 46  ? 11.000  -0.359  6.074   1.00 21.12 ? 342 LEU A C   1 
ATOM   313 O O   . LEU A 1 46  ? 10.523  -1.475  6.306   1.00 23.47 ? 342 LEU A O   1 
ATOM   314 C CB  . LEU A 1 46  ? 9.692   0.971   7.564   1.00 24.03 ? 342 LEU A CB  1 
ATOM   315 C CG  . LEU A 1 46  ? 10.896  1.052   8.528   1.00 27.20 ? 342 LEU A CG  1 
ATOM   316 C CD1 . LEU A 1 46  ? 11.641  2.372   8.629   1.00 30.96 ? 342 LEU A CD1 1 
ATOM   317 C CD2 . LEU A 1 46  ? 10.397  0.660   9.860   1.00 32.03 ? 342 LEU A CD2 1 
ATOM   318 N N   . ALA A 1 47  ? 12.305  -0.124  5.890   1.00 21.07 ? 343 ALA A N   1 
ATOM   319 C CA  . ALA A 1 47  ? 13.220  -1.251  5.805   1.00 23.67 ? 343 ALA A CA  1 
ATOM   320 C C   . ALA A 1 47  ? 13.252  -2.013  7.121   1.00 24.70 ? 343 ALA A C   1 
ATOM   321 O O   . ALA A 1 47  ? 13.503  -1.421  8.183   1.00 23.12 ? 343 ALA A O   1 
ATOM   322 C CB  . ALA A 1 47  ? 14.638  -0.781  5.439   1.00 23.95 ? 343 ALA A CB  1 
ATOM   323 N N   . GLY A 1 48  ? 13.054  -3.306  7.069   1.00 24.33 ? 344 GLY A N   1 
ATOM   324 C CA  . GLY A 1 48  ? 13.110  -4.089  8.286   1.00 25.31 ? 344 GLY A CA  1 
ATOM   325 C C   . GLY A 1 48  ? 11.834  -4.253  9.048   1.00 23.26 ? 344 GLY A C   1 
ATOM   326 O O   . GLY A 1 48  ? 11.784  -5.155  9.882   1.00 23.10 ? 344 GLY A O   1 
ATOM   327 N N   . GLY A 1 49  ? 10.800  -3.463  8.721   1.00 22.90 ? 345 GLY A N   1 
ATOM   328 C CA  . GLY A 1 49  ? 9.467   -3.588  9.335   1.00 23.41 ? 345 GLY A CA  1 
ATOM   329 C C   . GLY A 1 49  ? 8.700   -4.820  8.874   1.00 21.78 ? 345 GLY A C   1 
ATOM   330 O O   . GLY A 1 49  ? 9.067   -5.546  7.971   1.00 19.52 ? 345 GLY A O   1 
ATOM   331 N N   . PRO A 1 50  ? 7.603   -5.025  9.509   1.00 23.03 ? 346 PRO A N   1 
ATOM   332 C CA  . PRO A 1 50  ? 6.828   -6.226  9.203   1.00 24.04 ? 346 PRO A CA  1 
ATOM   333 C C   . PRO A 1 50  ? 6.316   -6.228  7.770   1.00 25.59 ? 346 PRO A C   1 
ATOM   334 O O   . PRO A 1 50  ? 6.359   -7.278  7.109   1.00 27.40 ? 346 PRO A O   1 
ATOM   335 C CB  . PRO A 1 50  ? 5.692   -6.149  10.211  1.00 23.63 ? 346 PRO A CB  1 
ATOM   336 C CG  . PRO A 1 50  ? 6.258   -5.277  11.330  1.00 22.44 ? 346 PRO A CG  1 
ATOM   337 C CD  . PRO A 1 50  ? 7.052   -4.260  10.689  1.00 21.35 ? 346 PRO A CD  1 
ATOM   338 N N   . ALA A 1 51  ? 5.872   -5.086  7.257   1.00 23.77 ? 347 ALA A N   1 
ATOM   339 C CA  . ALA A 1 51  ? 5.407   -5.056  5.932   1.00 23.68 ? 347 ALA A CA  1 
ATOM   340 C C   . ALA A 1 51  ? 6.571   -5.425  4.949   1.00 25.47 ? 347 ALA A C   1 
ATOM   341 O O   . ALA A 1 51  ? 6.352   -6.145  3.964   1.00 28.13 ? 347 ALA A O   1 
ATOM   342 C CB  . ALA A 1 51  ? 4.750   -3.724  5.607   1.00 22.78 ? 347 ALA A CB  1 
ATOM   343 N N   . ASP A 1 52  ? 7.802   -4.988  5.234   1.00 26.52 ? 348 ASP A N   1 
ATOM   344 C CA  . ASP A 1 52  ? 8.963   -5.350  4.389   1.00 25.38 ? 348 ASP A CA  1 
ATOM   345 C C   . ASP A 1 52  ? 9.317   -6.790  4.521   1.00 26.17 ? 348 ASP A C   1 
ATOM   346 O O   . ASP A 1 52  ? 9.492   -7.513  3.518   1.00 22.15 ? 348 ASP A O   1 
ATOM   347 C CB  . ASP A 1 52  ? 10.148  -4.499  4.804   1.00 24.91 ? 348 ASP A CB  1 
ATOM   348 C CG  . ASP A 1 52  ? 11.496  -4.897  4.137   1.00 27.65 ? 348 ASP A CG  1 
ATOM   349 O OD1 . ASP A 1 52  ? 11.575  -5.530  3.057   1.00 30.00 ? 348 ASP A OD1 1 
ATOM   350 O OD2 . ASP A 1 52  ? 12.573  -4.647  4.712   1.00 18.65 ? 348 ASP A OD2 1 
ATOM   351 N N   . LEU A 1 53  ? 9.411   -7.209  5.758   1.00 26.18 ? 349 LEU A N   1 
ATOM   352 C CA  . LEU A 1 53  ? 9.684   -8.600  6.005   1.00 29.54 ? 349 LEU A CA  1 
ATOM   353 C C   . LEU A 1 53  ? 8.684   -9.643  5.283   1.00 28.96 ? 349 LEU A C   1 
ATOM   354 O O   . LEU A 1 53  ? 9.143   -10.694 4.793   1.00 28.58 ? 349 LEU A O   1 
ATOM   355 C CB  . LEU A 1 53  ? 9.821   -8.902  7.499   1.00 29.09 ? 349 LEU A CB  1 
ATOM   356 C CG  . LEU A 1 53  ? 10.917  -8.195  8.314   1.00 32.67 ? 349 LEU A CG  1 
ATOM   357 C CD1 . LEU A 1 53  ? 11.224  -8.922  9.634   1.00 32.92 ? 349 LEU A CD1 1 
ATOM   358 C CD2 . LEU A 1 53  ? 12.142  -7.946  7.578   1.00 35.44 ? 349 LEU A CD2 1 
ATOM   359 N N   . SER A 1 54  ? 7.424   -9.262  5.083   1.00 29.58 ? 350 SER A N   1 
ATOM   360 C CA  . SER A 1 54  ? 6.504   -10.075 4.309   1.00 28.37 ? 350 SER A CA  1 
ATOM   361 C C   . SER A 1 54  ? 6.918   -10.351 2.839   1.00 29.62 ? 350 SER A C   1 
ATOM   362 O O   . SER A 1 54  ? 6.511   -11.425 2.255   1.00 32.47 ? 350 SER A O   1 
ATOM   363 C CB  . SER A 1 54  ? 5.097   -9.489  4.343   1.00 27.75 ? 350 SER A CB  1 
ATOM   364 O OG  . SER A 1 54  ? 4.928   -8.405  3.396   1.00 25.19 ? 350 SER A OG  1 
ATOM   365 N N   . GLY A 1 55  ? 7.665   -9.433  2.210   1.00 28.52 ? 351 GLY A N   1 
ATOM   366 C CA  . GLY A 1 55  ? 8.016   -9.580  0.799   1.00 25.76 ? 351 GLY A CA  1 
ATOM   367 C C   . GLY A 1 55  ? 6.861   -9.357  -0.190  1.00 27.19 ? 351 GLY A C   1 
ATOM   368 O O   . GLY A 1 55  ? 7.115   -9.469  -1.408  1.00 28.79 ? 351 GLY A O   1 
ATOM   369 N N   . GLU A 1 56  ? 5.636   -9.020  0.267   1.00 24.28 ? 352 GLU A N   1 
ATOM   370 C CA  . GLU A 1 56  ? 4.415   -9.051  -0.587  1.00 24.51 ? 352 GLU A CA  1 
ATOM   371 C C   . GLU A 1 56  ? 3.586   -7.728  -0.811  1.00 24.50 ? 352 GLU A C   1 
ATOM   372 O O   . GLU A 1 56  ? 2.431   -7.752  -1.300  1.00 22.94 ? 352 GLU A O   1 
ATOM   373 C CB  . GLU A 1 56  ? 3.462   -10.090 -0.019  1.00 23.92 ? 352 GLU A CB  1 
ATOM   374 C CG  . GLU A 1 56  ? 3.969   -11.493 -0.128  1.00 30.46 ? 352 GLU A CG  1 
ATOM   375 C CD  . GLU A 1 56  ? 3.357   -12.503 0.888   1.00 37.82 ? 352 GLU A CD  1 
ATOM   376 O OE1 . GLU A 1 56  ? 4.176   -13.231 1.538   1.00 44.25 ? 352 GLU A OE1 1 
ATOM   377 O OE2 . GLU A 1 56  ? 2.099   -12.651 1.003   1.00 37.12 ? 352 GLU A OE2 1 
ATOM   378 N N   . LEU A 1 57  ? 4.179   -6.606  -0.364  1.00 25.02 ? 353 LEU A N   1 
ATOM   379 C CA  . LEU A 1 57  ? 3.675   -5.318  -0.559  1.00 22.92 ? 353 LEU A CA  1 
ATOM   380 C C   . LEU A 1 57  ? 4.779   -4.464  -1.133  1.00 22.29 ? 353 LEU A C   1 
ATOM   381 O O   . LEU A 1 57  ? 5.934   -4.619  -0.737  1.00 21.52 ? 353 LEU A O   1 
ATOM   382 C CB  . LEU A 1 57  ? 3.291   -4.722  0.749   1.00 23.19 ? 353 LEU A CB  1 
ATOM   383 C CG  . LEU A 1 57  ? 2.157   -5.375  1.423   1.00 19.22 ? 353 LEU A CG  1 
ATOM   384 C CD1 . LEU A 1 57  ? 2.266   -4.737  2.666   1.00 23.67 ? 353 LEU A CD1 1 
ATOM   385 C CD2 . LEU A 1 57  ? 0.747   -5.176  0.729   1.00 19.74 ? 353 LEU A CD2 1 
ATOM   386 N N   . ARG A 1 58  ? 4.385   -3.555  -2.017  1.00 21.00 ? 354 ARG A N   1 
ATOM   387 C CA  . ARG A 1 58  ? 5.183   -2.507  -2.484  1.00 21.06 ? 354 ARG A CA  1 
ATOM   388 C C   . ARG A 1 58  ? 4.472   -1.166  -2.626  1.00 18.86 ? 354 ARG A C   1 
ATOM   389 O O   . ARG A 1 58  ? 3.258   -1.068  -2.754  1.00 17.08 ? 354 ARG A O   1 
ATOM   390 C CB  . ARG A 1 58  ? 5.833   -2.976  -3.792  1.00 23.87 ? 354 ARG A CB  1 
ATOM   391 C CG  . ARG A 1 58  ? 4.882   -3.001  -4.851  1.00 30.51 ? 354 ARG A CG  1 
ATOM   392 C CD  . ARG A 1 58  ? 5.542   -3.005  -6.206  1.00 40.21 ? 354 ARG A CD  1 
ATOM   393 N NE  . ARG A 1 58  ? 6.261   -4.211  -6.584  1.00 44.52 ? 354 ARG A NE  1 
ATOM   394 C CZ  . ARG A 1 58  ? 7.590   -4.221  -6.910  1.00 48.13 ? 354 ARG A CZ  1 
ATOM   395 N NH1 . ARG A 1 58  ? 8.362   -3.068  -6.947  1.00 45.37 ? 354 ARG A NH1 1 
ATOM   396 N NH2 . ARG A 1 58  ? 8.136   -5.392  -7.265  1.00 45.18 ? 354 ARG A NH2 1 
ATOM   397 N N   . LYS A 1 59  ? 5.266   -0.087  -2.634  1.00 18.64 ? 355 LYS A N   1 
ATOM   398 C CA  . LYS A 1 59  ? 4.816   1.250   -3.041  1.00 18.93 ? 355 LYS A CA  1 
ATOM   399 C C   . LYS A 1 59  ? 4.053   1.217   -4.338  1.00 17.87 ? 355 LYS A C   1 
ATOM   400 O O   . LYS A 1 59  ? 4.424   0.595   -5.311  1.00 16.61 ? 355 LYS A O   1 
ATOM   401 C CB  . LYS A 1 59  ? 6.035   2.179   -3.261  1.00 21.74 ? 355 LYS A CB  1 
ATOM   402 C CG  . LYS A 1 59  ? 5.588   3.645   -3.415  1.00 20.04 ? 355 LYS A CG  1 
ATOM   403 C CD  . LYS A 1 59  ? 6.691   4.701   -3.545  1.00 27.30 ? 355 LYS A CD  1 
ATOM   404 C CE  . LYS A 1 59  ? 7.319   4.596   -4.942  1.00 26.56 ? 355 LYS A CE  1 
ATOM   405 N NZ  . LYS A 1 59  ? 8.332   5.658   -5.312  1.00 31.22 ? 355 LYS A NZ  1 
ATOM   406 N N   . GLY A 1 60  ? 2.961   1.913   -4.364  1.00 17.75 ? 356 GLY A N   1 
ATOM   407 C CA  . GLY A 1 60  ? 2.021   1.773   -5.469  1.00 14.40 ? 356 GLY A CA  1 
ATOM   408 C C   . GLY A 1 60  ? 0.961   0.788   -5.309  1.00 14.88 ? 356 GLY A C   1 
ATOM   409 O O   . GLY A 1 60  ? 0.065   0.844   -6.104  1.00 15.49 ? 356 GLY A O   1 
ATOM   410 N N   . ASP A 1 61  ? 1.008   -0.102  -4.281  1.00 16.32 ? 357 ASP A N   1 
ATOM   411 C CA  . ASP A 1 61  ? -0.105  -0.948  -3.958  1.00 15.89 ? 357 ASP A CA  1 
ATOM   412 C C   . ASP A 1 61  ? -1.304  -0.173  -3.387  1.00 18.05 ? 357 ASP A C   1 
ATOM   413 O O   . ASP A 1 61  ? -1.176  0.691   -2.548  1.00 16.84 ? 357 ASP A O   1 
ATOM   414 C CB  . ASP A 1 61  ? 0.257   -2.042  -2.988  1.00 15.11 ? 357 ASP A CB  1 
ATOM   415 C CG  . ASP A 1 61  ? 1.037   -3.172  -3.620  1.00 21.68 ? 357 ASP A CG  1 
ATOM   416 O OD1 . ASP A 1 61  ? 0.822   -3.485  -4.836  1.00 18.84 ? 357 ASP A OD1 1 
ATOM   417 O OD2 . ASP A 1 61  ? 1.815   -3.885  -2.865  1.00 18.81 ? 357 ASP A OD2 1 
ATOM   418 N N   . GLN A 1 62  ? -2.472  -0.496  -3.885  1.00 19.50 ? 358 GLN A N   1 
ATOM   419 C CA  . GLN A 1 62  ? -3.684  -0.054  -3.283  1.00 20.55 ? 358 GLN A CA  1 
ATOM   420 C C   . GLN A 1 62  ? -4.134  -1.012  -2.221  1.00 20.37 ? 358 GLN A C   1 
ATOM   421 O O   . GLN A 1 62  ? -4.176  -2.235  -2.450  1.00 23.15 ? 358 GLN A O   1 
ATOM   422 C CB  . GLN A 1 62  ? -4.852  0.130   -4.254  1.00 19.41 ? 358 GLN A CB  1 
ATOM   423 C CG  . GLN A 1 62  ? -5.981  1.083   -3.581  1.00 18.86 ? 358 GLN A CG  1 
ATOM   424 C CD  . GLN A 1 62  ? -7.325  1.347   -4.520  1.00 20.14 ? 358 GLN A CD  1 
ATOM   425 O OE1 . GLN A 1 62  ? -7.286  1.021   -5.668  1.00 23.58 ? 358 GLN A OE1 1 
ATOM   426 N NE2 . GLN A 1 62  ? -8.419  1.819   -3.945  1.00 16.85 ? 358 GLN A NE2 1 
ATOM   427 N N   . ILE A 1 63  ? -4.573  -0.463  -1.104  1.00 21.66 ? 359 ILE A N   1 
ATOM   428 C CA  . ILE A 1 63  ? -5.094  -1.283  -0.001  1.00 20.57 ? 359 ILE A CA  1 
ATOM   429 C C   . ILE A 1 63  ? -6.538  -1.395  -0.272  1.00 20.82 ? 359 ILE A C   1 
ATOM   430 O O   . ILE A 1 63  ? -7.283  -0.346  -0.180  1.00 16.12 ? 359 ILE A O   1 
ATOM   431 C CB  . ILE A 1 63  ? -4.963  -0.625  1.338   1.00 22.02 ? 359 ILE A CB  1 
ATOM   432 C CG1 . ILE A 1 63  ? -3.500  -0.379  1.762   1.00 24.65 ? 359 ILE A CG1 1 
ATOM   433 C CG2 . ILE A 1 63  ? -5.534  -1.497  2.373   1.00 22.93 ? 359 ILE A CG2 1 
ATOM   434 C CD1 . ILE A 1 63  ? -2.698  -1.383  1.406   1.00 23.03 ? 359 ILE A CD1 1 
ATOM   435 N N   . LEU A 1 64  ? -6.992  -2.611  -0.611  1.00 18.55 ? 360 LEU A N   1 
ATOM   436 C CA  . LEU A 1 64  ? -8.383  -2.659  -0.994  1.00 18.90 ? 360 LEU A CA  1 
ATOM   437 C C   . LEU A 1 64  ? -9.223  -3.046  0.170   1.00 19.66 ? 360 LEU A C   1 
ATOM   438 O O   . LEU A 1 64  ? -10.360 -2.556  0.358   1.00 20.68 ? 360 LEU A O   1 
ATOM   439 C CB  . LEU A 1 64  ? -8.617  -3.693  -2.106  1.00 20.06 ? 360 LEU A CB  1 
ATOM   440 C CG  . LEU A 1 64  ? -7.953  -3.598  -3.422  1.00 19.83 ? 360 LEU A CG  1 
ATOM   441 C CD1 . LEU A 1 64  ? -8.441  -4.779  -4.331  1.00 18.93 ? 360 LEU A CD1 1 
ATOM   442 C CD2 . LEU A 1 64  ? -8.200  -2.275  -4.011  1.00 22.44 ? 360 LEU A CD2 1 
ATOM   443 N N   . SER A 1 65  ? -8.653  -3.862  1.077   1.00 21.20 ? 361 SER A N   1 
ATOM   444 C CA  . SER A 1 65  ? -9.343  -4.014  2.384   1.00 21.00 ? 361 SER A CA  1 
ATOM   445 C C   . SER A 1 65  ? -8.392  -4.401  3.546   1.00 22.36 ? 361 SER A C   1 
ATOM   446 O O   . SER A 1 65  ? -7.323  -4.848  3.325   1.00 22.98 ? 361 SER A O   1 
ATOM   447 C CB  . SER A 1 65  ? -10.458 -5.079  2.280   1.00 19.12 ? 361 SER A CB  1 
ATOM   448 O OG  . SER A 1 65  ? -9.906  -6.251  1.859   1.00 21.96 ? 361 SER A OG  1 
ATOM   449 N N   . VAL A 1 66  ? -8.844  -4.271  4.758   1.00 23.33 ? 362 VAL A N   1 
ATOM   450 C CA  . VAL A 1 66  ? -8.093  -4.731  5.850   1.00 28.01 ? 362 VAL A CA  1 
ATOM   451 C C   . VAL A 1 66  ? -8.962  -5.520  6.812   1.00 28.11 ? 362 VAL A C   1 
ATOM   452 O O   . VAL A 1 66  ? -10.091 -5.095  7.130   1.00 27.91 ? 362 VAL A O   1 
ATOM   453 C CB  . VAL A 1 66  ? -7.280  -3.617  6.536   1.00 27.50 ? 362 VAL A CB  1 
ATOM   454 C CG1 . VAL A 1 66  ? -8.007  -2.982  7.570   1.00 30.85 ? 362 VAL A CG1 1 
ATOM   455 C CG2 . VAL A 1 66  ? -6.234  -4.327  7.265   1.00 31.82 ? 362 VAL A CG2 1 
ATOM   456 N N   . ASN A 1 67  ? -8.492  -6.723  7.123   1.00 30.49 ? 363 ASN A N   1 
ATOM   457 C CA  . ASN A 1 67  ? -9.329  -7.759  7.769   1.00 30.96 ? 363 ASN A CA  1 
ATOM   458 C C   . ASN A 1 67  ? -10.809 -7.741  7.334   1.00 32.32 ? 363 ASN A C   1 
ATOM   459 O O   . ASN A 1 67  ? -11.687 -7.675  8.159   1.00 30.08 ? 363 ASN A O   1 
ATOM   460 C CB  . ASN A 1 67  ? -9.280  -7.567  9.293   1.00 32.10 ? 363 ASN A CB  1 
ATOM   461 C CG  . ASN A 1 67  ? -7.928  -7.867  9.854   1.00 34.30 ? 363 ASN A CG  1 
ATOM   462 O OD1 . ASN A 1 67  ? -7.089  -8.367  9.171   1.00 22.79 ? 363 ASN A OD1 1 
ATOM   463 N ND2 . ASN A 1 67  ? -7.737  -7.577  11.124  1.00 33.32 ? 363 ASN A ND2 1 
ATOM   464 N N   . GLY A 1 68  ? -11.088 -7.727  6.035   1.00 31.19 ? 364 GLY A N   1 
ATOM   465 C CA  . GLY A 1 68  ? -12.453 -7.818  5.571   1.00 31.15 ? 364 GLY A CA  1 
ATOM   466 C C   . GLY A 1 68  ? -13.063 -6.423  5.459   1.00 30.34 ? 364 GLY A C   1 
ATOM   467 O O   . GLY A 1 68  ? -13.975 -6.211  4.723   1.00 30.17 ? 364 GLY A O   1 
ATOM   468 N N   . VAL A 1 69  ? -12.466 -5.431  6.084   1.00 28.70 ? 365 VAL A N   1 
ATOM   469 C CA  . VAL A 1 69  ? -13.016 -4.086  5.934   1.00 29.17 ? 365 VAL A CA  1 
ATOM   470 C C   . VAL A 1 69  ? -12.614 -3.388  4.607   1.00 26.84 ? 365 VAL A C   1 
ATOM   471 O O   . VAL A 1 69  ? -11.440 -3.112  4.351   1.00 25.30 ? 365 VAL A O   1 
ATOM   472 C CB  . VAL A 1 69  ? -12.581 -3.242  7.131   1.00 28.74 ? 365 VAL A CB  1 
ATOM   473 C CG1 . VAL A 1 69  ? -13.176 -1.900  7.048   1.00 30.19 ? 365 VAL A CG1 1 
ATOM   474 C CG2 . VAL A 1 69  ? -13.018 -3.969  8.439   1.00 31.74 ? 365 VAL A CG2 1 
ATOM   475 N N   . ASP A 1 70  ? -13.576 -3.034  3.815   1.00 24.65 ? 366 ASP A N   1 
ATOM   476 C CA  . ASP A 1 70  ? -13.269 -2.425  2.502   1.00 23.95 ? 366 ASP A CA  1 
ATOM   477 C C   . ASP A 1 70  ? -12.793 -0.996  2.642   1.00 22.56 ? 366 ASP A C   1 
ATOM   478 O O   . ASP A 1 70  ? -13.502 -0.155  3.202   1.00 24.46 ? 366 ASP A O   1 
ATOM   479 C CB  . ASP A 1 70  ? -14.563 -2.565  1.657   1.00 22.80 ? 366 ASP A CB  1 
ATOM   480 C CG  . ASP A 1 70  ? -14.505 -1.903  0.298   1.00 26.15 ? 366 ASP A CG  1 
ATOM   481 O OD1 . ASP A 1 70  ? -13.446 -1.544  -0.223  1.00 28.40 ? 366 ASP A OD1 1 
ATOM   482 O OD2 . ASP A 1 70  ? -15.571 -1.732  -0.340  1.00 31.12 ? 366 ASP A OD2 1 
ATOM   483 N N   . LEU A 1 71  ? -11.620 -0.656  2.099   1.00 22.18 ? 367 LEU A N   1 
ATOM   484 C CA  . LEU A 1 71  ? -11.022 0.705   2.249   1.00 21.10 ? 367 LEU A CA  1 
ATOM   485 C C   . LEU A 1 71  ? -10.933 1.432   0.882   1.00 21.58 ? 367 LEU A C   1 
ATOM   486 O O   . LEU A 1 71  ? -10.333 2.461   0.784   1.00 22.38 ? 367 LEU A O   1 
ATOM   487 C CB  . LEU A 1 71  ? -9.571  0.543   2.776   1.00 21.09 ? 367 LEU A CB  1 
ATOM   488 C CG  . LEU A 1 71  ? -9.386  -0.060  4.139   1.00 25.15 ? 367 LEU A CG  1 
ATOM   489 C CD1 . LEU A 1 71  ? -8.004  0.140   4.658   1.00 25.46 ? 367 LEU A CD1 1 
ATOM   490 C CD2 . LEU A 1 71  ? -10.407 0.731   5.151   1.00 26.52 ? 367 LEU A CD2 1 
ATOM   491 N N   . ARG A 1 72  ? -11.496 0.874   -0.191  1.00 22.60 ? 368 ARG A N   1 
ATOM   492 C CA  . ARG A 1 72  ? -11.333 1.504   -1.509  1.00 24.11 ? 368 ARG A CA  1 
ATOM   493 C C   . ARG A 1 72  ? -11.762 2.894   -1.393  1.00 25.11 ? 368 ARG A C   1 
ATOM   494 O O   . ARG A 1 72  ? -11.210 3.751   -2.045  1.00 23.13 ? 368 ARG A O   1 
ATOM   495 C CB  . ARG A 1 72  ? -12.157 0.864   -2.591  1.00 24.45 ? 368 ARG A CB  1 
ATOM   496 C CG  . ARG A 1 72  ? -11.693 -0.544  -2.821  1.00 24.28 ? 368 ARG A CG  1 
ATOM   497 C CD  . ARG A 1 72  ? -12.552 -1.415  -3.664  1.00 25.66 ? 368 ARG A CD  1 
ATOM   498 N NE  . ARG A 1 72  ? -13.826 -1.672  -3.015  1.00 23.04 ? 368 ARG A NE  1 
ATOM   499 C CZ  . ARG A 1 72  ? -14.943 -1.666  -3.633  1.00 24.16 ? 368 ARG A CZ  1 
ATOM   500 N NH1 . ARG A 1 72  ? -15.022 -1.537  -4.916  1.00 22.57 ? 368 ARG A NH1 1 
ATOM   501 N NH2 . ARG A 1 72  ? -16.047 -1.897  -2.960  1.00 27.89 ? 368 ARG A NH2 1 
ATOM   502 N N   . ASN A 1 73  ? -12.803 3.098   -0.579  1.00 23.51 ? 369 ASN A N   1 
ATOM   503 C CA  . ASN A 1 73  ? -13.383 4.428   -0.465  1.00 22.96 ? 369 ASN A CA  1 
ATOM   504 C C   . ASN A 1 73  ? -13.194 5.133   0.813   1.00 22.62 ? 369 ASN A C   1 
ATOM   505 O O   . ASN A 1 73  ? -13.678 6.136   0.985   1.00 19.19 ? 369 ASN A O   1 
ATOM   506 C CB  . ASN A 1 73  ? -14.838 4.285   -0.852  1.00 25.56 ? 369 ASN A CB  1 
ATOM   507 C CG  . ASN A 1 73  ? -14.927 3.919   -2.393  1.00 26.85 ? 369 ASN A CG  1 
ATOM   508 O OD1 . ASN A 1 73  ? -14.538 4.756   -3.230  1.00 32.46 ? 369 ASN A OD1 1 
ATOM   509 N ND2 . ASN A 1 73  ? -15.240 2.658   -2.717  1.00 31.84 ? 369 ASN A ND2 1 
ATOM   510 N N   . ALA A 1 74  ? -12.368 4.586   1.674   1.00 22.47 ? 370 ALA A N   1 
ATOM   511 C CA  . ALA A 1 74  ? -12.044 5.220   2.963   1.00 21.33 ? 370 ALA A CA  1 
ATOM   512 C C   . ALA A 1 74  ? -11.458 6.562   2.826   1.00 21.62 ? 370 ALA A C   1 
ATOM   513 O O   . ALA A 1 74  ? -10.752 6.911   1.844   1.00 18.99 ? 370 ALA A O   1 
ATOM   514 C CB  . ALA A 1 74  ? -11.112 4.336   3.757   1.00 20.83 ? 370 ALA A CB  1 
ATOM   515 N N   . SER A 1 75  ? -11.750 7.364   3.854   1.00 22.16 ? 371 SER A N   1 
ATOM   516 C CA  . SER A 1 75  ? -10.954 8.498   4.195   1.00 20.97 ? 371 SER A CA  1 
ATOM   517 C C   . SER A 1 75  ? -9.517  8.139   4.677   1.00 21.84 ? 371 SER A C   1 
ATOM   518 O O   . SER A 1 75  ? -9.196  7.024   5.140   1.00 21.92 ? 371 SER A O   1 
ATOM   519 C CB  . SER A 1 75  ? -11.722 9.374   5.304   1.00 22.04 ? 371 SER A CB  1 
ATOM   520 O OG  . SER A 1 75  ? -11.510 8.840   6.591   1.00 23.79 ? 371 SER A OG  1 
ATOM   521 N N   . HIS A 1 76  ? -8.662  9.112   4.708   1.00 22.41 ? 372 HIS A N   1 
ATOM   522 C CA  . HIS A 1 76  ? -7.262  8.838   5.068   1.00 24.08 ? 372 HIS A CA  1 
ATOM   523 C C   . HIS A 1 76  ? -7.144  8.458   6.542   1.00 25.29 ? 372 HIS A C   1 
ATOM   524 O O   . HIS A 1 76  ? -6.511  7.396   6.902   1.00 26.06 ? 372 HIS A O   1 
ATOM   525 C CB  . HIS A 1 76  ? -6.342  10.078  4.724   1.00 25.42 ? 372 HIS A CB  1 
ATOM   526 C CG  . HIS A 1 76  ? -4.846  9.876   5.006   1.00 26.24 ? 372 HIS A CG  1 
ATOM   527 N ND1 . HIS A 1 76  ? -3.937  9.458   4.051   1.00 25.60 ? 372 HIS A ND1 1 
ATOM   528 C CD2 . HIS A 1 76  ? -4.142  9.958   6.160   1.00 21.63 ? 372 HIS A CD2 1 
ATOM   529 C CE1 . HIS A 1 76  ? -2.733  9.373   4.595   1.00 21.19 ? 372 HIS A CE1 1 
ATOM   530 N NE2 . HIS A 1 76  ? -2.829  9.689   5.860   1.00 27.81 ? 372 HIS A NE2 1 
ATOM   531 N N   . GLU A 1 77  ? -7.809  9.248   7.404   1.00 26.71 ? 373 GLU A N   1 
ATOM   532 C CA  . GLU A 1 77  ? -7.780  9.017   8.883   1.00 26.60 ? 373 GLU A CA  1 
ATOM   533 C C   . GLU A 1 77  ? -8.486  7.759   9.191   1.00 23.11 ? 373 GLU A C   1 
ATOM   534 O O   . GLU A 1 77  ? -8.025  6.992   10.020  1.00 27.86 ? 373 GLU A O   1 
ATOM   535 C CB  . GLU A 1 77  ? -8.355  10.218  9.723   1.00 29.39 ? 373 GLU A CB  1 
ATOM   536 C CG  . GLU A 1 77  ? -7.791  10.447  11.159  1.00 35.09 ? 373 GLU A CG  1 
ATOM   537 C CD  . GLU A 1 77  ? -8.783  10.997  12.273  1.00 39.49 ? 373 GLU A CD  1 
ATOM   538 O OE1 . GLU A 1 77  ? -9.854  11.512  11.871  1.00 40.51 ? 373 GLU A OE1 1 
ATOM   539 O OE2 . GLU A 1 77  ? -8.473  10.962  13.564  1.00 31.03 ? 373 GLU A OE2 1 
ATOM   540 N N   . GLN A 1 78  ? -9.573  7.469   8.553   1.00 21.71 ? 374 GLN A N   1 
ATOM   541 C CA  . GLN A 1 78  ? -10.264 6.239   8.941   1.00 21.46 ? 374 GLN A CA  1 
ATOM   542 C C   . GLN A 1 78  ? -9.490  4.979   8.419   1.00 18.94 ? 374 GLN A C   1 
ATOM   543 O O   . GLN A 1 78  ? -9.636  3.939   8.981   1.00 19.39 ? 374 GLN A O   1 
ATOM   544 C CB  . GLN A 1 78  ? -11.733 6.175   8.479   1.00 22.24 ? 374 GLN A CB  1 
ATOM   545 C CG  . GLN A 1 78  ? -12.721 7.054   9.100   1.00 22.14 ? 374 GLN A CG  1 
ATOM   546 C CD  . GLN A 1 78  ? -12.964 6.767   10.579  1.00 28.53 ? 374 GLN A CD  1 
ATOM   547 O OE1 . GLN A 1 78  ? -13.161 5.596   10.972  1.00 30.10 ? 374 GLN A OE1 1 
ATOM   548 N NE2 . GLN A 1 78  ? -12.935 7.848   11.416  1.00 25.97 ? 374 GLN A NE2 1 
ATOM   549 N N   . ALA A 1 79  ? -8.746  5.076   7.322   1.00 18.80 ? 375 ALA A N   1 
ATOM   550 C CA  . ALA A 1 79  ? -7.819  3.975   6.852   1.00 19.01 ? 375 ALA A CA  1 
ATOM   551 C C   . ALA A 1 79  ? -6.731  3.800   7.811   1.00 17.32 ? 375 ALA A C   1 
ATOM   552 O O   . ALA A 1 79  ? -6.475  2.731   8.236   1.00 21.80 ? 375 ALA A O   1 
ATOM   553 C CB  . ALA A 1 79  ? -7.227  4.302   5.496   1.00 18.75 ? 375 ALA A CB  1 
ATOM   554 N N   . ALA A 1 80  ? -6.160  4.847   8.325   1.00 16.79 ? 376 ALA A N   1 
ATOM   555 C CA  . ALA A 1 80  ? -5.092  4.712   9.218   1.00 17.40 ? 376 ALA A CA  1 
ATOM   556 C C   . ALA A 1 80  ? -5.508  4.061   10.543  1.00 18.98 ? 376 ALA A C   1 
ATOM   557 O O   . ALA A 1 80  ? -4.852  3.195   11.123  1.00 18.50 ? 376 ALA A O   1 
ATOM   558 C CB  . ALA A 1 80  ? -4.574  6.107   9.461   1.00 20.19 ? 376 ALA A CB  1 
ATOM   559 N N   . ILE A 1 81  ? -6.655  4.487   11.030  1.00 21.35 ? 377 ILE A N   1 
ATOM   560 C CA  . ILE A 1 81  ? -7.285  3.836   12.196  1.00 24.27 ? 377 ILE A CA  1 
ATOM   561 C C   . ILE A 1 81  ? -7.506  2.392   12.064  1.00 23.00 ? 377 ILE A C   1 
ATOM   562 O O   . ILE A 1 81  ? -7.150  1.652   12.937  1.00 25.95 ? 377 ILE A O   1 
ATOM   563 C CB  . ILE A 1 81  ? -8.673  4.618   12.482  1.00 25.73 ? 377 ILE A CB  1 
ATOM   564 C CG1 . ILE A 1 81  ? -8.334  5.993   13.078  1.00 27.20 ? 377 ILE A CG1 1 
ATOM   565 C CG2 . ILE A 1 81  ? -9.692  3.765   13.166  1.00 26.72 ? 377 ILE A CG2 1 
ATOM   566 C CD1 . ILE A 1 81  ? -9.561  6.701   13.621  1.00 30.65 ? 377 ILE A CD1 1 
ATOM   567 N N   . ALA A 1 82  ? -8.078  1.986   10.923  1.00 24.58 ? 378 ALA A N   1 
ATOM   568 C CA  . ALA A 1 82  ? -8.377  0.601   10.593  1.00 23.67 ? 378 ALA A CA  1 
ATOM   569 C C   . ALA A 1 82  ? -7.112  -0.215  10.627  1.00 23.76 ? 378 ALA A C   1 
ATOM   570 O O   . ALA A 1 82  ? -7.129  -1.382  10.991  1.00 22.72 ? 378 ALA A O   1 
ATOM   571 C CB  . ALA A 1 82  ? -9.047  0.408   9.108   1.00 22.43 ? 378 ALA A CB  1 
ATOM   572 N N   . LEU A 1 83  ? -6.062  0.405   10.127  1.00 23.90 ? 379 LEU A N   1 
ATOM   573 C CA  . LEU A 1 83  ? -4.783  -0.240  10.022  1.00 24.30 ? 379 LEU A CA  1 
ATOM   574 C C   . LEU A 1 83  ? -4.147  -0.377  11.386  1.00 23.62 ? 379 LEU A C   1 
ATOM   575 O O   . LEU A 1 83  ? -3.791  -1.485  11.756  1.00 27.17 ? 379 LEU A O   1 
ATOM   576 C CB  . LEU A 1 83  ? -3.915  0.449   9.069   1.00 23.56 ? 379 LEU A CB  1 
ATOM   577 C CG  . LEU A 1 83  ? -4.199  0.144   7.571   1.00 22.41 ? 379 LEU A CG  1 
ATOM   578 C CD1 . LEU A 1 83  ? -3.586  1.352   6.858   1.00 20.03 ? 379 LEU A CD1 1 
ATOM   579 C CD2 . LEU A 1 83  ? -3.877  -1.357  7.118   1.00 18.74 ? 379 LEU A CD2 1 
ATOM   580 N N   . LYS A 1 84  ? -4.138  0.659   12.175  1.00 24.37 ? 380 LYS A N   1 
ATOM   581 C CA  . LYS A 1 84  ? -3.567  0.541   13.438  1.00 25.19 ? 380 LYS A CA  1 
ATOM   582 C C   . LYS A 1 84  ? -4.341  -0.320  14.385  1.00 27.24 ? 380 LYS A C   1 
ATOM   583 O O   . LYS A 1 84  ? -3.749  -0.859  15.283  1.00 23.60 ? 380 LYS A O   1 
ATOM   584 C CB  . LYS A 1 84  ? -3.383  1.923   14.086  1.00 26.62 ? 380 LYS A CB  1 
ATOM   585 C CG  . LYS A 1 84  ? -2.399  2.800   13.273  1.00 23.65 ? 380 LYS A CG  1 
ATOM   586 C CD  . LYS A 1 84  ? -2.357  4.264   13.677  1.00 24.95 ? 380 LYS A CD  1 
ATOM   587 C CE  . LYS A 1 84  ? -1.243  4.961   12.980  1.00 27.53 ? 380 LYS A CE  1 
ATOM   588 N NZ  . LYS A 1 84  ? -0.780  6.115   13.888  1.00 35.20 ? 380 LYS A NZ  1 
ATOM   589 N N   . ASN A 1 85  ? -5.672  -0.368  14.216  1.00 27.43 ? 381 ASN A N   1 
ATOM   590 C CA  . ASN A 1 85  ? -6.523  -1.080  15.114  1.00 28.45 ? 381 ASN A CA  1 
ATOM   591 C C   . ASN A 1 85  ? -6.855  -2.462  14.569  1.00 29.42 ? 381 ASN A C   1 
ATOM   592 O O   . ASN A 1 85  ? -7.599  -3.186  15.161  1.00 27.48 ? 381 ASN A O   1 
ATOM   593 C CB  . ASN A 1 85  ? -7.745  -0.229  15.437  1.00 30.08 ? 381 ASN A CB  1 
ATOM   594 C CG  . ASN A 1 85  ? -7.388  0.935   16.419  1.00 32.60 ? 381 ASN A CG  1 
ATOM   595 O OD1 . ASN A 1 85  ? -7.263  0.668   17.597  1.00 43.45 ? 381 ASN A OD1 1 
ATOM   596 N ND2 . ASN A 1 85  ? -7.129  2.162   15.915  1.00 36.21 ? 381 ASN A ND2 1 
ATOM   597 N N   . ALA A 1 86  ? -6.219  -2.888  13.459  1.00 30.47 ? 382 ALA A N   1 
ATOM   598 C CA  . ALA A 1 86  ? -6.673  -4.100  12.794  1.00 31.66 ? 382 ALA A CA  1 
ATOM   599 C C   . ALA A 1 86  ? -6.366  -5.295  13.684  1.00 33.22 ? 382 ALA A C   1 
ATOM   600 O O   . ALA A 1 86  ? -6.997  -6.396  13.454  1.00 34.14 ? 382 ALA A O   1 
ATOM   601 C CB  . ALA A 1 86  ? -6.005  -4.296  11.443  1.00 29.70 ? 382 ALA A CB  1 
ATOM   602 N N   . GLY A 1 87  ? -5.375  -5.189  14.607  1.00 32.25 ? 383 GLY A N   1 
ATOM   603 C CA  . GLY A 1 87  ? -5.098  -6.335  15.507  1.00 32.06 ? 383 GLY A CA  1 
ATOM   604 C C   . GLY A 1 87  ? -3.811  -7.012  15.112  1.00 32.54 ? 383 GLY A C   1 
ATOM   605 O O   . GLY A 1 87  ? -3.029  -6.498  14.318  1.00 31.83 ? 383 GLY A O   1 
ATOM   606 N N   . GLN A 1 88  ? -3.515  -8.149  15.700  1.00 32.43 ? 384 GLN A N   1 
ATOM   607 C CA  . GLN A 1 88  ? -2.148  -8.604  15.624  1.00 32.92 ? 384 GLN A CA  1 
ATOM   608 C C   . GLN A 1 88  ? -1.825  -9.215  14.297  1.00 31.68 ? 384 GLN A C   1 
ATOM   609 O O   . GLN A 1 88  ? -0.688  -9.226  13.871  1.00 29.59 ? 384 GLN A O   1 
ATOM   610 C CB  . GLN A 1 88  ? -1.850  -9.612  16.713  1.00 32.67 ? 384 GLN A CB  1 
ATOM   611 C CG  . GLN A 1 88  ? -1.975  -9.062  18.068  1.00 38.84 ? 384 GLN A CG  1 
ATOM   612 C CD  . GLN A 1 88  ? -1.853  -10.222 19.095  1.00 46.75 ? 384 GLN A CD  1 
ATOM   613 O OE1 . GLN A 1 88  ? -2.841  -10.476 19.846  1.00 43.69 ? 384 GLN A OE1 1 
ATOM   614 N NE2 . GLN A 1 88  ? -0.665  -10.997 19.054  1.00 43.80 ? 384 GLN A NE2 1 
ATOM   615 N N   . THR A 1 89  ? -2.841  -9.822  13.718  1.00 32.73 ? 385 THR A N   1 
ATOM   616 C CA  . THR A 1 89  ? -2.737  -10.546 12.459  1.00 33.41 ? 385 THR A CA  1 
ATOM   617 C C   . THR A 1 89  ? -3.526  -9.750  11.496  1.00 31.59 ? 385 THR A C   1 
ATOM   618 O O   . THR A 1 89  ? -4.719  -9.503  11.704  1.00 31.65 ? 385 THR A O   1 
ATOM   619 C CB  . THR A 1 89  ? -3.295  -11.969 12.608  1.00 34.33 ? 385 THR A CB  1 
ATOM   620 O OG1 . THR A 1 89  ? -2.381  -12.783 13.409  1.00 37.86 ? 385 THR A OG1 1 
ATOM   621 C CG2 . THR A 1 89  ? -3.341  -12.671 11.242  1.00 36.96 ? 385 THR A CG2 1 
ATOM   622 N N   . VAL A 1 90  ? -2.886  -9.250  10.441  1.00 31.00 ? 386 VAL A N   1 
ATOM   623 C CA  . VAL A 1 90  ? -3.594  -8.235  9.635   1.00 27.90 ? 386 VAL A CA  1 
ATOM   624 C C   . VAL A 1 90  ? -3.573  -8.808  8.233   1.00 28.16 ? 386 VAL A C   1 
ATOM   625 O O   . VAL A 1 90  ? -2.434  -9.147  7.707   1.00 28.31 ? 386 VAL A O   1 
ATOM   626 C CB  . VAL A 1 90  ? -2.826  -6.905  9.674   1.00 28.74 ? 386 VAL A CB  1 
ATOM   627 C CG1 . VAL A 1 90  ? -3.464  -5.864  8.736   1.00 26.82 ? 386 VAL A CG1 1 
ATOM   628 C CG2 . VAL A 1 90  ? -2.736  -6.288  11.106  1.00 30.40 ? 386 VAL A CG2 1 
ATOM   629 N N   . THR A 1 91  ? -4.796  -8.989  7.677   1.00 26.25 ? 387 THR A N   1 
ATOM   630 C CA  . THR A 1 91  ? -5.082  -9.530  6.306   1.00 24.90 ? 387 THR A CA  1 
ATOM   631 C C   . THR A 1 91  ? -5.532  -8.415  5.411   1.00 25.17 ? 387 THR A C   1 
ATOM   632 O O   . THR A 1 91  ? -6.565  -7.740  5.626   1.00 24.72 ? 387 THR A O   1 
ATOM   633 C CB  . THR A 1 91  ? -6.105  -10.664 6.358   1.00 26.28 ? 387 THR A CB  1 
ATOM   634 O OG1 . THR A 1 91  ? -5.589  -11.668 7.245   1.00 22.90 ? 387 THR A OG1 1 
ATOM   635 C CG2 . THR A 1 91  ? -6.198  -11.477 4.967   1.00 25.83 ? 387 THR A CG2 1 
ATOM   636 N N   . ILE A 1 92  ? -4.572  -8.093  4.556   1.00 25.11 ? 388 ILE A N   1 
ATOM   637 C CA  . ILE A 1 92  ? -4.686  -7.139  3.515   1.00 21.22 ? 388 ILE A CA  1 
ATOM   638 C C   . ILE A 1 92  ? -4.911  -7.813  2.186   1.00 20.52 ? 388 ILE A C   1 
ATOM   639 O O   . ILE A 1 92  ? -4.329  -8.872  1.768   1.00 17.48 ? 388 ILE A O   1 
ATOM   640 C CB  . ILE A 1 92  ? -3.377  -6.309  3.444   1.00 20.48 ? 388 ILE A CB  1 
ATOM   641 C CG1 . ILE A 1 92  ? -3.213  -5.409  4.709   1.00 23.34 ? 388 ILE A CG1 1 
ATOM   642 C CG2 . ILE A 1 92  ? -3.400  -5.350  2.345   1.00 17.45 ? 388 ILE A CG2 1 
ATOM   643 C CD1 . ILE A 1 92  ? -1.777  -4.995  4.946   1.00 18.76 ? 388 ILE A CD1 1 
ATOM   644 N N   . ILE A 1 93  ? -5.778  -7.142  1.472   1.00 20.31 ? 389 ILE A N   1 
ATOM   645 C CA  . ILE A 1 93  ? -5.943  -7.401  0.066   1.00 20.99 ? 389 ILE A CA  1 
ATOM   646 C C   . ILE A 1 93  ? -5.420  -6.190  -0.620  1.00 19.32 ? 389 ILE A C   1 
ATOM   647 O O   . ILE A 1 93  ? -5.855  -5.063  -0.228  1.00 17.99 ? 389 ILE A O   1 
ATOM   648 C CB  . ILE A 1 93  ? -7.438  -7.513  -0.300  1.00 21.48 ? 389 ILE A CB  1 
ATOM   649 C CG1 . ILE A 1 93  ? -8.069  -8.780  0.310   1.00 24.42 ? 389 ILE A CG1 1 
ATOM   650 C CG2 . ILE A 1 93  ? -7.533  -7.707  -1.824  1.00 23.27 ? 389 ILE A CG2 1 
ATOM   651 C CD1 . ILE A 1 93  ? -7.255  -10.156 0.093   1.00 31.56 ? 389 ILE A CD1 1 
ATOM   652 N N   . ALA A 1 94  ? -4.431  -6.365  -1.526  1.00 20.15 ? 390 ALA A N   1 
ATOM   653 C CA  . ALA A 1 94  ? -3.807  -5.161  -2.189  1.00 18.88 ? 390 ALA A CA  1 
ATOM   654 C C   . ALA A 1 94  ? -3.900  -5.469  -3.704  1.00 18.27 ? 390 ALA A C   1 
ATOM   655 O O   . ALA A 1 94  ? -3.972  -6.629  -4.151  1.00 20.25 ? 390 ALA A O   1 
ATOM   656 C CB  . ALA A 1 94  ? -2.372  -4.946  -1.703  1.00 18.69 ? 390 ALA A CB  1 
ATOM   657 N N   . GLN A 1 95  ? -3.706  -4.448  -4.462  1.00 20.12 ? 391 GLN A N   1 
ATOM   658 C CA  . GLN A 1 95  ? -3.661  -4.446  -5.866  1.00 20.81 ? 391 GLN A CA  1 
ATOM   659 C C   . GLN A 1 95  ? -2.781  -3.306  -6.322  1.00 18.85 ? 391 GLN A C   1 
ATOM   660 O O   . GLN A 1 95  ? -2.934  -2.153  -5.951  1.00 19.91 ? 391 GLN A O   1 
ATOM   661 C CB  . GLN A 1 95  ? -5.148  -4.331  -6.398  1.00 21.03 ? 391 GLN A CB  1 
ATOM   662 C CG  . GLN A 1 95  ? -5.265  -4.386  -7.923  1.00 19.95 ? 391 GLN A CG  1 
ATOM   663 C CD  . GLN A 1 95  ? -6.637  -4.713  -8.405  1.00 23.20 ? 391 GLN A CD  1 
ATOM   664 O OE1 . GLN A 1 95  ? -7.600  -4.315  -7.833  1.00 25.27 ? 391 GLN A OE1 1 
ATOM   665 N NE2 . GLN A 1 95  ? -6.714  -5.469  -9.444  1.00 20.00 ? 391 GLN A NE2 1 
ATOM   666 N N   . TYR A 1 96  ? -1.822  -3.628  -7.176  1.00 18.83 ? 392 TYR A N   1 
ATOM   667 C CA  . TYR A 1 96  ? -0.853  -2.666  -7.551  1.00 18.32 ? 392 TYR A CA  1 
ATOM   668 C C   . TYR A 1 96  ? -1.479  -1.779  -8.587  1.00 18.53 ? 392 TYR A C   1 
ATOM   669 O O   . TYR A 1 96  ? -2.034  -2.258  -9.620  1.00 15.29 ? 392 TYR A O   1 
ATOM   670 C CB  . TYR A 1 96  ? 0.189   -3.511  -8.247  1.00 19.93 ? 392 TYR A CB  1 
ATOM   671 C CG  . TYR A 1 96  ? 1.348   -2.794  -8.694  1.00 20.30 ? 392 TYR A CG  1 
ATOM   672 C CD1 . TYR A 1 96  ? 2.058   -2.036  -7.793  1.00 20.62 ? 392 TYR A CD1 1 
ATOM   673 C CD2 . TYR A 1 96  ? 1.694   -2.739  -10.084 1.00 21.87 ? 392 TYR A CD2 1 
ATOM   674 C CE1 . TYR A 1 96  ? 3.177   -1.253  -8.184  1.00 17.58 ? 392 TYR A CE1 1 
ATOM   675 C CE2 . TYR A 1 96  ? 2.855   -1.987  -10.478 1.00 21.12 ? 392 TYR A CE2 1 
ATOM   676 C CZ  . TYR A 1 96  ? 3.627   -1.318  -9.478  1.00 17.44 ? 392 TYR A CZ  1 
ATOM   677 O OH  . TYR A 1 96  ? 4.691   -0.458  -9.767  1.00 22.76 ? 392 TYR A OH  1 
ATOM   678 N N   . LYS A 1 97  ? -1.451  -0.476  -8.303  1.00 19.11 ? 393 LYS A N   1 
ATOM   679 C CA  . LYS A 1 97  ? -2.109  0.529   -9.137  1.00 19.34 ? 393 LYS A CA  1 
ATOM   680 C C   . LYS A 1 97  ? -1.089  1.664   -9.335  1.00 18.35 ? 393 LYS A C   1 
ATOM   681 O O   . LYS A 1 97  ? -1.323  2.868   -8.855  1.00 20.72 ? 393 LYS A O   1 
ATOM   682 C CB  . LYS A 1 97  ? -3.396  1.136   -8.486  1.00 18.75 ? 393 LYS A CB  1 
ATOM   683 C CG  . LYS A 1 97  ? -4.655  0.178   -8.454  1.00 21.42 ? 393 LYS A CG  1 
ATOM   684 C CD  . LYS A 1 97  ? -5.547  0.369   -9.643  1.00 30.19 ? 393 LYS A CD  1 
ATOM   685 C CE  . LYS A 1 97  ? -6.599  -0.833  -9.983  1.00 27.73 ? 393 LYS A CE  1 
ATOM   686 N NZ  . LYS A 1 97  ? -7.639  -0.303  -11.033 1.00 31.19 ? 393 LYS A NZ  1 
ATOM   687 N N   . PRO A 1 98  ? -0.077  1.379   -10.107 1.00 18.87 ? 394 PRO A N   1 
ATOM   688 C CA  . PRO A 1 98  ? 1.000   2.327   -10.273 1.00 18.33 ? 394 PRO A CA  1 
ATOM   689 C C   . PRO A 1 98  ? 0.556   3.640   -10.932 1.00 21.02 ? 394 PRO A C   1 
ATOM   690 O O   . PRO A 1 98  ? 1.067   4.655   -10.441 1.00 23.95 ? 394 PRO A O   1 
ATOM   691 C CB  . PRO A 1 98  ? 2.064   1.532   -10.977 1.00 18.60 ? 394 PRO A CB  1 
ATOM   692 C CG  . PRO A 1 98  ? 1.229   0.569   -11.874 1.00 21.91 ? 394 PRO A CG  1 
ATOM   693 C CD  . PRO A 1 98  ? 0.188   0.146   -10.863 1.00 20.19 ? 394 PRO A CD  1 
ATOM   694 N N   . GLU A 1 99  ? -0.359  3.726   -11.912 1.00 21.03 ? 395 GLU A N   1 
ATOM   695 C CA  . GLU A 1 99  ? -0.618  5.034   -12.518 1.00 22.53 ? 395 GLU A CA  1 
ATOM   696 C C   . GLU A 1 99  ? -1.326  5.948   -11.498 1.00 23.43 ? 395 GLU A C   1 
ATOM   697 O O   . GLU A 1 99  ? -1.078  7.145   -11.279 1.00 22.17 ? 395 GLU A O   1 
ATOM   698 C CB  . GLU A 1 99  ? -1.591  4.753   -13.650 1.00 24.18 ? 395 GLU A CB  1 
ATOM   699 C CG  . GLU A 1 99  ? -1.010  4.046   -14.899 1.00 21.02 ? 395 GLU A CG  1 
ATOM   700 C CD  . GLU A 1 99  ? -0.734  2.494   -14.819 1.00 26.08 ? 395 GLU A CD  1 
ATOM   701 O OE1 . GLU A 1 99  ? -1.340  1.746   -13.887 1.00 26.54 ? 395 GLU A OE1 1 
ATOM   702 O OE2 . GLU A 1 99  ? 0.147   2.024   -15.686 1.00 24.16 ? 395 GLU A OE2 1 
ATOM   703 N N   . GLU A 1 100 ? -2.297  5.352   -10.847 1.00 22.34 ? 396 GLU A N   1 
ATOM   704 C CA  . GLU A 1 100 ? -2.999  6.071   -9.824  1.00 24.08 ? 396 GLU A CA  1 
ATOM   705 C C   . GLU A 1 100 ? -2.025  6.565   -8.799  1.00 22.26 ? 396 GLU A C   1 
ATOM   706 O O   . GLU A 1 100 ? -2.095  7.684   -8.361  1.00 20.45 ? 396 GLU A O   1 
ATOM   707 C CB  . GLU A 1 100 ? -4.112  5.231   -9.192  1.00 24.98 ? 396 GLU A CB  1 
ATOM   708 C CG  . GLU A 1 100 ? -5.370  5.131   -10.019 1.00 32.18 ? 396 GLU A CG  1 
ATOM   709 C CD  . GLU A 1 100 ? -5.527  3.789   -10.749 1.00 41.77 ? 396 GLU A CD  1 
ATOM   710 O OE1 . GLU A 1 100 ? -4.509  3.257   -11.437 1.00 52.83 ? 396 GLU A OE1 1 
ATOM   711 O OE2 . GLU A 1 100 ? -6.661  3.249   -10.660 1.00 42.16 ? 396 GLU A OE2 1 
ATOM   712 N N   . TYR A 1 101 ? -1.107  5.710   -8.372  1.00 24.59 ? 397 TYR A N   1 
ATOM   713 C CA  . TYR A 1 101 ? -0.163  6.083   -7.262  1.00 22.67 ? 397 TYR A CA  1 
ATOM   714 C C   . TYR A 1 101 ? 0.622   7.296   -7.778  1.00 25.29 ? 397 TYR A C   1 
ATOM   715 O O   . TYR A 1 101 ? 0.730   8.324   -7.057  1.00 24.90 ? 397 TYR A O   1 
ATOM   716 C CB  . TYR A 1 101 ? 0.826   4.998   -6.845  1.00 22.34 ? 397 TYR A CB  1 
ATOM   717 C CG  . TYR A 1 101 ? 1.855   5.566   -5.883  1.00 18.99 ? 397 TYR A CG  1 
ATOM   718 C CD1 . TYR A 1 101 ? 1.573   5.790   -4.503  1.00 18.82 ? 397 TYR A CD1 1 
ATOM   719 C CD2 . TYR A 1 101 ? 3.036   5.846   -6.325  1.00 17.48 ? 397 TYR A CD2 1 
ATOM   720 C CE1 . TYR A 1 101 ? 2.530   6.434   -3.661  1.00 22.05 ? 397 TYR A CE1 1 
ATOM   721 C CE2 . TYR A 1 101 ? 3.980   6.523   -5.563  1.00 19.55 ? 397 TYR A CE2 1 
ATOM   722 C CZ  . TYR A 1 101 ? 3.746   6.778   -4.185  1.00 23.23 ? 397 TYR A CZ  1 
ATOM   723 O OH  . TYR A 1 101 ? 4.709   7.421   -3.431  1.00 25.80 ? 397 TYR A OH  1 
ATOM   724 N N   . SER A 1 102 ? 1.092   7.213   -9.024  1.00 24.50 ? 398 SER A N   1 
ATOM   725 C CA  . SER A 1 102 ? 2.132   8.078   -9.469  1.00 26.12 ? 398 SER A CA  1 
ATOM   726 C C   . SER A 1 102 ? 1.635   9.516   -9.492  1.00 28.01 ? 398 SER A C   1 
ATOM   727 O O   . SER A 1 102 ? 2.418   10.444  -9.633  1.00 30.59 ? 398 SER A O   1 
ATOM   728 C CB  . SER A 1 102 ? 2.671   7.636   -10.823 1.00 26.32 ? 398 SER A CB  1 
ATOM   729 O OG  . SER A 1 102 ? 1.704   7.921   -11.845 1.00 29.10 ? 398 SER A OG  1 
ATOM   730 N N   . ARG A 1 103 ? 0.349   9.742   -9.358  1.00 27.55 ? 399 ARG A N   1 
ATOM   731 C CA  . ARG A 1 103 ? -0.143  11.086  -9.478  1.00 29.68 ? 399 ARG A CA  1 
ATOM   732 C C   . ARG A 1 103 ? 0.044   11.752  -8.113  1.00 27.64 ? 399 ARG A C   1 
ATOM   733 O O   . ARG A 1 103 ? 0.001   12.929  -8.006  1.00 25.90 ? 399 ARG A O   1 
ATOM   734 C CB  . ARG A 1 103 ? -1.650  11.106  -10.025 1.00 30.72 ? 399 ARG A CB  1 
ATOM   735 C CG  . ARG A 1 103 ? -2.721  11.187  -8.920  1.00 40.70 ? 399 ARG A CG  1 
ATOM   736 C CD  . ARG A 1 103 ? -4.245  11.263  -9.427  1.00 52.63 ? 399 ARG A CD  1 
ATOM   737 N NE  . ARG A 1 103 ? -4.555  10.106  -10.321 1.00 61.87 ? 399 ARG A NE  1 
ATOM   738 C CZ  . ARG A 1 103 ? -5.523  10.035  -11.282 1.00 66.10 ? 399 ARG A CZ  1 
ATOM   739 N NH1 . ARG A 1 103 ? -6.354  11.089  -11.553 1.00 66.89 ? 399 ARG A NH1 1 
ATOM   740 N NH2 . ARG A 1 103 ? -5.623  8.889   -11.983 1.00 63.79 ? 399 ARG A NH2 1 
ATOM   741 N N   . PHE A 1 104 ? 0.338   10.977  -7.063  1.00 25.83 ? 400 PHE A N   1 
ATOM   742 C CA  . PHE A 1 104 ? 0.630   11.598  -5.734  1.00 25.88 ? 400 PHE A CA  1 
ATOM   743 C C   . PHE A 1 104 ? 2.100   12.035  -5.613  1.00 24.89 ? 400 PHE A C   1 
ATOM   744 O O   . PHE A 1 104 ? 2.407   13.064  -5.013  1.00 24.85 ? 400 PHE A O   1 
ATOM   745 C CB  . PHE A 1 104 ? 0.358   10.566  -4.663  1.00 24.38 ? 400 PHE A CB  1 
ATOM   746 C CG  . PHE A 1 104 ? -1.099  10.287  -4.495  1.00 25.45 ? 400 PHE A CG  1 
ATOM   747 C CD1 . PHE A 1 104 ? -1.901  11.167  -3.772  1.00 33.66 ? 400 PHE A CD1 1 
ATOM   748 C CD2 . PHE A 1 104 ? -1.667  9.206   -5.085  1.00 22.18 ? 400 PHE A CD2 1 
ATOM   749 C CE1 . PHE A 1 104 ? -3.264  10.923  -3.601  1.00 36.60 ? 400 PHE A CE1 1 
ATOM   750 C CE2 . PHE A 1 104 ? -2.987  8.979   -4.977  1.00 32.15 ? 400 PHE A CE2 1 
ATOM   751 C CZ  . PHE A 1 104 ? -3.802  9.841   -4.212  1.00 32.71 ? 400 PHE A CZ  1 
ATOM   752 N N   . GLU A 1 105 ? 3.010   11.281  -6.205  1.00 24.57 ? 401 GLU A N   1 
ATOM   753 C CA  . GLU A 1 105 ? 4.476   11.620  -6.044  1.00 23.82 ? 401 GLU A CA  1 
ATOM   754 C C   . GLU A 1 105 ? 5.075   12.409  -7.173  1.00 22.84 ? 401 GLU A C   1 
ATOM   755 O O   . GLU A 1 105 ? 5.004   12.050  -8.366  1.00 21.21 ? 401 GLU A O   1 
ATOM   756 C CB  . GLU A 1 105 ? 5.296   10.331  -5.994  1.00 25.97 ? 401 GLU A CB  1 
ATOM   757 C CG  . GLU A 1 105 ? 6.654   10.494  -5.366  1.00 26.27 ? 401 GLU A CG  1 
ATOM   758 C CD  . GLU A 1 105 ? 7.422   9.158   -5.115  1.00 30.59 ? 401 GLU A CD  1 
ATOM   759 O OE1 . GLU A 1 105 ? 6.827   8.091   -5.035  1.00 19.03 ? 401 GLU A OE1 1 
ATOM   760 O OE2 . GLU A 1 105 ? 8.660   9.158   -5.060  1.00 39.31 ? 401 GLU A OE2 1 
ATOM   761 N N   . ALA A 1 106 ? 5.769   13.451  -6.811  1.00 22.48 ? 402 ALA A N   1 
ATOM   762 C CA  . ALA A 1 106 ? 6.385   14.317  -7.831  1.00 22.77 ? 402 ALA A CA  1 
ATOM   763 C C   . ALA A 1 106 ? 7.268   13.682  -8.836  1.00 23.81 ? 402 ALA A C   1 
ATOM   764 O O   . ALA A 1 106 ? 8.099   12.892  -8.416  1.00 18.96 ? 402 ALA A O   1 
ATOM   765 C CB  . ALA A 1 106 ? 7.195   15.324  -7.102  1.00 23.43 ? 402 ALA A CB  1 
ATOM   766 N N   . ASN A 1 107 ? 7.184   14.059  -10.137 1.00 23.99 ? 403 ASN A N   1 
ATOM   767 C CA  . ASN A 1 107 ? 8.140   13.543  -11.115 1.00 28.35 ? 403 ASN A CA  1 
ATOM   768 C C   . ASN A 1 107 ? 8.228   12.037  -11.175 1.00 29.06 ? 403 ASN A C   1 
ATOM   769 O O   . ASN A 1 107 ? 9.282   11.449  -11.477 1.00 31.90 ? 403 ASN A O   1 
ATOM   770 C CB  . ASN A 1 107 ? 9.567   14.060  -10.876 1.00 28.64 ? 403 ASN A CB  1 
ATOM   771 C CG  . ASN A 1 107 ? 9.613   15.557  -11.056 1.00 35.76 ? 403 ASN A CG  1 
ATOM   772 O OD1 . ASN A 1 107 ? 9.067   16.087  -12.088 1.00 46.86 ? 403 ASN A OD1 1 
ATOM   773 N ND2 . ASN A 1 107 ? 10.217  16.282  -10.058 1.00 46.93 ? 403 ASN A ND2 1 
ATOM   774 N N   . SER A 1 108 ? 7.116   11.406  -10.995 1.00 27.68 ? 404 SER A N   1 
ATOM   775 C CA  . SER A 1 108 ? 7.193   9.974   -11.058 1.00 28.45 ? 404 SER A CA  1 
ATOM   776 C C   . SER A 1 108 ? 6.244   9.519   -12.084 1.00 25.90 ? 404 SER A C   1 
ATOM   777 O O   . SER A 1 108 ? 5.335   10.262  -12.461 1.00 26.61 ? 404 SER A O   1 
ATOM   778 C CB  . SER A 1 108 ? 6.875   9.502   -9.669  1.00 29.79 ? 404 SER A CB  1 
ATOM   779 O OG  . SER A 1 108 ? 5.505   9.269   -9.717  1.00 32.46 ? 404 SER A OG  1 
ATOM   780 N N   . ARG A 1 109 ? 6.547   8.378   -12.725 1.00 24.32 ? 405 ARG A N   1 
ATOM   781 C CA  . ARG A 1 109 ? 5.794   7.887   -13.905 1.00 22.39 ? 405 ARG A CA  1 
ATOM   782 C C   . ARG A 1 109 ? 6.007   6.375   -13.860 1.00 23.03 ? 405 ARG A C   1 
ATOM   783 O O   . ARG A 1 109 ? 6.768   5.827   -13.025 1.00 22.42 ? 405 ARG A O   1 
ATOM   784 C CB  . ARG A 1 109 ? 6.391   8.408   -15.220 1.00 21.35 ? 405 ARG A CB  1 
ATOM   785 C CG  . ARG A 1 109 ? 7.953   8.079   -15.373 1.00 18.20 ? 405 ARG A CG  1 
ATOM   786 C CD  . ARG A 1 109 ? 8.684   8.926   -16.370 1.00 20.27 ? 405 ARG A CD  1 
ATOM   787 N NE  . ARG A 1 109 ? 10.123  8.648   -16.511 1.00 19.45 ? 405 ARG A NE  1 
ATOM   788 C CZ  . ARG A 1 109 ? 10.656  7.596   -17.127 1.00 25.20 ? 405 ARG A CZ  1 
ATOM   789 N NH1 . ARG A 1 109 ? 9.963   6.579   -17.585 1.00 21.95 ? 405 ARG A NH1 1 
ATOM   790 N NH2 . ARG A 1 109 ? 11.943  7.506   -17.154 1.00 33.66 ? 405 ARG A NH2 1 
ATOM   791 N N   . VAL A 1 110 ? 5.399   5.721   -14.788 1.00 22.98 ? 406 VAL A N   1 
ATOM   792 C CA  . VAL A 1 110 ? 5.267   4.256   -14.765 1.00 24.01 ? 406 VAL A CA  1 
ATOM   793 C C   . VAL A 1 110 ? 5.909   3.810   -16.078 1.00 24.64 ? 406 VAL A C   1 
ATOM   794 O O   . VAL A 1 110 ? 5.553   4.354   -17.163 1.00 25.07 ? 406 VAL A O   1 
ATOM   795 C CB  . VAL A 1 110 ? 3.763   3.794   -14.725 1.00 24.40 ? 406 VAL A CB  1 
ATOM   796 C CG1 . VAL A 1 110 ? 3.688   2.234   -14.512 1.00 23.43 ? 406 VAL A CG1 1 
ATOM   797 C CG2 . VAL A 1 110 ? 3.034   4.370   -13.627 1.00 28.13 ? 406 VAL A CG2 1 
ATOM   798 N N   . ASP A 1 111 ? 6.880   2.915   -15.981 1.00 26.23 ? 407 ASP A N   1 
ATOM   799 C CA  . ASP A 1 111 ? 7.514   2.339   -17.145 1.00 26.90 ? 407 ASP A CA  1 
ATOM   800 C C   . ASP A 1 111 ? 6.726   1.161   -17.754 1.00 28.93 ? 407 ASP A C   1 
ATOM   801 O O   . ASP A 1 111 ? 5.723   0.753   -17.213 1.00 28.16 ? 407 ASP A O   1 
ATOM   802 C CB  . ASP A 1 111 ? 8.966   2.017   -16.794 1.00 26.70 ? 407 ASP A CB  1 
ATOM   803 C CG  . ASP A 1 111 ? 9.159   0.744   -16.060 1.00 26.51 ? 407 ASP A CG  1 
ATOM   804 O OD1 . ASP A 1 111 ? 8.245   0.026   -15.822 1.00 25.15 ? 407 ASP A OD1 1 
ATOM   805 O OD2 . ASP A 1 111 ? 10.420  0.473   -15.641 1.00 27.75 ? 407 ASP A OD2 1 
ATOM   806 N N   . SER A 1 112 ? 7.212   0.633   -18.896 1.00 33.26 ? 408 SER A N   1 
ATOM   807 C CA  . SER A 1 112 ? 6.601   -0.533  -19.597 1.00 34.74 ? 408 SER A CA  1 
ATOM   808 C C   . SER A 1 112 ? 6.328   -1.865  -18.811 1.00 35.04 ? 408 SER A C   1 
ATOM   809 O O   . SER A 1 112 ? 5.399   -2.661  -19.108 1.00 35.38 ? 408 SER A O   1 
ATOM   810 C CB  . SER A 1 112 ? 7.454   -0.830  -20.838 1.00 36.58 ? 408 SER A CB  1 
ATOM   811 O OG  . SER A 1 112 ? 7.548   -2.230  -20.932 1.00 41.49 ? 408 SER A OG  1 
ATOM   812 N N   . SER A 1 113 ? 7.116   -2.129  -17.774 1.00 35.04 ? 409 SER A N   1 
ATOM   813 C CA  . SER A 1 113 ? 6.897   -3.283  -16.905 1.00 32.58 ? 409 SER A CA  1 
ATOM   814 C C   . SER A 1 113 ? 5.918   -2.991  -15.783 1.00 30.77 ? 409 SER A C   1 
ATOM   815 O O   . SER A 1 113 ? 5.497   -3.948  -15.025 1.00 28.49 ? 409 SER A O   1 
ATOM   816 C CB  . SER A 1 113 ? 8.231   -3.730  -16.318 1.00 33.64 ? 409 SER A CB  1 
ATOM   817 O OG  . SER A 1 113 ? 8.706   -2.765  -15.426 1.00 34.29 ? 409 SER A OG  1 
ATOM   818 N N   . GLY A 1 114 ? 5.520   -1.706  -15.718 1.00 27.22 ? 410 GLY A N   1 
ATOM   819 C CA  . GLY A 1 114 ? 4.665   -1.136  -14.653 1.00 27.42 ? 410 GLY A CA  1 
ATOM   820 C C   . GLY A 1 114 ? 5.227   -0.661  -13.302 1.00 24.92 ? 410 GLY A C   1 
ATOM   821 O O   . GLY A 1 114 ? 4.487   -0.239  -12.365 1.00 24.33 ? 410 GLY A O   1 
ATOM   822 N N   . ARG A 1 115 ? 6.565   -0.599  -13.280 1.00 26.61 ? 411 ARG A N   1 
ATOM   823 C CA  . ARG A 1 115 ? 7.388   -0.098  -12.209 1.00 26.31 ? 411 ARG A CA  1 
ATOM   824 C C   . ARG A 1 115 ? 7.356   1.381   -12.166 1.00 26.15 ? 411 ARG A C   1 
ATOM   825 O O   . ARG A 1 115 ? 7.351   2.064   -13.161 1.00 25.41 ? 411 ARG A O   1 
ATOM   826 C CB  . ARG A 1 115 ? 8.843   -0.564  -12.356 1.00 27.14 ? 411 ARG A CB  1 
ATOM   827 C CG  . ARG A 1 115 ? 8.965   -2.043  -11.959 1.00 30.91 ? 411 ARG A CG  1 
ATOM   828 C CD  . ARG A 1 115 ? 10.197  -2.706  -12.439 1.00 37.86 ? 411 ARG A CD  1 
ATOM   829 N NE  . ARG A 1 115 ? 10.470  -3.919  -11.639 1.00 40.60 ? 411 ARG A NE  1 
ATOM   830 C CZ  . ARG A 1 115 ? 10.100  -5.192  -11.972 1.00 36.88 ? 411 ARG A CZ  1 
ATOM   831 N NH1 . ARG A 1 115 ? 9.429   -5.522  -13.086 1.00 36.33 ? 411 ARG A NH1 1 
ATOM   832 N NH2 . ARG A 1 115 ? 10.419  -6.131  -11.146 1.00 38.42 ? 411 ARG A NH2 1 
ATOM   833 N N   . ILE A 1 116 ? 7.348   1.911   -10.981 1.00 26.57 ? 412 ILE A N   1 
ATOM   834 C CA  . ILE A 1 116 ? 7.206   3.358   -10.853 1.00 25.64 ? 412 ILE A CA  1 
ATOM   835 C C   . ILE A 1 116 ? 8.656   3.916   -10.846 1.00 28.00 ? 412 ILE A C   1 
ATOM   836 O O   . ILE A 1 116 ? 9.469   3.538   -9.965  1.00 25.96 ? 412 ILE A O   1 
ATOM   837 C CB  . ILE A 1 116 ? 6.537   3.651   -9.512  1.00 26.32 ? 412 ILE A CB  1 
ATOM   838 C CG1 . ILE A 1 116 ? 5.039   3.282   -9.478  1.00 25.20 ? 412 ILE A CG1 1 
ATOM   839 C CG2 . ILE A 1 116 ? 6.834   5.095   -9.025  1.00 29.84 ? 412 ILE A CG2 1 
ATOM   840 C CD1 . ILE A 1 116 ? 4.579   2.902   -8.094  1.00 24.96 ? 412 ILE A CD1 1 
ATOM   841 N N   . VAL A 1 117 ? 8.927   4.819   -11.800 1.00 28.81 ? 413 VAL A N   1 
ATOM   842 C CA  . VAL A 1 117 ? 10.153  5.581   -11.873 1.00 30.59 ? 413 VAL A CA  1 
ATOM   843 C C   . VAL A 1 117 ? 9.958   7.039   -11.457 1.00 30.72 ? 413 VAL A C   1 
ATOM   844 O O   . VAL A 1 117 ? 9.081   7.727   -11.946 1.00 31.53 ? 413 VAL A O   1 
ATOM   845 C CB  . VAL A 1 117 ? 10.668  5.581   -13.354 1.00 29.77 ? 413 VAL A CB  1 
ATOM   846 C CG1 . VAL A 1 117 ? 11.926  6.396   -13.454 1.00 29.86 ? 413 VAL A CG1 1 
ATOM   847 C CG2 . VAL A 1 117 ? 10.905  4.142   -13.813 1.00 32.88 ? 413 VAL A CG2 1 
ATOM   848 N N   . THR A 1 118 ? 10.870  7.534   -10.663 1.00 32.52 ? 414 THR A N   1 
ATOM   849 C CA  . THR A 1 118 ? 10.940  8.969   -10.308 1.00 34.56 ? 414 THR A CA  1 
ATOM   850 C C   . THR A 1 118 ? 12.176  9.518   -10.937 1.00 35.18 ? 414 THR A C   1 
ATOM   851 O O   . THR A 1 118 ? 13.157  8.882   -10.920 1.00 33.75 ? 414 THR A O   1 
ATOM   852 C CB  . THR A 1 118 ? 10.958  9.081   -8.776  1.00 35.65 ? 414 THR A CB  1 
ATOM   853 O OG1 . THR A 1 118 ? 9.787   8.391   -8.235  1.00 35.61 ? 414 THR A OG1 1 
ATOM   854 C CG2 . THR A 1 118 ? 10.842  10.572  -8.297  1.00 35.96 ? 414 THR A CG2 1 
ATOM   855 N N   . ASP A 1 119 ? 12.032  10.612  -11.690 1.00 38.11 ? 415 ASP A N   1 
ATOM   856 C CA  . ASP A 1 119 ? 13.144  11.205  -12.357 1.00 38.81 ? 415 ASP A CA  1 
ATOM   857 C C   . ASP A 1 119 ? 13.548  12.337  -11.375 1.00 41.94 ? 415 ASP A C   1 
ATOM   858 O O   . ASP A 1 119 ? 12.802  13.223  -10.850 1.00 41.65 ? 415 ASP A O   1 
ATOM   859 C CB  . ASP A 1 119 ? 12.834  11.695  -13.810 1.00 38.70 ? 415 ASP A CB  1 
ATOM   860 C CG  . ASP A 1 119 ? 12.250  10.563  -14.773 1.00 34.59 ? 415 ASP A CG  1 
ATOM   861 O OD1 . ASP A 1 119 ? 12.948  9.709   -15.298 1.00 33.18 ? 415 ASP A OD1 1 
ATOM   862 O OD2 . ASP A 1 119 ? 10.995  10.639  -14.995 1.00 30.46 ? 415 ASP A OD2 1 
ATOM   863 O OXT . ASP A 1 119 ? 14.753  12.303  -11.055 1.00 43.84 ? 415 ASP A OXT 1 
ATOM   864 N N   . LYS B 2 1   ? -3.658  16.929  2.149   1.00 63.54 ? 420 LYS B N   1 
ATOM   865 C CA  . LYS B 2 1   ? -2.162  16.882  2.016   1.00 63.80 ? 420 LYS B CA  1 
ATOM   866 C C   . LYS B 2 1   ? -1.814  15.375  2.033   1.00 63.64 ? 420 LYS B C   1 
ATOM   867 O O   . LYS B 2 1   ? -2.460  14.641  1.248   1.00 64.45 ? 420 LYS B O   1 
ATOM   868 C CB  . LYS B 2 1   ? -1.495  17.673  3.191   1.00 64.53 ? 420 LYS B CB  1 
ATOM   869 N N   . LYS B 2 2   ? -0.750  14.976  2.798   1.00 61.25 ? 421 LYS B N   1 
ATOM   870 C CA  . LYS B 2 2   ? -0.675  13.827  3.808   1.00 59.91 ? 421 LYS B CA  1 
ATOM   871 C C   . LYS B 2 2   ? -0.621  12.237  3.596   1.00 57.21 ? 421 LYS B C   1 
ATOM   872 O O   . LYS B 2 2   ? -1.405  11.527  2.894   1.00 55.44 ? 421 LYS B O   1 
ATOM   873 C CB  . LYS B 2 2   ? -1.624  14.094  4.987   1.00 60.84 ? 421 LYS B CB  1 
ATOM   874 C CG  . LYS B 2 2   ? -1.172  13.606  6.430   1.00 63.06 ? 421 LYS B CG  1 
ATOM   875 C CD  . LYS B 2 2   ? -2.392  13.506  7.386   1.00 65.27 ? 421 LYS B CD  1 
ATOM   876 C CE  . LYS B 2 2   ? -3.654  14.311  6.825   1.00 66.31 ? 421 LYS B CE  1 
ATOM   877 N NZ  . LYS B 2 2   ? -4.198  13.896  5.387   1.00 62.55 ? 421 LYS B NZ  1 
ATOM   878 N N   . GLU B 2 3   ? 0.362   11.774  4.359   1.00 55.70 ? 422 GLU B N   1 
ATOM   879 C CA  . GLU B 2 3   ? 0.991   10.453  4.406   1.00 54.25 ? 422 GLU B CA  1 
ATOM   880 C C   . GLU B 2 3   ? 0.999   10.086  5.944   1.00 52.52 ? 422 GLU B C   1 
ATOM   881 O O   . GLU B 2 3   ? 1.409   10.910  6.822   1.00 49.78 ? 422 GLU B O   1 
ATOM   882 C CB  . GLU B 2 3   ? 2.454   10.564  3.835   1.00 54.26 ? 422 GLU B CB  1 
ATOM   883 C CG  . GLU B 2 3   ? 2.954   9.412   2.939   1.00 57.21 ? 422 GLU B CG  1 
ATOM   884 C CD  . GLU B 2 3   ? 4.416   8.953   3.124   1.00 60.92 ? 422 GLU B CD  1 
ATOM   885 O OE1 . GLU B 2 3   ? 4.837   8.729   4.271   1.00 62.65 ? 422 GLU B OE1 1 
ATOM   886 O OE2 . GLU B 2 3   ? 5.163   8.760   2.108   1.00 65.90 ? 422 GLU B OE2 1 
ATOM   887 N N   . THR B 2 4   ? 0.506   8.890   6.283   1.00 50.51 ? 423 THR B N   1 
ATOM   888 C CA  . THR B 2 4   ? 0.538   8.464   7.683   1.00 49.22 ? 423 THR B CA  1 
ATOM   889 C C   . THR B 2 4   ? 1.216   7.097   7.785   1.00 47.99 ? 423 THR B C   1 
ATOM   890 O O   . THR B 2 4   ? 0.846   6.220   7.022   1.00 43.22 ? 423 THR B O   1 
ATOM   891 C CB  . THR B 2 4   ? -0.893  8.332   8.272   1.00 50.46 ? 423 THR B CB  1 
ATOM   892 O OG1 . THR B 2 4   ? -1.525  9.632   8.464   1.00 51.03 ? 423 THR B OG1 1 
ATOM   893 C CG2 . THR B 2 4   ? -0.821  7.683   9.688   1.00 50.76 ? 423 THR B CG2 1 
ATOM   894 N N   . PRO B 2 5   ? 2.171   6.933   8.743   1.00 46.20 ? 424 PRO B N   1 
ATOM   895 C CA  . PRO B 2 5   ? 2.829   5.623   9.016   1.00 45.12 ? 424 PRO B CA  1 
ATOM   896 C C   . PRO B 2 5   ? 1.982   4.731   9.918   1.00 43.53 ? 424 PRO B C   1 
ATOM   897 O O   . PRO B 2 5   ? 1.511   5.193   10.996  1.00 44.80 ? 424 PRO B O   1 
ATOM   898 C CB  . PRO B 2 5   ? 4.152   6.011   9.789   1.00 46.01 ? 424 PRO B CB  1 
ATOM   899 C CG  . PRO B 2 5   ? 4.202   7.551   9.791   1.00 44.96 ? 424 PRO B CG  1 
ATOM   900 C CD  . PRO B 2 5   ? 2.743   7.986   9.614   1.00 46.91 ? 424 PRO B CD  1 
ATOM   901 N N   . VAL B 2 6   ? 1.838   3.475   9.537   1.00 40.18 ? 425 VAL B N   1 
ATOM   902 C CA  . VAL B 2 6   ? 1.024   2.558   10.330  1.00 39.63 ? 425 VAL B CA  1 
ATOM   903 C C   . VAL B 2 6   ? 1.819   1.245   10.662  1.00 39.26 ? 425 VAL B C   1 
ATOM   904 O O   . VAL B 2 6   ? 1.137   0.440   11.417  1.00 37.68 ? 425 VAL B O   1 
ATOM   905 C CB  . VAL B 2 6   ? -0.329  2.268   9.636   1.00 38.86 ? 425 VAL B CB  1 
ATOM   906 C CG1 . VAL B 2 6   ? -1.184  3.604   9.404   1.00 41.14 ? 425 VAL B CG1 1 
ATOM   907 C CG2 . VAL B 2 6   ? -0.136  1.588   8.294   1.00 38.18 ? 425 VAL B CG2 1 
ATOM   908 O OXT . VAL B 2 6   ? 3.015   1.138   10.132  1.00 36.64 ? 425 VAL B OXT 1 
HETATM 909 O O   . HOH C 3 .   ? 2.725   -5.174  -5.980  1.00 26.43 ? 2   HOH A O   1 
HETATM 910 O O   . HOH C 3 .   ? -8.189  1.898   -0.966  1.00 21.94 ? 3   HOH A O   1 
HETATM 911 O O   . HOH C 3 .   ? -10.454 6.217   -0.563  1.00 26.73 ? 4   HOH A O   1 
HETATM 912 O O   . HOH C 3 .   ? 8.075   -2.802  6.926   1.00 23.04 ? 5   HOH A O   1 
HETATM 913 O O   . HOH C 3 .   ? -8.881  -7.865  4.099   1.00 23.17 ? 6   HOH A O   1 
HETATM 914 O O   . HOH C 3 .   ? 7.146   -6.014  1.218   1.00 18.46 ? 7   HOH A O   1 
HETATM 915 O O   . HOH C 3 .   ? 9.311   11.651  -3.681  1.00 22.18 ? 8   HOH A O   1 
HETATM 916 O O   . HOH C 3 .   ? -9.188  11.783  6.704   1.00 25.86 ? 9   HOH A O   1 
HETATM 917 O O   . HOH C 3 .   ? -4.028  -2.246  -13.374 1.00 25.55 ? 10  HOH A O   1 
HETATM 918 O O   . HOH C 3 .   ? -15.436 0.078   4.807   1.00 24.27 ? 11  HOH A O   1 
HETATM 919 O O   . HOH C 3 .   ? -1.309  -6.464  -7.826  1.00 17.71 ? 12  HOH A O   1 
HETATM 920 O O   . HOH C 3 .   ? 8.211   -0.437  -2.896  1.00 21.95 ? 13  HOH A O   1 
HETATM 921 O O   . HOH C 3 .   ? -11.229 -6.690  -0.370  1.00 19.13 ? 14  HOH A O   1 
HETATM 922 O O   . HOH C 3 .   ? 14.510  -4.234  2.810   1.00 32.32 ? 15  HOH A O   1 
HETATM 923 O O   . HOH C 3 .   ? -4.213  -3.561  -10.965 1.00 23.12 ? 16  HOH A O   1 
HETATM 924 O O   . HOH C 3 .   ? -2.081  -5.045  17.138  1.00 21.56 ? 17  HOH A O   1 
HETATM 925 O O   . HOH C 3 .   ? 2.278   -3.921  -14.232 1.00 34.53 ? 18  HOH A O   1 
HETATM 926 O O   . HOH C 3 .   ? -9.030  11.654  4.018   1.00 41.98 ? 19  HOH A O   1 
HETATM 927 O O   . HOH C 3 .   ? -3.918  -3.427  16.287  1.00 30.49 ? 20  HOH A O   1 
HETATM 928 O O   . HOH C 3 .   ? -1.934  -10.263 -12.176 1.00 29.80 ? 21  HOH A O   1 
HETATM 929 O O   . HOH C 3 .   ? -14.340 1.787   1.491   1.00 27.63 ? 22  HOH A O   1 
HETATM 930 O O   . HOH C 3 .   ? -16.024 0.674   -0.400  1.00 23.50 ? 23  HOH A O   1 
HETATM 931 O O   . HOH C 3 .   ? -5.821  7.757   11.519  1.00 46.85 ? 24  HOH A O   1 
HETATM 932 O O   . HOH C 3 .   ? 1.899   -7.359  -7.586  1.00 21.40 ? 25  HOH A O   1 
HETATM 933 O O   . HOH C 3 .   ? 2.788   -9.590  -6.963  1.00 25.88 ? 26  HOH A O   1 
HETATM 934 O O   . HOH C 3 .   ? -11.841 3.133   10.361  1.00 26.23 ? 27  HOH A O   1 
HETATM 935 O O   . HOH C 3 .   ? -16.185 -3.385  4.545   1.00 30.41 ? 28  HOH A O   1 
HETATM 936 O O   . HOH C 3 .   ? -3.876  7.352   13.031  1.00 32.39 ? 29  HOH A O   1 
HETATM 937 O O   . HOH C 3 .   ? 4.035   -7.002  20.043  1.00 26.22 ? 30  HOH A O   1 
HETATM 938 O O   . HOH C 3 .   ? 1.282   -13.137 3.358   1.00 35.83 ? 31  HOH A O   1 
HETATM 939 O O   . HOH C 3 .   ? 3.399   7.161   -16.184 1.00 28.71 ? 32  HOH A O   1 
HETATM 940 O O   . HOH C 3 .   ? 7.177   6.313   -18.486 1.00 30.05 ? 33  HOH A O   1 
HETATM 941 O O   . HOH C 3 .   ? 1.574   -10.051 -2.675  1.00 29.95 ? 34  HOH A O   1 
HETATM 942 O O   . HOH C 3 .   ? 10.585  18.520  -8.386  1.00 29.23 ? 35  HOH A O   1 
HETATM 943 O O   . HOH C 3 .   ? 0.484   -12.226 -1.253  1.00 28.85 ? 36  HOH A O   1 
HETATM 944 O O   . HOH C 3 .   ? -17.114 6.323   -0.137  1.00 42.19 ? 37  HOH A O   1 
HETATM 945 O O   . HOH C 3 .   ? -9.442  4.459   -6.659  1.00 30.99 ? 38  HOH A O   1 
HETATM 946 O O   . HOH C 3 .   ? -16.074 8.399   -2.297  1.00 38.34 ? 39  HOH A O   1 
HETATM 947 O O   . HOH C 3 .   ? 6.186   -9.744  8.338   1.00 33.07 ? 40  HOH A O   1 
HETATM 948 O O   . HOH C 3 .   ? -12.232 -4.299  -1.654  1.00 32.67 ? 41  HOH A O   1 
HETATM 949 O O   . HOH C 3 .   ? 6.433   -10.092 -17.949 1.00 34.57 ? 42  HOH A O   1 
HETATM 950 O O   . HOH C 3 .   ? 16.852  -14.237 -15.980 1.00 33.96 ? 43  HOH A O   1 
HETATM 951 O O   . HOH C 3 .   ? 10.968  7.691   -5.091  1.00 30.40 ? 44  HOH A O   1 
HETATM 952 O O   . HOH C 3 .   ? -9.469  -2.539  11.419  1.00 25.40 ? 45  HOH A O   1 
HETATM 953 O O   . HOH C 3 .   ? -5.756  0.002   -13.611 1.00 28.11 ? 46  HOH A O   1 
HETATM 954 O O   . HOH C 3 .   ? 8.731   -12.994 3.719   1.00 28.36 ? 47  HOH A O   1 
HETATM 955 O O   . HOH C 3 .   ? 1.260   -11.494 15.617  1.00 31.44 ? 48  HOH A O   1 
HETATM 956 O O   . HOH C 3 .   ? 7.224   -13.770 1.203   1.00 38.98 ? 49  HOH A O   1 
HETATM 957 O O   . HOH C 3 .   ? -6.779  7.742   -6.877  1.00 40.49 ? 50  HOH A O   1 
HETATM 958 O O   . HOH C 3 .   ? 6.895   0.737   -6.320  1.00 31.31 ? 51  HOH A O   1 
HETATM 959 O O   . HOH C 3 .   ? 6.152   -14.185 -1.418  1.00 43.30 ? 52  HOH A O   1 
HETATM 960 O O   . HOH C 3 .   ? 1.363   5.784   -17.495 1.00 28.57 ? 53  HOH A O   1 
HETATM 961 O O   . HOH C 3 .   ? -4.908  8.510   -8.153  1.00 40.20 ? 54  HOH A O   1 
HETATM 962 O O   . HOH C 3 .   ? 13.416  -2.280  -13.591 1.00 39.49 ? 55  HOH A O   1 
HETATM 963 O O   . HOH C 3 .   ? -12.177 10.714  8.090   1.00 35.00 ? 56  HOH A O   1 
HETATM 964 O O   . HOH C 3 .   ? 4.446   -6.976  -3.791  1.00 31.22 ? 57  HOH A O   1 
HETATM 965 O O   . HOH C 3 .   ? -4.785  4.198   -14.782 1.00 32.77 ? 58  HOH A O   1 
HETATM 966 O O   . HOH C 3 .   ? 19.978  -12.779 -17.582 1.00 37.70 ? 59  HOH A O   1 
HETATM 967 O O   . HOH C 3 .   ? -4.943  -11.090 16.038  1.00 41.13 ? 60  HOH A O   1 
HETATM 968 O O   . HOH C 3 .   ? 6.806   -1.006  15.866  1.00 32.00 ? 61  HOH A O   1 
HETATM 969 O O   . HOH C 3 .   ? 7.371   -0.068  -8.917  1.00 34.08 ? 62  HOH A O   1 
HETATM 970 O O   . HOH C 3 .   ? -6.688  11.109  -2.245  1.00 25.84 ? 63  HOH A O   1 
HETATM 971 O O   . HOH C 3 .   ? 2.980   -14.114 -4.781  1.00 43.25 ? 64  HOH A O   1 
HETATM 972 O O   . HOH C 3 .   ? -2.024  -4.328  19.852  1.00 32.29 ? 65  HOH A O   1 
HETATM 973 O O   . HOH C 3 .   ? 6.100   -8.205  18.862  1.00 32.31 ? 66  HOH A O   1 
HETATM 974 O O   . HOH D 3 .   ? -0.495  -0.268  13.021  1.00 29.25 ? 67  HOH B O   1 
# 
loop_
_pdbx_poly_seq_scheme.asym_id 
_pdbx_poly_seq_scheme.entity_id 
_pdbx_poly_seq_scheme.seq_id 
_pdbx_poly_seq_scheme.mon_id 
_pdbx_poly_seq_scheme.ndb_seq_num 
_pdbx_poly_seq_scheme.pdb_seq_num 
_pdbx_poly_seq_scheme.auth_seq_num 
_pdbx_poly_seq_scheme.pdb_mon_id 
_pdbx_poly_seq_scheme.auth_mon_id 
_pdbx_poly_seq_scheme.pdb_strand_id 
_pdbx_poly_seq_scheme.pdb_ins_code 
_pdbx_poly_seq_scheme.hetero 
A 1 1   GLY 1   297 ?   ?   ?   A . n 
A 1 2   SER 2   298 ?   ?   ?   A . n 
A 1 3   PRO 3   299 ?   ?   ?   A . n 
A 1 4   GLU 4   300 ?   ?   ?   A . n 
A 1 5   PHE 5   301 301 PHE PHE A . n 
A 1 6   LEU 6   302 302 LEU LEU A . n 
A 1 7   GLY 7   303 303 GLY GLY A . n 
A 1 8   GLU 8   304 304 GLU GLU A . n 
A 1 9   GLU 9   305 305 GLU GLU A . n 
A 1 10  ASP 10  306 306 ASP ASP A . n 
A 1 11  ILE 11  307 307 ILE ILE A . n 
A 1 12  PRO 12  308 308 PRO PRO A . n 
A 1 13  ARG 13  309 309 ARG ARG A . n 
A 1 14  GLU 14  310 310 GLU GLU A . n 
A 1 15  PRO 15  311 311 PRO PRO A . n 
A 1 16  ARG 16  312 312 ARG ARG A . n 
A 1 17  ARG 17  313 313 ARG ARG A . n 
A 1 18  ILE 18  314 314 ILE ILE A . n 
A 1 19  VAL 19  315 315 VAL VAL A . n 
A 1 20  ILE 20  316 316 ILE ILE A . n 
A 1 21  HIS 21  317 317 HIS HIS A . n 
A 1 22  ARG 22  318 318 ARG ARG A . n 
A 1 23  GLY 23  319 319 GLY GLY A . n 
A 1 24  SER 24  320 320 SER SER A . n 
A 1 25  THR 25  321 321 THR THR A . n 
A 1 26  GLY 26  322 322 GLY GLY A . n 
A 1 27  LEU 27  323 323 LEU LEU A . n 
A 1 28  GLY 28  324 324 GLY GLY A . n 
A 1 29  PHE 29  325 325 PHE PHE A . n 
A 1 30  ASN 30  326 326 ASN ASN A . n 
A 1 31  ILE 31  327 327 ILE ILE A . n 
A 1 32  VAL 32  328 328 VAL VAL A . n 
A 1 33  GLY 33  329 329 GLY GLY A . n 
A 1 34  GLY 34  330 330 GLY GLY A . n 
A 1 35  GLU 35  331 331 GLU GLU A . n 
A 1 36  ASP 36  332 332 ASP ASP A . n 
A 1 37  GLY 37  333 333 GLY GLY A . n 
A 1 38  GLU 38  334 334 GLU GLU A . n 
A 1 39  GLY 39  335 335 GLY GLY A . n 
A 1 40  ILE 40  336 336 ILE ILE A . n 
A 1 41  PHE 41  337 337 PHE PHE A . n 
A 1 42  ILE 42  338 338 ILE ILE A . n 
A 1 43  SER 43  339 339 SER SER A . n 
A 1 44  PHE 44  340 340 PHE PHE A . n 
A 1 45  ILE 45  341 341 ILE ILE A . n 
A 1 46  LEU 46  342 342 LEU LEU A . n 
A 1 47  ALA 47  343 343 ALA ALA A . n 
A 1 48  GLY 48  344 344 GLY GLY A . n 
A 1 49  GLY 49  345 345 GLY GLY A . n 
A 1 50  PRO 50  346 346 PRO PRO A . n 
A 1 51  ALA 51  347 347 ALA ALA A . n 
A 1 52  ASP 52  348 348 ASP ASP A . n 
A 1 53  LEU 53  349 349 LEU LEU A . n 
A 1 54  SER 54  350 350 SER SER A . n 
A 1 55  GLY 55  351 351 GLY GLY A . n 
A 1 56  GLU 56  352 352 GLU GLU A . n 
A 1 57  LEU 57  353 353 LEU LEU A . n 
A 1 58  ARG 58  354 354 ARG ARG A . n 
A 1 59  LYS 59  355 355 LYS LYS A . n 
A 1 60  GLY 60  356 356 GLY GLY A . n 
A 1 61  ASP 61  357 357 ASP ASP A . n 
A 1 62  GLN 62  358 358 GLN GLN A . n 
A 1 63  ILE 63  359 359 ILE ILE A . n 
A 1 64  LEU 64  360 360 LEU LEU A . n 
A 1 65  SER 65  361 361 SER SER A . n 
A 1 66  VAL 66  362 362 VAL VAL A . n 
A 1 67  ASN 67  363 363 ASN ASN A . n 
A 1 68  GLY 68  364 364 GLY GLY A . n 
A 1 69  VAL 69  365 365 VAL VAL A . n 
A 1 70  ASP 70  366 366 ASP ASP A . n 
A 1 71  LEU 71  367 367 LEU LEU A . n 
A 1 72  ARG 72  368 368 ARG ARG A . n 
A 1 73  ASN 73  369 369 ASN ASN A . n 
A 1 74  ALA 74  370 370 ALA ALA A . n 
A 1 75  SER 75  371 371 SER SER A . n 
A 1 76  HIS 76  372 372 HIS HIS A . n 
A 1 77  GLU 77  373 373 GLU GLU A . n 
A 1 78  GLN 78  374 374 GLN GLN A . n 
A 1 79  ALA 79  375 375 ALA ALA A . n 
A 1 80  ALA 80  376 376 ALA ALA A . n 
A 1 81  ILE 81  377 377 ILE ILE A . n 
A 1 82  ALA 82  378 378 ALA ALA A . n 
A 1 83  LEU 83  379 379 LEU LEU A . n 
A 1 84  LYS 84  380 380 LYS LYS A . n 
A 1 85  ASN 85  381 381 ASN ASN A . n 
A 1 86  ALA 86  382 382 ALA ALA A . n 
A 1 87  GLY 87  383 383 GLY GLY A . n 
A 1 88  GLN 88  384 384 GLN GLN A . n 
A 1 89  THR 89  385 385 THR THR A . n 
A 1 90  VAL 90  386 386 VAL VAL A . n 
A 1 91  THR 91  387 387 THR THR A . n 
A 1 92  ILE 92  388 388 ILE ILE A . n 
A 1 93  ILE 93  389 389 ILE ILE A . n 
A 1 94  ALA 94  390 390 ALA ALA A . n 
A 1 95  GLN 95  391 391 GLN GLN A . n 
A 1 96  TYR 96  392 392 TYR TYR A . n 
A 1 97  LYS 97  393 393 LYS LYS A . n 
A 1 98  PRO 98  394 394 PRO PRO A . n 
A 1 99  GLU 99  395 395 GLU GLU A . n 
A 1 100 GLU 100 396 396 GLU GLU A . n 
A 1 101 TYR 101 397 397 TYR TYR A . n 
A 1 102 SER 102 398 398 SER SER A . n 
A 1 103 ARG 103 399 399 ARG ARG A . n 
A 1 104 PHE 104 400 400 PHE PHE A . n 
A 1 105 GLU 105 401 401 GLU GLU A . n 
A 1 106 ALA 106 402 402 ALA ALA A . n 
A 1 107 ASN 107 403 403 ASN ASN A . n 
A 1 108 SER 108 404 404 SER SER A . n 
A 1 109 ARG 109 405 405 ARG ARG A . n 
A 1 110 VAL 110 406 406 VAL VAL A . n 
A 1 111 ASP 111 407 407 ASP ASP A . n 
A 1 112 SER 112 408 408 SER SER A . n 
A 1 113 SER 113 409 409 SER SER A . n 
A 1 114 GLY 114 410 410 GLY GLY A . n 
A 1 115 ARG 115 411 411 ARG ARG A . n 
A 1 116 ILE 116 412 412 ILE ILE A . n 
A 1 117 VAL 117 413 413 VAL VAL A . n 
A 1 118 THR 118 414 414 THR THR A . n 
A 1 119 ASP 119 415 415 ASP ASP A . n 
B 2 1   LYS 1   420 420 LYS LYS B . n 
B 2 2   LYS 2   421 421 LYS LYS B . n 
B 2 3   GLU 3   422 422 GLU GLU B . n 
B 2 4   THR 4   423 423 THR THR B . n 
B 2 5   PRO 5   424 424 PRO PRO B . n 
B 2 6   VAL 6   425 425 VAL VAL B . n 
# 
loop_
_pdbx_nonpoly_scheme.asym_id 
_pdbx_nonpoly_scheme.entity_id 
_pdbx_nonpoly_scheme.mon_id 
_pdbx_nonpoly_scheme.ndb_seq_num 
_pdbx_nonpoly_scheme.pdb_seq_num 
_pdbx_nonpoly_scheme.auth_seq_num 
_pdbx_nonpoly_scheme.pdb_mon_id 
_pdbx_nonpoly_scheme.auth_mon_id 
_pdbx_nonpoly_scheme.pdb_strand_id 
_pdbx_nonpoly_scheme.pdb_ins_code 
C 3 HOH 1  2  2  HOH HOH A . 
C 3 HOH 2  3  3  HOH HOH A . 
C 3 HOH 3  4  4  HOH HOH A . 
C 3 HOH 4  5  5  HOH HOH A . 
C 3 HOH 5  6  6  HOH HOH A . 
C 3 HOH 6  7  7  HOH HOH A . 
C 3 HOH 7  8  8  HOH HOH A . 
C 3 HOH 8  9  9  HOH HOH A . 
C 3 HOH 9  10 10 HOH HOH A . 
C 3 HOH 10 11 11 HOH HOH A . 
C 3 HOH 11 12 12 HOH HOH A . 
C 3 HOH 12 13 13 HOH HOH A . 
C 3 HOH 13 14 14 HOH HOH A . 
C 3 HOH 14 15 15 HOH HOH A . 
C 3 HOH 15 16 16 HOH HOH A . 
C 3 HOH 16 17 17 HOH HOH A . 
C 3 HOH 17 18 18 HOH HOH A . 
C 3 HOH 18 19 19 HOH HOH A . 
C 3 HOH 19 20 20 HOH HOH A . 
C 3 HOH 20 21 21 HOH HOH A . 
C 3 HOH 21 22 22 HOH HOH A . 
C 3 HOH 22 23 23 HOH HOH A . 
C 3 HOH 23 24 24 HOH HOH A . 
C 3 HOH 24 25 25 HOH HOH A . 
C 3 HOH 25 26 26 HOH HOH A . 
C 3 HOH 26 27 27 HOH HOH A . 
C 3 HOH 27 28 28 HOH HOH A . 
C 3 HOH 28 29 29 HOH HOH A . 
C 3 HOH 29 30 30 HOH HOH A . 
C 3 HOH 30 31 31 HOH HOH A . 
C 3 HOH 31 32 32 HOH HOH A . 
C 3 HOH 32 33 33 HOH HOH A . 
C 3 HOH 33 34 34 HOH HOH A . 
C 3 HOH 34 35 35 HOH HOH A . 
C 3 HOH 35 36 36 HOH HOH A . 
C 3 HOH 36 37 37 HOH HOH A . 
C 3 HOH 37 38 38 HOH HOH A . 
C 3 HOH 38 39 39 HOH HOH A . 
C 3 HOH 39 40 40 HOH HOH A . 
C 3 HOH 40 41 41 HOH HOH A . 
C 3 HOH 41 42 42 HOH HOH A . 
C 3 HOH 42 43 43 HOH HOH A . 
C 3 HOH 43 44 44 HOH HOH A . 
C 3 HOH 44 45 45 HOH HOH A . 
C 3 HOH 45 46 46 HOH HOH A . 
C 3 HOH 46 47 47 HOH HOH A . 
C 3 HOH 47 48 48 HOH HOH A . 
C 3 HOH 48 49 49 HOH HOH A . 
C 3 HOH 49 50 50 HOH HOH A . 
C 3 HOH 50 51 51 HOH HOH A . 
C 3 HOH 51 52 52 HOH HOH A . 
C 3 HOH 52 53 53 HOH HOH A . 
C 3 HOH 53 54 54 HOH HOH A . 
C 3 HOH 54 55 55 HOH HOH A . 
C 3 HOH 55 56 56 HOH HOH A . 
C 3 HOH 56 57 57 HOH HOH A . 
C 3 HOH 57 58 58 HOH HOH A . 
C 3 HOH 58 59 59 HOH HOH A . 
C 3 HOH 59 60 60 HOH HOH A . 
C 3 HOH 60 61 61 HOH HOH A . 
C 3 HOH 61 62 62 HOH HOH A . 
C 3 HOH 62 63 63 HOH HOH A . 
C 3 HOH 63 64 64 HOH HOH A . 
C 3 HOH 64 65 65 HOH HOH A . 
C 3 HOH 65 66 66 HOH HOH A . 
D 3 HOH 1  67 67 HOH HOH B . 
# 
_pdbx_struct_assembly.id                   1 
_pdbx_struct_assembly.details              author_defined_assembly 
_pdbx_struct_assembly.method_details       ? 
_pdbx_struct_assembly.oligomeric_details   dimeric 
_pdbx_struct_assembly.oligomeric_count     2 
# 
_pdbx_struct_assembly_gen.assembly_id       1 
_pdbx_struct_assembly_gen.oper_expression   1 
_pdbx_struct_assembly_gen.asym_id_list      A,B,C,D 
# 
_pdbx_struct_oper_list.id                   1 
_pdbx_struct_oper_list.type                 'identity operation' 
_pdbx_struct_oper_list.name                 1_555 
_pdbx_struct_oper_list.symmetry_operation   x,y,z 
_pdbx_struct_oper_list.matrix[1][1]         1.0000000000 
_pdbx_struct_oper_list.matrix[1][2]         0.0000000000 
_pdbx_struct_oper_list.matrix[1][3]         0.0000000000 
_pdbx_struct_oper_list.vector[1]            0.0000000000 
_pdbx_struct_oper_list.matrix[2][1]         0.0000000000 
_pdbx_struct_oper_list.matrix[2][2]         1.0000000000 
_pdbx_struct_oper_list.matrix[2][3]         0.0000000000 
_pdbx_struct_oper_list.vector[2]            0.0000000000 
_pdbx_struct_oper_list.matrix[3][1]         0.0000000000 
_pdbx_struct_oper_list.matrix[3][2]         0.0000000000 
_pdbx_struct_oper_list.matrix[3][3]         1.0000000000 
_pdbx_struct_oper_list.vector[3]            0.0000000000 
# 
loop_
_pdbx_audit_revision_history.ordinal 
_pdbx_audit_revision_history.data_content_type 
_pdbx_audit_revision_history.major_revision 
_pdbx_audit_revision_history.minor_revision 
_pdbx_audit_revision_history.revision_date 
1 'Structure model' 1 0 2005-09-20 
2 'Structure model' 1 1 2008-04-30 
3 'Structure model' 1 2 2011-07-13 
4 'Structure model' 1 3 2015-07-01 
5 'Structure model' 1 4 2017-10-11 
6 'Structure model' 1 5 2023-08-23 
# 
_pdbx_audit_revision_details.ordinal             1 
_pdbx_audit_revision_details.revision_ordinal    1 
_pdbx_audit_revision_details.data_content_type   'Structure model' 
_pdbx_audit_revision_details.provider            repository 
_pdbx_audit_revision_details.type                'Initial release' 
_pdbx_audit_revision_details.description         ? 
_pdbx_audit_revision_details.details             ? 
# 
loop_
_pdbx_audit_revision_group.ordinal 
_pdbx_audit_revision_group.revision_ordinal 
_pdbx_audit_revision_group.data_content_type 
_pdbx_audit_revision_group.group 
1 2 'Structure model' 'Version format compliance' 
2 3 'Structure model' 'Version format compliance' 
3 4 'Structure model' 'Database references'       
4 4 'Structure model' 'Structure summary'         
5 5 'Structure model' 'Refinement description'    
6 6 'Structure model' 'Data collection'           
7 6 'Structure model' 'Database references'       
8 6 'Structure model' 'Refinement description'    
# 
loop_
_pdbx_audit_revision_category.ordinal 
_pdbx_audit_revision_category.revision_ordinal 
_pdbx_audit_revision_category.data_content_type 
_pdbx_audit_revision_category.category 
1 5 'Structure model' software                      
2 6 'Structure model' chem_comp_atom                
3 6 'Structure model' chem_comp_bond                
4 6 'Structure model' database_2                    
5 6 'Structure model' pdbx_initial_refinement_model 
6 6 'Structure model' struct_ref_seq_dif            
# 
loop_
_pdbx_audit_revision_item.ordinal 
_pdbx_audit_revision_item.revision_ordinal 
_pdbx_audit_revision_item.data_content_type 
_pdbx_audit_revision_item.item 
1 5 'Structure model' '_software.name'                      
2 6 'Structure model' '_database_2.pdbx_DOI'                
3 6 'Structure model' '_database_2.pdbx_database_accession' 
4 6 'Structure model' '_struct_ref_seq_dif.details'         
# 
_pdbx_refine_tls.id               1 
_pdbx_refine_tls.details          ? 
_pdbx_refine_tls.method           refined 
_pdbx_refine_tls.origin_x         -0.0271 
_pdbx_refine_tls.origin_y         -0.1500 
_pdbx_refine_tls.origin_z         -0.3149 
_pdbx_refine_tls.T[1][1]          0.0048 
_pdbx_refine_tls.T[2][2]          0.0088 
_pdbx_refine_tls.T[3][3]          0.0024 
_pdbx_refine_tls.T[1][2]          0.0006 
_pdbx_refine_tls.T[1][3]          -0.0034 
_pdbx_refine_tls.T[2][3]          -0.0006 
_pdbx_refine_tls.L[1][1]          0.1081 
_pdbx_refine_tls.L[2][2]          0.1903 
_pdbx_refine_tls.L[3][3]          0.2916 
_pdbx_refine_tls.L[1][2]          0.1134 
_pdbx_refine_tls.L[1][3]          0.0852 
_pdbx_refine_tls.L[2][3]          -0.0584 
_pdbx_refine_tls.S[1][1]          -0.0057 
_pdbx_refine_tls.S[1][2]          -0.0080 
_pdbx_refine_tls.S[1][3]          0.0029 
_pdbx_refine_tls.S[2][1]          -0.0031 
_pdbx_refine_tls.S[2][2]          -0.0003 
_pdbx_refine_tls.S[2][3]          -0.0005 
_pdbx_refine_tls.S[3][1]          0.0173 
_pdbx_refine_tls.S[3][2]          -0.0072 
_pdbx_refine_tls.S[3][3]          0.0061 
_pdbx_refine_tls.pdbx_refine_id   'X-RAY DIFFRACTION' 
# 
loop_
_pdbx_refine_tls_group.id 
_pdbx_refine_tls_group.refine_tls_id 
_pdbx_refine_tls_group.beg_label_asym_id 
_pdbx_refine_tls_group.beg_label_seq_id 
_pdbx_refine_tls_group.beg_auth_seq_id 
_pdbx_refine_tls_group.end_label_asym_id 
_pdbx_refine_tls_group.end_label_seq_id 
_pdbx_refine_tls_group.end_auth_seq_id 
_pdbx_refine_tls_group.selection 
_pdbx_refine_tls_group.beg_auth_asym_id 
_pdbx_refine_tls_group.end_auth_asym_id 
_pdbx_refine_tls_group.pdbx_refine_id 
_pdbx_refine_tls_group.selection_details 
1 1 A 5 301 A 119 415 ? A A 'X-RAY DIFFRACTION' ? 
2 1 B 1 420 B 6   425 ? B B 'X-RAY DIFFRACTION' ? 
# 
loop_
_software.name 
_software.classification 
_software.version 
_software.citation_id 
_software.pdbx_ordinal 
REFMAC   refinement       5.1.24 ? 1 
XDS      'data reduction' .      ? 2 
d*TREK   'data scaling'   .      ? 3 
XTALVIEW refinement       .      ? 4 
# 
_pdbx_validate_close_contact.id               1 
_pdbx_validate_close_contact.PDB_model_num    1 
_pdbx_validate_close_contact.auth_atom_id_1   OE2 
_pdbx_validate_close_contact.auth_asym_id_1   A 
_pdbx_validate_close_contact.auth_comp_id_1   GLU 
_pdbx_validate_close_contact.auth_seq_id_1    334 
_pdbx_validate_close_contact.PDB_ins_code_1   ? 
_pdbx_validate_close_contact.label_alt_id_1   ? 
_pdbx_validate_close_contact.auth_atom_id_2   O 
_pdbx_validate_close_contact.auth_asym_id_2   A 
_pdbx_validate_close_contact.auth_comp_id_2   HOH 
_pdbx_validate_close_contact.auth_seq_id_2    63 
_pdbx_validate_close_contact.PDB_ins_code_2   ? 
_pdbx_validate_close_contact.label_alt_id_2   ? 
_pdbx_validate_close_contact.dist             2.16 
# 
_pdbx_validate_symm_contact.id                1 
_pdbx_validate_symm_contact.PDB_model_num     1 
_pdbx_validate_symm_contact.auth_atom_id_1    OE1 
_pdbx_validate_symm_contact.auth_asym_id_1    B 
_pdbx_validate_symm_contact.auth_comp_id_1    GLU 
_pdbx_validate_symm_contact.auth_seq_id_1     422 
_pdbx_validate_symm_contact.PDB_ins_code_1    ? 
_pdbx_validate_symm_contact.label_alt_id_1    ? 
_pdbx_validate_symm_contact.site_symmetry_1   1_555 
_pdbx_validate_symm_contact.auth_atom_id_2    OE1 
_pdbx_validate_symm_contact.auth_asym_id_2    B 
_pdbx_validate_symm_contact.auth_comp_id_2    GLU 
_pdbx_validate_symm_contact.auth_seq_id_2     422 
_pdbx_validate_symm_contact.PDB_ins_code_2    ? 
_pdbx_validate_symm_contact.label_alt_id_2    ? 
_pdbx_validate_symm_contact.site_symmetry_2   24_565 
_pdbx_validate_symm_contact.dist              1.82 
# 
loop_
_pdbx_validate_rmsd_bond.id 
_pdbx_validate_rmsd_bond.PDB_model_num 
_pdbx_validate_rmsd_bond.auth_atom_id_1 
_pdbx_validate_rmsd_bond.auth_asym_id_1 
_pdbx_validate_rmsd_bond.auth_comp_id_1 
_pdbx_validate_rmsd_bond.auth_seq_id_1 
_pdbx_validate_rmsd_bond.PDB_ins_code_1 
_pdbx_validate_rmsd_bond.label_alt_id_1 
_pdbx_validate_rmsd_bond.auth_atom_id_2 
_pdbx_validate_rmsd_bond.auth_asym_id_2 
_pdbx_validate_rmsd_bond.auth_comp_id_2 
_pdbx_validate_rmsd_bond.auth_seq_id_2 
_pdbx_validate_rmsd_bond.PDB_ins_code_2 
_pdbx_validate_rmsd_bond.label_alt_id_2 
_pdbx_validate_rmsd_bond.bond_value 
_pdbx_validate_rmsd_bond.bond_target_value 
_pdbx_validate_rmsd_bond.bond_deviation 
_pdbx_validate_rmsd_bond.bond_standard_deviation 
_pdbx_validate_rmsd_bond.linker_flag 
1 1 CG A GLU 310 ? ? CD  A GLU 310 ? ? 1.619 1.515 0.104  0.015 N 
2 1 CD A GLU 310 ? ? OE2 A GLU 310 ? ? 1.353 1.252 0.101  0.011 N 
3 1 CD A GLU 334 ? ? OE1 A GLU 334 ? ? 1.372 1.252 0.120  0.011 N 
4 1 CG A GLN 358 ? ? CD  A GLN 358 ? ? 1.661 1.506 0.155  0.023 N 
5 1 CD A GLU 373 ? ? OE2 A GLU 373 ? ? 1.328 1.252 0.076  0.011 N 
6 1 CD A GLU 395 ? ? OE1 A GLU 395 ? ? 1.341 1.252 0.089  0.011 N 
7 1 CD A GLU 395 ? ? OE2 A GLU 395 ? ? 1.322 1.252 0.070  0.011 N 
8 1 CD A GLU 396 ? ? OE1 A GLU 396 ? ? 1.338 1.252 0.086  0.011 N 
9 1 CG A TYR 397 ? ? CD2 A TYR 397 ? ? 1.291 1.387 -0.096 0.013 N 
# 
loop_
_pdbx_validate_rmsd_angle.id 
_pdbx_validate_rmsd_angle.PDB_model_num 
_pdbx_validate_rmsd_angle.auth_atom_id_1 
_pdbx_validate_rmsd_angle.auth_asym_id_1 
_pdbx_validate_rmsd_angle.auth_comp_id_1 
_pdbx_validate_rmsd_angle.auth_seq_id_1 
_pdbx_validate_rmsd_angle.PDB_ins_code_1 
_pdbx_validate_rmsd_angle.label_alt_id_1 
_pdbx_validate_rmsd_angle.auth_atom_id_2 
_pdbx_validate_rmsd_angle.auth_asym_id_2 
_pdbx_validate_rmsd_angle.auth_comp_id_2 
_pdbx_validate_rmsd_angle.auth_seq_id_2 
_pdbx_validate_rmsd_angle.PDB_ins_code_2 
_pdbx_validate_rmsd_angle.label_alt_id_2 
_pdbx_validate_rmsd_angle.auth_atom_id_3 
_pdbx_validate_rmsd_angle.auth_asym_id_3 
_pdbx_validate_rmsd_angle.auth_comp_id_3 
_pdbx_validate_rmsd_angle.auth_seq_id_3 
_pdbx_validate_rmsd_angle.PDB_ins_code_3 
_pdbx_validate_rmsd_angle.label_alt_id_3 
_pdbx_validate_rmsd_angle.angle_value 
_pdbx_validate_rmsd_angle.angle_target_value 
_pdbx_validate_rmsd_angle.angle_deviation 
_pdbx_validate_rmsd_angle.angle_standard_deviation 
_pdbx_validate_rmsd_angle.linker_flag 
1 1 NE A ARG 309 ? ? CZ A ARG 309 ? ? NH2 A ARG 309 ? ? 116.61 120.30 -3.69  0.50 N 
2 1 CB A LEU 353 ? ? CG A LEU 353 ? ? CD1 A LEU 353 ? ? 98.29  111.00 -12.71 1.70 N 
3 1 NE A ARG 405 ? ? CZ A ARG 405 ? ? NH1 A ARG 405 ? ? 124.21 120.30 3.91   0.50 N 
4 1 NE A ARG 411 ? ? CZ A ARG 411 ? ? NH1 A ARG 411 ? ? 124.54 120.30 4.24   0.50 N 
5 1 NE A ARG 411 ? ? CZ A ARG 411 ? ? NH2 A ARG 411 ? ? 117.03 120.30 -3.27  0.50 N 
6 1 N  B LYS 421 ? ? CA B LYS 421 ? ? C   B LYS 421 ? ? 131.12 111.00 20.12  2.70 N 
# 
loop_
_pdbx_validate_torsion.id 
_pdbx_validate_torsion.PDB_model_num 
_pdbx_validate_torsion.auth_comp_id 
_pdbx_validate_torsion.auth_asym_id 
_pdbx_validate_torsion.auth_seq_id 
_pdbx_validate_torsion.PDB_ins_code 
_pdbx_validate_torsion.label_alt_id 
_pdbx_validate_torsion.phi 
_pdbx_validate_torsion.psi 
1 1 ASN A 363 ? ? 34.19 50.35  
2 1 LYS B 421 ? ? 73.19 132.19 
# 
_pdbx_validate_peptide_omega.id               1 
_pdbx_validate_peptide_omega.PDB_model_num    1 
_pdbx_validate_peptide_omega.auth_comp_id_1   LYS 
_pdbx_validate_peptide_omega.auth_asym_id_1   B 
_pdbx_validate_peptide_omega.auth_seq_id_1    420 
_pdbx_validate_peptide_omega.PDB_ins_code_1   ? 
_pdbx_validate_peptide_omega.label_alt_id_1   ? 
_pdbx_validate_peptide_omega.auth_comp_id_2   LYS 
_pdbx_validate_peptide_omega.auth_asym_id_2   B 
_pdbx_validate_peptide_omega.auth_seq_id_2    421 
_pdbx_validate_peptide_omega.PDB_ins_code_2   ? 
_pdbx_validate_peptide_omega.label_alt_id_2   ? 
_pdbx_validate_peptide_omega.omega            131.60 
# 
loop_
_pdbx_unobs_or_zero_occ_atoms.id 
_pdbx_unobs_or_zero_occ_atoms.PDB_model_num 
_pdbx_unobs_or_zero_occ_atoms.polymer_flag 
_pdbx_unobs_or_zero_occ_atoms.occupancy_flag 
_pdbx_unobs_or_zero_occ_atoms.auth_asym_id 
_pdbx_unobs_or_zero_occ_atoms.auth_comp_id 
_pdbx_unobs_or_zero_occ_atoms.auth_seq_id 
_pdbx_unobs_or_zero_occ_atoms.PDB_ins_code 
_pdbx_unobs_or_zero_occ_atoms.auth_atom_id 
_pdbx_unobs_or_zero_occ_atoms.label_alt_id 
_pdbx_unobs_or_zero_occ_atoms.label_asym_id 
_pdbx_unobs_or_zero_occ_atoms.label_comp_id 
_pdbx_unobs_or_zero_occ_atoms.label_seq_id 
_pdbx_unobs_or_zero_occ_atoms.label_atom_id 
1  1 Y 1 A PHE 301 ? CG  ? A PHE 5  CG  
2  1 Y 1 A PHE 301 ? CD1 ? A PHE 5  CD1 
3  1 Y 1 A PHE 301 ? CD2 ? A PHE 5  CD2 
4  1 Y 1 A PHE 301 ? CE1 ? A PHE 5  CE1 
5  1 Y 1 A PHE 301 ? CE2 ? A PHE 5  CE2 
6  1 Y 1 A PHE 301 ? CZ  ? A PHE 5  CZ  
7  1 Y 1 A ASP 332 ? CG  ? A ASP 36 CG  
8  1 Y 1 A ASP 332 ? OD1 ? A ASP 36 OD1 
9  1 Y 1 A ASP 332 ? OD2 ? A ASP 36 OD2 
10 1 Y 1 B LYS 420 ? CG  ? B LYS 1  CG  
11 1 Y 1 B LYS 420 ? CD  ? B LYS 1  CD  
12 1 Y 1 B LYS 420 ? CE  ? B LYS 1  CE  
13 1 Y 1 B LYS 420 ? NZ  ? B LYS 1  NZ  
# 
loop_
_pdbx_unobs_or_zero_occ_residues.id 
_pdbx_unobs_or_zero_occ_residues.PDB_model_num 
_pdbx_unobs_or_zero_occ_residues.polymer_flag 
_pdbx_unobs_or_zero_occ_residues.occupancy_flag 
_pdbx_unobs_or_zero_occ_residues.auth_asym_id 
_pdbx_unobs_or_zero_occ_residues.auth_comp_id 
_pdbx_unobs_or_zero_occ_residues.auth_seq_id 
_pdbx_unobs_or_zero_occ_residues.PDB_ins_code 
_pdbx_unobs_or_zero_occ_residues.label_asym_id 
_pdbx_unobs_or_zero_occ_residues.label_comp_id 
_pdbx_unobs_or_zero_occ_residues.label_seq_id 
1 1 Y 1 A GLY 297 ? A GLY 1 
2 1 Y 1 A SER 298 ? A SER 2 
3 1 Y 1 A PRO 299 ? A PRO 3 
4 1 Y 1 A GLU 300 ? A GLU 4 
# 
loop_
_chem_comp_atom.comp_id 
_chem_comp_atom.atom_id 
_chem_comp_atom.type_symbol 
_chem_comp_atom.pdbx_aromatic_flag 
_chem_comp_atom.pdbx_stereo_config 
_chem_comp_atom.pdbx_ordinal 
ALA N    N N N 1   
ALA CA   C N S 2   
ALA C    C N N 3   
ALA O    O N N 4   
ALA CB   C N N 5   
ALA OXT  O N N 6   
ALA H    H N N 7   
ALA H2   H N N 8   
ALA HA   H N N 9   
ALA HB1  H N N 10  
ALA HB2  H N N 11  
ALA HB3  H N N 12  
ALA HXT  H N N 13  
ARG N    N N N 14  
ARG CA   C N S 15  
ARG C    C N N 16  
ARG O    O N N 17  
ARG CB   C N N 18  
ARG CG   C N N 19  
ARG CD   C N N 20  
ARG NE   N N N 21  
ARG CZ   C N N 22  
ARG NH1  N N N 23  
ARG NH2  N N N 24  
ARG OXT  O N N 25  
ARG H    H N N 26  
ARG H2   H N N 27  
ARG HA   H N N 28  
ARG HB2  H N N 29  
ARG HB3  H N N 30  
ARG HG2  H N N 31  
ARG HG3  H N N 32  
ARG HD2  H N N 33  
ARG HD3  H N N 34  
ARG HE   H N N 35  
ARG HH11 H N N 36  
ARG HH12 H N N 37  
ARG HH21 H N N 38  
ARG HH22 H N N 39  
ARG HXT  H N N 40  
ASN N    N N N 41  
ASN CA   C N S 42  
ASN C    C N N 43  
ASN O    O N N 44  
ASN CB   C N N 45  
ASN CG   C N N 46  
ASN OD1  O N N 47  
ASN ND2  N N N 48  
ASN OXT  O N N 49  
ASN H    H N N 50  
ASN H2   H N N 51  
ASN HA   H N N 52  
ASN HB2  H N N 53  
ASN HB3  H N N 54  
ASN HD21 H N N 55  
ASN HD22 H N N 56  
ASN HXT  H N N 57  
ASP N    N N N 58  
ASP CA   C N S 59  
ASP C    C N N 60  
ASP O    O N N 61  
ASP CB   C N N 62  
ASP CG   C N N 63  
ASP OD1  O N N 64  
ASP OD2  O N N 65  
ASP OXT  O N N 66  
ASP H    H N N 67  
ASP H2   H N N 68  
ASP HA   H N N 69  
ASP HB2  H N N 70  
ASP HB3  H N N 71  
ASP HD2  H N N 72  
ASP HXT  H N N 73  
GLN N    N N N 74  
GLN CA   C N S 75  
GLN C    C N N 76  
GLN O    O N N 77  
GLN CB   C N N 78  
GLN CG   C N N 79  
GLN CD   C N N 80  
GLN OE1  O N N 81  
GLN NE2  N N N 82  
GLN OXT  O N N 83  
GLN H    H N N 84  
GLN H2   H N N 85  
GLN HA   H N N 86  
GLN HB2  H N N 87  
GLN HB3  H N N 88  
GLN HG2  H N N 89  
GLN HG3  H N N 90  
GLN HE21 H N N 91  
GLN HE22 H N N 92  
GLN HXT  H N N 93  
GLU N    N N N 94  
GLU CA   C N S 95  
GLU C    C N N 96  
GLU O    O N N 97  
GLU CB   C N N 98  
GLU CG   C N N 99  
GLU CD   C N N 100 
GLU OE1  O N N 101 
GLU OE2  O N N 102 
GLU OXT  O N N 103 
GLU H    H N N 104 
GLU H2   H N N 105 
GLU HA   H N N 106 
GLU HB2  H N N 107 
GLU HB3  H N N 108 
GLU HG2  H N N 109 
GLU HG3  H N N 110 
GLU HE2  H N N 111 
GLU HXT  H N N 112 
GLY N    N N N 113 
GLY CA   C N N 114 
GLY C    C N N 115 
GLY O    O N N 116 
GLY OXT  O N N 117 
GLY H    H N N 118 
GLY H2   H N N 119 
GLY HA2  H N N 120 
GLY HA3  H N N 121 
GLY HXT  H N N 122 
HIS N    N N N 123 
HIS CA   C N S 124 
HIS C    C N N 125 
HIS O    O N N 126 
HIS CB   C N N 127 
HIS CG   C Y N 128 
HIS ND1  N Y N 129 
HIS CD2  C Y N 130 
HIS CE1  C Y N 131 
HIS NE2  N Y N 132 
HIS OXT  O N N 133 
HIS H    H N N 134 
HIS H2   H N N 135 
HIS HA   H N N 136 
HIS HB2  H N N 137 
HIS HB3  H N N 138 
HIS HD1  H N N 139 
HIS HD2  H N N 140 
HIS HE1  H N N 141 
HIS HE2  H N N 142 
HIS HXT  H N N 143 
HOH O    O N N 144 
HOH H1   H N N 145 
HOH H2   H N N 146 
ILE N    N N N 147 
ILE CA   C N S 148 
ILE C    C N N 149 
ILE O    O N N 150 
ILE CB   C N S 151 
ILE CG1  C N N 152 
ILE CG2  C N N 153 
ILE CD1  C N N 154 
ILE OXT  O N N 155 
ILE H    H N N 156 
ILE H2   H N N 157 
ILE HA   H N N 158 
ILE HB   H N N 159 
ILE HG12 H N N 160 
ILE HG13 H N N 161 
ILE HG21 H N N 162 
ILE HG22 H N N 163 
ILE HG23 H N N 164 
ILE HD11 H N N 165 
ILE HD12 H N N 166 
ILE HD13 H N N 167 
ILE HXT  H N N 168 
LEU N    N N N 169 
LEU CA   C N S 170 
LEU C    C N N 171 
LEU O    O N N 172 
LEU CB   C N N 173 
LEU CG   C N N 174 
LEU CD1  C N N 175 
LEU CD2  C N N 176 
LEU OXT  O N N 177 
LEU H    H N N 178 
LEU H2   H N N 179 
LEU HA   H N N 180 
LEU HB2  H N N 181 
LEU HB3  H N N 182 
LEU HG   H N N 183 
LEU HD11 H N N 184 
LEU HD12 H N N 185 
LEU HD13 H N N 186 
LEU HD21 H N N 187 
LEU HD22 H N N 188 
LEU HD23 H N N 189 
LEU HXT  H N N 190 
LYS N    N N N 191 
LYS CA   C N S 192 
LYS C    C N N 193 
LYS O    O N N 194 
LYS CB   C N N 195 
LYS CG   C N N 196 
LYS CD   C N N 197 
LYS CE   C N N 198 
LYS NZ   N N N 199 
LYS OXT  O N N 200 
LYS H    H N N 201 
LYS H2   H N N 202 
LYS HA   H N N 203 
LYS HB2  H N N 204 
LYS HB3  H N N 205 
LYS HG2  H N N 206 
LYS HG3  H N N 207 
LYS HD2  H N N 208 
LYS HD3  H N N 209 
LYS HE2  H N N 210 
LYS HE3  H N N 211 
LYS HZ1  H N N 212 
LYS HZ2  H N N 213 
LYS HZ3  H N N 214 
LYS HXT  H N N 215 
PHE N    N N N 216 
PHE CA   C N S 217 
PHE C    C N N 218 
PHE O    O N N 219 
PHE CB   C N N 220 
PHE CG   C Y N 221 
PHE CD1  C Y N 222 
PHE CD2  C Y N 223 
PHE CE1  C Y N 224 
PHE CE2  C Y N 225 
PHE CZ   C Y N 226 
PHE OXT  O N N 227 
PHE H    H N N 228 
PHE H2   H N N 229 
PHE HA   H N N 230 
PHE HB2  H N N 231 
PHE HB3  H N N 232 
PHE HD1  H N N 233 
PHE HD2  H N N 234 
PHE HE1  H N N 235 
PHE HE2  H N N 236 
PHE HZ   H N N 237 
PHE HXT  H N N 238 
PRO N    N N N 239 
PRO CA   C N S 240 
PRO C    C N N 241 
PRO O    O N N 242 
PRO CB   C N N 243 
PRO CG   C N N 244 
PRO CD   C N N 245 
PRO OXT  O N N 246 
PRO H    H N N 247 
PRO HA   H N N 248 
PRO HB2  H N N 249 
PRO HB3  H N N 250 
PRO HG2  H N N 251 
PRO HG3  H N N 252 
PRO HD2  H N N 253 
PRO HD3  H N N 254 
PRO HXT  H N N 255 
SER N    N N N 256 
SER CA   C N S 257 
SER C    C N N 258 
SER O    O N N 259 
SER CB   C N N 260 
SER OG   O N N 261 
SER OXT  O N N 262 
SER H    H N N 263 
SER H2   H N N 264 
SER HA   H N N 265 
SER HB2  H N N 266 
SER HB3  H N N 267 
SER HG   H N N 268 
SER HXT  H N N 269 
THR N    N N N 270 
THR CA   C N S 271 
THR C    C N N 272 
THR O    O N N 273 
THR CB   C N R 274 
THR OG1  O N N 275 
THR CG2  C N N 276 
THR OXT  O N N 277 
THR H    H N N 278 
THR H2   H N N 279 
THR HA   H N N 280 
THR HB   H N N 281 
THR HG1  H N N 282 
THR HG21 H N N 283 
THR HG22 H N N 284 
THR HG23 H N N 285 
THR HXT  H N N 286 
TYR N    N N N 287 
TYR CA   C N S 288 
TYR C    C N N 289 
TYR O    O N N 290 
TYR CB   C N N 291 
TYR CG   C Y N 292 
TYR CD1  C Y N 293 
TYR CD2  C Y N 294 
TYR CE1  C Y N 295 
TYR CE2  C Y N 296 
TYR CZ   C Y N 297 
TYR OH   O N N 298 
TYR OXT  O N N 299 
TYR H    H N N 300 
TYR H2   H N N 301 
TYR HA   H N N 302 
TYR HB2  H N N 303 
TYR HB3  H N N 304 
TYR HD1  H N N 305 
TYR HD2  H N N 306 
TYR HE1  H N N 307 
TYR HE2  H N N 308 
TYR HH   H N N 309 
TYR HXT  H N N 310 
VAL N    N N N 311 
VAL CA   C N S 312 
VAL C    C N N 313 
VAL O    O N N 314 
VAL CB   C N N 315 
VAL CG1  C N N 316 
VAL CG2  C N N 317 
VAL OXT  O N N 318 
VAL H    H N N 319 
VAL H2   H N N 320 
VAL HA   H N N 321 
VAL HB   H N N 322 
VAL HG11 H N N 323 
VAL HG12 H N N 324 
VAL HG13 H N N 325 
VAL HG21 H N N 326 
VAL HG22 H N N 327 
VAL HG23 H N N 328 
VAL HXT  H N N 329 
# 
loop_
_chem_comp_bond.comp_id 
_chem_comp_bond.atom_id_1 
_chem_comp_bond.atom_id_2 
_chem_comp_bond.value_order 
_chem_comp_bond.pdbx_aromatic_flag 
_chem_comp_bond.pdbx_stereo_config 
_chem_comp_bond.pdbx_ordinal 
ALA N   CA   sing N N 1   
ALA N   H    sing N N 2   
ALA N   H2   sing N N 3   
ALA CA  C    sing N N 4   
ALA CA  CB   sing N N 5   
ALA CA  HA   sing N N 6   
ALA C   O    doub N N 7   
ALA C   OXT  sing N N 8   
ALA CB  HB1  sing N N 9   
ALA CB  HB2  sing N N 10  
ALA CB  HB3  sing N N 11  
ALA OXT HXT  sing N N 12  
ARG N   CA   sing N N 13  
ARG N   H    sing N N 14  
ARG N   H2   sing N N 15  
ARG CA  C    sing N N 16  
ARG CA  CB   sing N N 17  
ARG CA  HA   sing N N 18  
ARG C   O    doub N N 19  
ARG C   OXT  sing N N 20  
ARG CB  CG   sing N N 21  
ARG CB  HB2  sing N N 22  
ARG CB  HB3  sing N N 23  
ARG CG  CD   sing N N 24  
ARG CG  HG2  sing N N 25  
ARG CG  HG3  sing N N 26  
ARG CD  NE   sing N N 27  
ARG CD  HD2  sing N N 28  
ARG CD  HD3  sing N N 29  
ARG NE  CZ   sing N N 30  
ARG NE  HE   sing N N 31  
ARG CZ  NH1  sing N N 32  
ARG CZ  NH2  doub N N 33  
ARG NH1 HH11 sing N N 34  
ARG NH1 HH12 sing N N 35  
ARG NH2 HH21 sing N N 36  
ARG NH2 HH22 sing N N 37  
ARG OXT HXT  sing N N 38  
ASN N   CA   sing N N 39  
ASN N   H    sing N N 40  
ASN N   H2   sing N N 41  
ASN CA  C    sing N N 42  
ASN CA  CB   sing N N 43  
ASN CA  HA   sing N N 44  
ASN C   O    doub N N 45  
ASN C   OXT  sing N N 46  
ASN CB  CG   sing N N 47  
ASN CB  HB2  sing N N 48  
ASN CB  HB3  sing N N 49  
ASN CG  OD1  doub N N 50  
ASN CG  ND2  sing N N 51  
ASN ND2 HD21 sing N N 52  
ASN ND2 HD22 sing N N 53  
ASN OXT HXT  sing N N 54  
ASP N   CA   sing N N 55  
ASP N   H    sing N N 56  
ASP N   H2   sing N N 57  
ASP CA  C    sing N N 58  
ASP CA  CB   sing N N 59  
ASP CA  HA   sing N N 60  
ASP C   O    doub N N 61  
ASP C   OXT  sing N N 62  
ASP CB  CG   sing N N 63  
ASP CB  HB2  sing N N 64  
ASP CB  HB3  sing N N 65  
ASP CG  OD1  doub N N 66  
ASP CG  OD2  sing N N 67  
ASP OD2 HD2  sing N N 68  
ASP OXT HXT  sing N N 69  
GLN N   CA   sing N N 70  
GLN N   H    sing N N 71  
GLN N   H2   sing N N 72  
GLN CA  C    sing N N 73  
GLN CA  CB   sing N N 74  
GLN CA  HA   sing N N 75  
GLN C   O    doub N N 76  
GLN C   OXT  sing N N 77  
GLN CB  CG   sing N N 78  
GLN CB  HB2  sing N N 79  
GLN CB  HB3  sing N N 80  
GLN CG  CD   sing N N 81  
GLN CG  HG2  sing N N 82  
GLN CG  HG3  sing N N 83  
GLN CD  OE1  doub N N 84  
GLN CD  NE2  sing N N 85  
GLN NE2 HE21 sing N N 86  
GLN NE2 HE22 sing N N 87  
GLN OXT HXT  sing N N 88  
GLU N   CA   sing N N 89  
GLU N   H    sing N N 90  
GLU N   H2   sing N N 91  
GLU CA  C    sing N N 92  
GLU CA  CB   sing N N 93  
GLU CA  HA   sing N N 94  
GLU C   O    doub N N 95  
GLU C   OXT  sing N N 96  
GLU CB  CG   sing N N 97  
GLU CB  HB2  sing N N 98  
GLU CB  HB3  sing N N 99  
GLU CG  CD   sing N N 100 
GLU CG  HG2  sing N N 101 
GLU CG  HG3  sing N N 102 
GLU CD  OE1  doub N N 103 
GLU CD  OE2  sing N N 104 
GLU OE2 HE2  sing N N 105 
GLU OXT HXT  sing N N 106 
GLY N   CA   sing N N 107 
GLY N   H    sing N N 108 
GLY N   H2   sing N N 109 
GLY CA  C    sing N N 110 
GLY CA  HA2  sing N N 111 
GLY CA  HA3  sing N N 112 
GLY C   O    doub N N 113 
GLY C   OXT  sing N N 114 
GLY OXT HXT  sing N N 115 
HIS N   CA   sing N N 116 
HIS N   H    sing N N 117 
HIS N   H2   sing N N 118 
HIS CA  C    sing N N 119 
HIS CA  CB   sing N N 120 
HIS CA  HA   sing N N 121 
HIS C   O    doub N N 122 
HIS C   OXT  sing N N 123 
HIS CB  CG   sing N N 124 
HIS CB  HB2  sing N N 125 
HIS CB  HB3  sing N N 126 
HIS CG  ND1  sing Y N 127 
HIS CG  CD2  doub Y N 128 
HIS ND1 CE1  doub Y N 129 
HIS ND1 HD1  sing N N 130 
HIS CD2 NE2  sing Y N 131 
HIS CD2 HD2  sing N N 132 
HIS CE1 NE2  sing Y N 133 
HIS CE1 HE1  sing N N 134 
HIS NE2 HE2  sing N N 135 
HIS OXT HXT  sing N N 136 
HOH O   H1   sing N N 137 
HOH O   H2   sing N N 138 
ILE N   CA   sing N N 139 
ILE N   H    sing N N 140 
ILE N   H2   sing N N 141 
ILE CA  C    sing N N 142 
ILE CA  CB   sing N N 143 
ILE CA  HA   sing N N 144 
ILE C   O    doub N N 145 
ILE C   OXT  sing N N 146 
ILE CB  CG1  sing N N 147 
ILE CB  CG2  sing N N 148 
ILE CB  HB   sing N N 149 
ILE CG1 CD1  sing N N 150 
ILE CG1 HG12 sing N N 151 
ILE CG1 HG13 sing N N 152 
ILE CG2 HG21 sing N N 153 
ILE CG2 HG22 sing N N 154 
ILE CG2 HG23 sing N N 155 
ILE CD1 HD11 sing N N 156 
ILE CD1 HD12 sing N N 157 
ILE CD1 HD13 sing N N 158 
ILE OXT HXT  sing N N 159 
LEU N   CA   sing N N 160 
LEU N   H    sing N N 161 
LEU N   H2   sing N N 162 
LEU CA  C    sing N N 163 
LEU CA  CB   sing N N 164 
LEU CA  HA   sing N N 165 
LEU C   O    doub N N 166 
LEU C   OXT  sing N N 167 
LEU CB  CG   sing N N 168 
LEU CB  HB2  sing N N 169 
LEU CB  HB3  sing N N 170 
LEU CG  CD1  sing N N 171 
LEU CG  CD2  sing N N 172 
LEU CG  HG   sing N N 173 
LEU CD1 HD11 sing N N 174 
LEU CD1 HD12 sing N N 175 
LEU CD1 HD13 sing N N 176 
LEU CD2 HD21 sing N N 177 
LEU CD2 HD22 sing N N 178 
LEU CD2 HD23 sing N N 179 
LEU OXT HXT  sing N N 180 
LYS N   CA   sing N N 181 
LYS N   H    sing N N 182 
LYS N   H2   sing N N 183 
LYS CA  C    sing N N 184 
LYS CA  CB   sing N N 185 
LYS CA  HA   sing N N 186 
LYS C   O    doub N N 187 
LYS C   OXT  sing N N 188 
LYS CB  CG   sing N N 189 
LYS CB  HB2  sing N N 190 
LYS CB  HB3  sing N N 191 
LYS CG  CD   sing N N 192 
LYS CG  HG2  sing N N 193 
LYS CG  HG3  sing N N 194 
LYS CD  CE   sing N N 195 
LYS CD  HD2  sing N N 196 
LYS CD  HD3  sing N N 197 
LYS CE  NZ   sing N N 198 
LYS CE  HE2  sing N N 199 
LYS CE  HE3  sing N N 200 
LYS NZ  HZ1  sing N N 201 
LYS NZ  HZ2  sing N N 202 
LYS NZ  HZ3  sing N N 203 
LYS OXT HXT  sing N N 204 
PHE N   CA   sing N N 205 
PHE N   H    sing N N 206 
PHE N   H2   sing N N 207 
PHE CA  C    sing N N 208 
PHE CA  CB   sing N N 209 
PHE CA  HA   sing N N 210 
PHE C   O    doub N N 211 
PHE C   OXT  sing N N 212 
PHE CB  CG   sing N N 213 
PHE CB  HB2  sing N N 214 
PHE CB  HB3  sing N N 215 
PHE CG  CD1  doub Y N 216 
PHE CG  CD2  sing Y N 217 
PHE CD1 CE1  sing Y N 218 
PHE CD1 HD1  sing N N 219 
PHE CD2 CE2  doub Y N 220 
PHE CD2 HD2  sing N N 221 
PHE CE1 CZ   doub Y N 222 
PHE CE1 HE1  sing N N 223 
PHE CE2 CZ   sing Y N 224 
PHE CE2 HE2  sing N N 225 
PHE CZ  HZ   sing N N 226 
PHE OXT HXT  sing N N 227 
PRO N   CA   sing N N 228 
PRO N   CD   sing N N 229 
PRO N   H    sing N N 230 
PRO CA  C    sing N N 231 
PRO CA  CB   sing N N 232 
PRO CA  HA   sing N N 233 
PRO C   O    doub N N 234 
PRO C   OXT  sing N N 235 
PRO CB  CG   sing N N 236 
PRO CB  HB2  sing N N 237 
PRO CB  HB3  sing N N 238 
PRO CG  CD   sing N N 239 
PRO CG  HG2  sing N N 240 
PRO CG  HG3  sing N N 241 
PRO CD  HD2  sing N N 242 
PRO CD  HD3  sing N N 243 
PRO OXT HXT  sing N N 244 
SER N   CA   sing N N 245 
SER N   H    sing N N 246 
SER N   H2   sing N N 247 
SER CA  C    sing N N 248 
SER CA  CB   sing N N 249 
SER CA  HA   sing N N 250 
SER C   O    doub N N 251 
SER C   OXT  sing N N 252 
SER CB  OG   sing N N 253 
SER CB  HB2  sing N N 254 
SER CB  HB3  sing N N 255 
SER OG  HG   sing N N 256 
SER OXT HXT  sing N N 257 
THR N   CA   sing N N 258 
THR N   H    sing N N 259 
THR N   H2   sing N N 260 
THR CA  C    sing N N 261 
THR CA  CB   sing N N 262 
THR CA  HA   sing N N 263 
THR C   O    doub N N 264 
THR C   OXT  sing N N 265 
THR CB  OG1  sing N N 266 
THR CB  CG2  sing N N 267 
THR CB  HB   sing N N 268 
THR OG1 HG1  sing N N 269 
THR CG2 HG21 sing N N 270 
THR CG2 HG22 sing N N 271 
THR CG2 HG23 sing N N 272 
THR OXT HXT  sing N N 273 
TYR N   CA   sing N N 274 
TYR N   H    sing N N 275 
TYR N   H2   sing N N 276 
TYR CA  C    sing N N 277 
TYR CA  CB   sing N N 278 
TYR CA  HA   sing N N 279 
TYR C   O    doub N N 280 
TYR C   OXT  sing N N 281 
TYR CB  CG   sing N N 282 
TYR CB  HB2  sing N N 283 
TYR CB  HB3  sing N N 284 
TYR CG  CD1  doub Y N 285 
TYR CG  CD2  sing Y N 286 
TYR CD1 CE1  sing Y N 287 
TYR CD1 HD1  sing N N 288 
TYR CD2 CE2  doub Y N 289 
TYR CD2 HD2  sing N N 290 
TYR CE1 CZ   doub Y N 291 
TYR CE1 HE1  sing N N 292 
TYR CE2 CZ   sing Y N 293 
TYR CE2 HE2  sing N N 294 
TYR CZ  OH   sing N N 295 
TYR OH  HH   sing N N 296 
TYR OXT HXT  sing N N 297 
VAL N   CA   sing N N 298 
VAL N   H    sing N N 299 
VAL N   H2   sing N N 300 
VAL CA  C    sing N N 301 
VAL CA  CB   sing N N 302 
VAL CA  HA   sing N N 303 
VAL C   O    doub N N 304 
VAL C   OXT  sing N N 305 
VAL CB  CG1  sing N N 306 
VAL CB  CG2  sing N N 307 
VAL CB  HB   sing N N 308 
VAL CG1 HG11 sing N N 309 
VAL CG1 HG12 sing N N 310 
VAL CG1 HG13 sing N N 311 
VAL CG2 HG21 sing N N 312 
VAL CG2 HG22 sing N N 313 
VAL CG2 HG23 sing N N 314 
VAL OXT HXT  sing N N 315 
# 
_pdbx_entity_nonpoly.entity_id   3 
_pdbx_entity_nonpoly.name        water 
_pdbx_entity_nonpoly.comp_id     HOH 
# 
_pdbx_initial_refinement_model.id               1 
_pdbx_initial_refinement_model.entity_id_list   ? 
_pdbx_initial_refinement_model.type             'experimental model' 
_pdbx_initial_refinement_model.source_name      PDB 
_pdbx_initial_refinement_model.accession_code   1BE9 
_pdbx_initial_refinement_model.details          'PDB ENTRY 1BE9' 
# 
